data_2INB
# 
_entry.id   2INB 
# 
_audit_conform.dict_name       mmcif_pdbx.dic 
_audit_conform.dict_version    5.397 
_audit_conform.dict_location   http://mmcif.pdb.org/dictionaries/ascii/mmcif_pdbx.dic 
# 
loop_
_database_2.database_id 
_database_2.database_code 
_database_2.pdbx_database_accession 
_database_2.pdbx_DOI 
PDB   2INB         pdb_00002inb 10.2210/pdb2inb/pdb 
RCSB  RCSB039779   ?            ?                   
WWPDB D_1000039779 ?            ?                   
# 
loop_
_pdbx_audit_revision_history.ordinal 
_pdbx_audit_revision_history.data_content_type 
_pdbx_audit_revision_history.major_revision 
_pdbx_audit_revision_history.minor_revision 
_pdbx_audit_revision_history.revision_date 
1 'Structure model' 1 0 2006-10-24 
2 'Structure model' 1 1 2008-05-01 
3 'Structure model' 1 2 2011-07-13 
4 'Structure model' 1 3 2014-09-10 
5 'Structure model' 1 4 2014-09-24 
6 'Structure model' 1 5 2017-10-18 
7 'Structure model' 1 6 2017-10-25 
8 'Structure model' 1 7 2023-01-25 
9 'Structure model' 1 8 2024-10-30 
# 
_pdbx_audit_revision_details.ordinal             1 
_pdbx_audit_revision_details.revision_ordinal    1 
_pdbx_audit_revision_details.data_content_type   'Structure model' 
_pdbx_audit_revision_details.provider            repository 
_pdbx_audit_revision_details.type                'Initial release' 
_pdbx_audit_revision_details.description         ? 
_pdbx_audit_revision_details.details             ? 
# 
loop_
_pdbx_audit_revision_group.ordinal 
_pdbx_audit_revision_group.revision_ordinal 
_pdbx_audit_revision_group.data_content_type 
_pdbx_audit_revision_group.group 
1  2 'Structure model' 'Version format compliance'  
2  3 'Structure model' Advisory                     
3  3 'Structure model' 'Source and taxonomy'        
4  3 'Structure model' 'Version format compliance'  
5  4 'Structure model' 'Database references'        
6  5 'Structure model' 'Database references'        
7  6 'Structure model' Advisory                     
8  6 'Structure model' 'Refinement description'     
9  7 'Structure model' 'Author supporting evidence' 
10 8 'Structure model' Advisory                     
11 8 'Structure model' 'Database references'        
12 8 'Structure model' 'Derived calculations'       
13 9 'Structure model' 'Data collection'            
14 9 'Structure model' 'Structure summary'          
# 
loop_
_pdbx_audit_revision_category.ordinal 
_pdbx_audit_revision_category.revision_ordinal 
_pdbx_audit_revision_category.data_content_type 
_pdbx_audit_revision_category.category 
1  6 'Structure model' pdbx_unobs_or_zero_occ_atoms       
2  6 'Structure model' software                           
3  7 'Structure model' pdbx_struct_assembly_auth_evidence 
4  8 'Structure model' database_2                         
5  8 'Structure model' pdbx_unobs_or_zero_occ_atoms       
6  8 'Structure model' struct_conn                        
7  8 'Structure model' struct_ref_seq_dif                 
8  8 'Structure model' struct_site                        
9  9 'Structure model' chem_comp_atom                     
10 9 'Structure model' chem_comp_bond                     
11 9 'Structure model' pdbx_entry_details                 
12 9 'Structure model' pdbx_modification_feature          
# 
loop_
_pdbx_audit_revision_item.ordinal 
_pdbx_audit_revision_item.revision_ordinal 
_pdbx_audit_revision_item.data_content_type 
_pdbx_audit_revision_item.item 
1 6 'Structure model' '_software.classification'            
2 6 'Structure model' '_software.name'                      
3 8 'Structure model' '_database_2.pdbx_DOI'                
4 8 'Structure model' '_database_2.pdbx_database_accession' 
5 8 'Structure model' '_struct_conn.pdbx_leaving_atom_flag' 
6 8 'Structure model' '_struct_ref_seq_dif.details'         
7 8 'Structure model' '_struct_site.pdbx_auth_asym_id'      
8 8 'Structure model' '_struct_site.pdbx_auth_comp_id'      
9 8 'Structure model' '_struct_site.pdbx_auth_seq_id'       
# 
_pdbx_database_status.SG_entry                        Y 
_pdbx_database_status.entry_id                        2INB 
_pdbx_database_status.deposit_site                    RCSB 
_pdbx_database_status.process_site                    RCSB 
_pdbx_database_status.recvd_initial_deposition_date   2006-10-06 
_pdbx_database_status.status_code                     REL 
_pdbx_database_status.status_code_sf                  REL 
_pdbx_database_status.status_code_mr                  ? 
_pdbx_database_status.status_code_cs                  ? 
_pdbx_database_status.pdb_format_compatible           Y 
_pdbx_database_status.methods_development_category    ? 
_pdbx_database_status.status_code_nmr_data            ? 
# 
_pdbx_database_related.db_name        TargetDB 
_pdbx_database_related.db_id          368168 
_pdbx_database_related.details        . 
_pdbx_database_related.content_type   unspecified 
# 
_audit_author.name           'Joint Center for Structural Genomics (JCSG)' 
_audit_author.pdbx_ordinal   1 
# 
_citation.id                        primary 
_citation.title                     
'Site-specific recombination of nitrogen-fixation genes in cyanobacteria by XisF-XisH-XisI complex: Structures and models.' 
_citation.journal_abbrev            Proteins 
_citation.journal_volume            ? 
_citation.page_first                ? 
_citation.page_last                 ? 
_citation.year                      2014 
_citation.journal_id_ASTM           PSFGEY 
_citation.country                   US 
_citation.journal_id_ISSN           1097-0134 
_citation.journal_id_CSD            0867 
_citation.book_publisher            ? 
_citation.pdbx_database_id_PubMed   25179344 
_citation.pdbx_database_id_DOI      10.1002/prot.24679 
# 
loop_
_citation_author.citation_id 
_citation_author.name 
_citation_author.ordinal 
_citation_author.identifier_ORCID 
primary 'Hwang, W.C.'  1 ? 
primary 'Golden, J.W.' 2 ? 
primary 'Pascual, J.'  3 ? 
primary 'Xu, D.'       4 ? 
primary 'Cheltsov, A.' 5 ? 
primary 'Godzik, A.'   6 ? 
# 
loop_
_entity.id 
_entity.type 
_entity.src_method 
_entity.pdbx_description 
_entity.formula_weight 
_entity.pdbx_number_of_molecules 
_entity.pdbx_ec 
_entity.pdbx_mutation 
_entity.pdbx_fragment 
_entity.details 
1 polymer     man 'hypothetical protein' 16120.028 1   ? ? ? ? 
2 non-polymer syn 'CHLORIDE ION'         35.453    1   ? ? ? ? 
3 non-polymer syn GLYCEROL               92.094    2   ? ? ? ? 
4 water       nat water                  18.015    136 ? ? ? ? 
# 
_entity_poly.entity_id                      1 
_entity_poly.type                           'polypeptide(L)' 
_entity_poly.nstd_linkage                   no 
_entity_poly.nstd_monomer                   yes 
_entity_poly.pdbx_seq_one_letter_code       
;G(MSE)SAKDVFHQVVKIALEKDGWQITNDPLTISVGGVNLSIDLGAEKLIAAEREGEKIAVEVKSFLERSSAISEFHTA
LGQFINYRGALRRRQPERVLYLAVPLTTYKTFFQLDFPKE(MSE)IAENQVK(MSE)LIYDVEQEVIFQWIN
;
_entity_poly.pdbx_seq_one_letter_code_can   
;GMSAKDVFHQVVKIALEKDGWQITNDPLTISVGGVNLSIDLGAEKLIAAEREGEKIAVEVKSFLERSSAISEFHTALGQF
INYRGALRRRQPERVLYLAVPLTTYKTFFQLDFPKEMIAENQVKMLIYDVEQEVIFQWIN
;
_entity_poly.pdbx_strand_id                 A 
_entity_poly.pdbx_target_identifier         368168 
# 
loop_
_pdbx_entity_nonpoly.entity_id 
_pdbx_entity_nonpoly.name 
_pdbx_entity_nonpoly.comp_id 
2 'CHLORIDE ION' CL  
3 GLYCEROL       GOL 
4 water          HOH 
# 
loop_
_entity_poly_seq.entity_id 
_entity_poly_seq.num 
_entity_poly_seq.mon_id 
_entity_poly_seq.hetero 
1 1   GLY n 
1 2   MSE n 
1 3   SER n 
1 4   ALA n 
1 5   LYS n 
1 6   ASP n 
1 7   VAL n 
1 8   PHE n 
1 9   HIS n 
1 10  GLN n 
1 11  VAL n 
1 12  VAL n 
1 13  LYS n 
1 14  ILE n 
1 15  ALA n 
1 16  LEU n 
1 17  GLU n 
1 18  LYS n 
1 19  ASP n 
1 20  GLY n 
1 21  TRP n 
1 22  GLN n 
1 23  ILE n 
1 24  THR n 
1 25  ASN n 
1 26  ASP n 
1 27  PRO n 
1 28  LEU n 
1 29  THR n 
1 30  ILE n 
1 31  SER n 
1 32  VAL n 
1 33  GLY n 
1 34  GLY n 
1 35  VAL n 
1 36  ASN n 
1 37  LEU n 
1 38  SER n 
1 39  ILE n 
1 40  ASP n 
1 41  LEU n 
1 42  GLY n 
1 43  ALA n 
1 44  GLU n 
1 45  LYS n 
1 46  LEU n 
1 47  ILE n 
1 48  ALA n 
1 49  ALA n 
1 50  GLU n 
1 51  ARG n 
1 52  GLU n 
1 53  GLY n 
1 54  GLU n 
1 55  LYS n 
1 56  ILE n 
1 57  ALA n 
1 58  VAL n 
1 59  GLU n 
1 60  VAL n 
1 61  LYS n 
1 62  SER n 
1 63  PHE n 
1 64  LEU n 
1 65  GLU n 
1 66  ARG n 
1 67  SER n 
1 68  SER n 
1 69  ALA n 
1 70  ILE n 
1 71  SER n 
1 72  GLU n 
1 73  PHE n 
1 74  HIS n 
1 75  THR n 
1 76  ALA n 
1 77  LEU n 
1 78  GLY n 
1 79  GLN n 
1 80  PHE n 
1 81  ILE n 
1 82  ASN n 
1 83  TYR n 
1 84  ARG n 
1 85  GLY n 
1 86  ALA n 
1 87  LEU n 
1 88  ARG n 
1 89  ARG n 
1 90  ARG n 
1 91  GLN n 
1 92  PRO n 
1 93  GLU n 
1 94  ARG n 
1 95  VAL n 
1 96  LEU n 
1 97  TYR n 
1 98  LEU n 
1 99  ALA n 
1 100 VAL n 
1 101 PRO n 
1 102 LEU n 
1 103 THR n 
1 104 THR n 
1 105 TYR n 
1 106 LYS n 
1 107 THR n 
1 108 PHE n 
1 109 PHE n 
1 110 GLN n 
1 111 LEU n 
1 112 ASP n 
1 113 PHE n 
1 114 PRO n 
1 115 LYS n 
1 116 GLU n 
1 117 MSE n 
1 118 ILE n 
1 119 ALA n 
1 120 GLU n 
1 121 ASN n 
1 122 GLN n 
1 123 VAL n 
1 124 LYS n 
1 125 MSE n 
1 126 LEU n 
1 127 ILE n 
1 128 TYR n 
1 129 ASP n 
1 130 VAL n 
1 131 GLU n 
1 132 GLN n 
1 133 GLU n 
1 134 VAL n 
1 135 ILE n 
1 136 PHE n 
1 137 GLN n 
1 138 TRP n 
1 139 ILE n 
1 140 ASN n 
# 
_entity_src_gen.entity_id                          1 
_entity_src_gen.pdbx_src_id                        1 
_entity_src_gen.pdbx_alt_source_flag               sample 
_entity_src_gen.pdbx_seq_type                      ? 
_entity_src_gen.pdbx_beg_seq_num                   ? 
_entity_src_gen.pdbx_end_seq_num                   ? 
_entity_src_gen.gene_src_common_name               ? 
_entity_src_gen.gene_src_genus                     Nostoc 
_entity_src_gen.pdbx_gene_src_gene                 ZP_00107633.1 
_entity_src_gen.gene_src_species                   'Nostoc punctiforme' 
_entity_src_gen.gene_src_strain                    'PCC 73102' 
_entity_src_gen.gene_src_tissue                    ? 
_entity_src_gen.gene_src_tissue_fraction           ? 
_entity_src_gen.gene_src_details                   ? 
_entity_src_gen.pdbx_gene_src_fragment             ? 
_entity_src_gen.pdbx_gene_src_scientific_name      'Nostoc punctiforme' 
_entity_src_gen.pdbx_gene_src_ncbi_taxonomy_id     63737 
_entity_src_gen.pdbx_gene_src_variant              ? 
_entity_src_gen.pdbx_gene_src_cell_line            ? 
_entity_src_gen.pdbx_gene_src_atcc                 ? 
_entity_src_gen.pdbx_gene_src_organ                ? 
_entity_src_gen.pdbx_gene_src_organelle            ? 
_entity_src_gen.pdbx_gene_src_cell                 ? 
_entity_src_gen.pdbx_gene_src_cellular_location    ? 
_entity_src_gen.host_org_common_name               ? 
_entity_src_gen.pdbx_host_org_scientific_name      'Escherichia coli' 
_entity_src_gen.pdbx_host_org_ncbi_taxonomy_id     562 
_entity_src_gen.host_org_genus                     Escherichia 
_entity_src_gen.pdbx_host_org_gene                 ? 
_entity_src_gen.pdbx_host_org_organ                ? 
_entity_src_gen.host_org_species                   ? 
_entity_src_gen.pdbx_host_org_tissue               ? 
_entity_src_gen.pdbx_host_org_tissue_fraction      ? 
_entity_src_gen.pdbx_host_org_strain               ? 
_entity_src_gen.pdbx_host_org_variant              ? 
_entity_src_gen.pdbx_host_org_cell_line            ? 
_entity_src_gen.pdbx_host_org_atcc                 ? 
_entity_src_gen.pdbx_host_org_culture_collection   ? 
_entity_src_gen.pdbx_host_org_cell                 ? 
_entity_src_gen.pdbx_host_org_organelle            ? 
_entity_src_gen.pdbx_host_org_cellular_location    ? 
_entity_src_gen.pdbx_host_org_vector_type          Plasmid 
_entity_src_gen.pdbx_host_org_vector               ? 
_entity_src_gen.host_org_details                   ? 
_entity_src_gen.expression_system_id               ? 
_entity_src_gen.plasmid_name                       ? 
_entity_src_gen.plasmid_details                    ? 
_entity_src_gen.pdbx_description                   ? 
# 
loop_
_chem_comp.id 
_chem_comp.type 
_chem_comp.mon_nstd_flag 
_chem_comp.name 
_chem_comp.pdbx_synonyms 
_chem_comp.formula 
_chem_comp.formula_weight 
ALA 'L-peptide linking' y ALANINE          ?                               'C3 H7 N O2'     89.093  
ARG 'L-peptide linking' y ARGININE         ?                               'C6 H15 N4 O2 1' 175.209 
ASN 'L-peptide linking' y ASPARAGINE       ?                               'C4 H8 N2 O3'    132.118 
ASP 'L-peptide linking' y 'ASPARTIC ACID'  ?                               'C4 H7 N O4'     133.103 
CL  non-polymer         . 'CHLORIDE ION'   ?                               'Cl -1'          35.453  
GLN 'L-peptide linking' y GLUTAMINE        ?                               'C5 H10 N2 O3'   146.144 
GLU 'L-peptide linking' y 'GLUTAMIC ACID'  ?                               'C5 H9 N O4'     147.129 
GLY 'peptide linking'   y GLYCINE          ?                               'C2 H5 N O2'     75.067  
GOL non-polymer         . GLYCEROL         'GLYCERIN; PROPANE-1,2,3-TRIOL' 'C3 H8 O3'       92.094  
HIS 'L-peptide linking' y HISTIDINE        ?                               'C6 H10 N3 O2 1' 156.162 
HOH non-polymer         . WATER            ?                               'H2 O'           18.015  
ILE 'L-peptide linking' y ISOLEUCINE       ?                               'C6 H13 N O2'    131.173 
LEU 'L-peptide linking' y LEUCINE          ?                               'C6 H13 N O2'    131.173 
LYS 'L-peptide linking' y LYSINE           ?                               'C6 H15 N2 O2 1' 147.195 
MSE 'L-peptide linking' n SELENOMETHIONINE ?                               'C5 H11 N O2 Se' 196.106 
PHE 'L-peptide linking' y PHENYLALANINE    ?                               'C9 H11 N O2'    165.189 
PRO 'L-peptide linking' y PROLINE          ?                               'C5 H9 N O2'     115.130 
SER 'L-peptide linking' y SERINE           ?                               'C3 H7 N O3'     105.093 
THR 'L-peptide linking' y THREONINE        ?                               'C4 H9 N O3'     119.119 
TRP 'L-peptide linking' y TRYPTOPHAN       ?                               'C11 H12 N2 O2'  204.225 
TYR 'L-peptide linking' y TYROSINE         ?                               'C9 H11 N O3'    181.189 
VAL 'L-peptide linking' y VALINE           ?                               'C5 H11 N O2'    117.146 
# 
loop_
_pdbx_poly_seq_scheme.asym_id 
_pdbx_poly_seq_scheme.entity_id 
_pdbx_poly_seq_scheme.seq_id 
_pdbx_poly_seq_scheme.mon_id 
_pdbx_poly_seq_scheme.ndb_seq_num 
_pdbx_poly_seq_scheme.pdb_seq_num 
_pdbx_poly_seq_scheme.auth_seq_num 
_pdbx_poly_seq_scheme.pdb_mon_id 
_pdbx_poly_seq_scheme.auth_mon_id 
_pdbx_poly_seq_scheme.pdb_strand_id 
_pdbx_poly_seq_scheme.pdb_ins_code 
_pdbx_poly_seq_scheme.hetero 
A 1 1   GLY 1   0   ?   ?   ?   A . n 
A 1 2   MSE 2   1   ?   ?   ?   A . n 
A 1 3   SER 3   2   ?   ?   ?   A . n 
A 1 4   ALA 4   3   ?   ?   ?   A . n 
A 1 5   LYS 5   4   ?   ?   ?   A . n 
A 1 6   ASP 6   5   5   ASP ASP A . n 
A 1 7   VAL 7   6   6   VAL VAL A . n 
A 1 8   PHE 8   7   7   PHE PHE A . n 
A 1 9   HIS 9   8   8   HIS HIS A . n 
A 1 10  GLN 10  9   9   GLN GLN A . n 
A 1 11  VAL 11  10  10  VAL VAL A . n 
A 1 12  VAL 12  11  11  VAL VAL A . n 
A 1 13  LYS 13  12  12  LYS LYS A . n 
A 1 14  ILE 14  13  13  ILE ILE A . n 
A 1 15  ALA 15  14  14  ALA ALA A . n 
A 1 16  LEU 16  15  15  LEU LEU A . n 
A 1 17  GLU 17  16  16  GLU GLU A . n 
A 1 18  LYS 18  17  17  LYS LYS A . n 
A 1 19  ASP 19  18  18  ASP ASP A . n 
A 1 20  GLY 20  19  19  GLY GLY A . n 
A 1 21  TRP 21  20  20  TRP TRP A . n 
A 1 22  GLN 22  21  21  GLN GLN A . n 
A 1 23  ILE 23  22  22  ILE ILE A . n 
A 1 24  THR 24  23  23  THR THR A . n 
A 1 25  ASN 25  24  24  ASN ASN A . n 
A 1 26  ASP 26  25  25  ASP ASP A . n 
A 1 27  PRO 27  26  26  PRO PRO A . n 
A 1 28  LEU 28  27  27  LEU LEU A . n 
A 1 29  THR 29  28  28  THR THR A . n 
A 1 30  ILE 30  29  29  ILE ILE A . n 
A 1 31  SER 31  30  30  SER SER A . n 
A 1 32  VAL 32  31  31  VAL VAL A . n 
A 1 33  GLY 33  32  32  GLY GLY A . n 
A 1 34  GLY 34  33  33  GLY GLY A . n 
A 1 35  VAL 35  34  34  VAL VAL A . n 
A 1 36  ASN 36  35  35  ASN ASN A . n 
A 1 37  LEU 37  36  36  LEU LEU A . n 
A 1 38  SER 38  37  ?   ?   ?   A . n 
A 1 39  ILE 39  38  ?   ?   ?   A . n 
A 1 40  ASP 40  39  ?   ?   ?   A . n 
A 1 41  LEU 41  40  ?   ?   ?   A . n 
A 1 42  GLY 42  41  ?   ?   ?   A . n 
A 1 43  ALA 43  42  ?   ?   ?   A . n 
A 1 44  GLU 44  43  ?   ?   ?   A . n 
A 1 45  LYS 45  44  44  LYS LYS A . n 
A 1 46  LEU 46  45  45  LEU LEU A . n 
A 1 47  ILE 47  46  46  ILE ILE A . n 
A 1 48  ALA 48  47  47  ALA ALA A . n 
A 1 49  ALA 49  48  48  ALA ALA A . n 
A 1 50  GLU 50  49  49  GLU GLU A . n 
A 1 51  ARG 51  50  50  ARG ARG A . n 
A 1 52  GLU 52  51  51  GLU GLU A . n 
A 1 53  GLY 53  52  52  GLY GLY A . n 
A 1 54  GLU 54  53  53  GLU GLU A . n 
A 1 55  LYS 55  54  54  LYS LYS A . n 
A 1 56  ILE 56  55  55  ILE ILE A . n 
A 1 57  ALA 57  56  56  ALA ALA A . n 
A 1 58  VAL 58  57  57  VAL VAL A . n 
A 1 59  GLU 59  58  58  GLU GLU A . n 
A 1 60  VAL 60  59  59  VAL VAL A . n 
A 1 61  LYS 61  60  60  LYS LYS A . n 
A 1 62  SER 62  61  61  SER SER A . n 
A 1 63  PHE 63  62  62  PHE PHE A . n 
A 1 64  LEU 64  63  63  LEU LEU A . n 
A 1 65  GLU 65  64  64  GLU GLU A . n 
A 1 66  ARG 66  65  65  ARG ARG A . n 
A 1 67  SER 67  66  66  SER SER A . n 
A 1 68  SER 68  67  67  SER SER A . n 
A 1 69  ALA 69  68  68  ALA ALA A . n 
A 1 70  ILE 70  69  69  ILE ILE A . n 
A 1 71  SER 71  70  70  SER SER A . n 
A 1 72  GLU 72  71  71  GLU GLU A . n 
A 1 73  PHE 73  72  72  PHE PHE A . n 
A 1 74  HIS 74  73  73  HIS HIS A . n 
A 1 75  THR 75  74  74  THR THR A . n 
A 1 76  ALA 76  75  75  ALA ALA A . n 
A 1 77  LEU 77  76  76  LEU LEU A . n 
A 1 78  GLY 78  77  77  GLY GLY A . n 
A 1 79  GLN 79  78  78  GLN GLN A . n 
A 1 80  PHE 80  79  79  PHE PHE A . n 
A 1 81  ILE 81  80  80  ILE ILE A . n 
A 1 82  ASN 82  81  81  ASN ASN A . n 
A 1 83  TYR 83  82  82  TYR TYR A . n 
A 1 84  ARG 84  83  83  ARG ARG A . n 
A 1 85  GLY 85  84  84  GLY GLY A . n 
A 1 86  ALA 86  85  85  ALA ALA A . n 
A 1 87  LEU 87  86  86  LEU LEU A . n 
A 1 88  ARG 88  87  87  ARG ARG A . n 
A 1 89  ARG 89  88  88  ARG ARG A . n 
A 1 90  ARG 90  89  89  ARG ARG A . n 
A 1 91  GLN 91  90  90  GLN GLN A . n 
A 1 92  PRO 92  91  91  PRO PRO A . n 
A 1 93  GLU 93  92  92  GLU GLU A . n 
A 1 94  ARG 94  93  93  ARG ARG A . n 
A 1 95  VAL 95  94  94  VAL VAL A . n 
A 1 96  LEU 96  95  95  LEU LEU A . n 
A 1 97  TYR 97  96  96  TYR TYR A . n 
A 1 98  LEU 98  97  97  LEU LEU A . n 
A 1 99  ALA 99  98  98  ALA ALA A . n 
A 1 100 VAL 100 99  99  VAL VAL A . n 
A 1 101 PRO 101 100 100 PRO PRO A . n 
A 1 102 LEU 102 101 101 LEU LEU A . n 
A 1 103 THR 103 102 102 THR THR A . n 
A 1 104 THR 104 103 103 THR THR A . n 
A 1 105 TYR 105 104 104 TYR TYR A . n 
A 1 106 LYS 106 105 105 LYS LYS A . n 
A 1 107 THR 107 106 106 THR THR A . n 
A 1 108 PHE 108 107 107 PHE PHE A . n 
A 1 109 PHE 109 108 108 PHE PHE A . n 
A 1 110 GLN 110 109 109 GLN GLN A . n 
A 1 111 LEU 111 110 110 LEU LEU A . n 
A 1 112 ASP 112 111 111 ASP ASP A . n 
A 1 113 PHE 113 112 112 PHE PHE A . n 
A 1 114 PRO 114 113 113 PRO PRO A . n 
A 1 115 LYS 115 114 114 LYS LYS A . n 
A 1 116 GLU 116 115 115 GLU GLU A . n 
A 1 117 MSE 117 116 116 MSE MSE A . n 
A 1 118 ILE 118 117 117 ILE ILE A . n 
A 1 119 ALA 119 118 118 ALA ALA A . n 
A 1 120 GLU 120 119 119 GLU GLU A . n 
A 1 121 ASN 121 120 120 ASN ASN A . n 
A 1 122 GLN 122 121 121 GLN GLN A . n 
A 1 123 VAL 123 122 122 VAL VAL A . n 
A 1 124 LYS 124 123 123 LYS LYS A . n 
A 1 125 MSE 125 124 124 MSE MSE A . n 
A 1 126 LEU 126 125 125 LEU LEU A . n 
A 1 127 ILE 127 126 126 ILE ILE A . n 
A 1 128 TYR 128 127 127 TYR TYR A . n 
A 1 129 ASP 129 128 128 ASP ASP A . n 
A 1 130 VAL 130 129 129 VAL VAL A . n 
A 1 131 GLU 131 130 130 GLU GLU A . n 
A 1 132 GLN 132 131 131 GLN GLN A . n 
A 1 133 GLU 133 132 132 GLU GLU A . n 
A 1 134 VAL 134 133 133 VAL VAL A . n 
A 1 135 ILE 135 134 134 ILE ILE A . n 
A 1 136 PHE 136 135 135 PHE PHE A . n 
A 1 137 GLN 137 136 136 GLN GLN A . n 
A 1 138 TRP 138 137 137 TRP TRP A . n 
A 1 139 ILE 139 138 138 ILE ILE A . n 
A 1 140 ASN 140 139 139 ASN ASN A . n 
# 
loop_
_pdbx_nonpoly_scheme.asym_id 
_pdbx_nonpoly_scheme.entity_id 
_pdbx_nonpoly_scheme.mon_id 
_pdbx_nonpoly_scheme.ndb_seq_num 
_pdbx_nonpoly_scheme.pdb_seq_num 
_pdbx_nonpoly_scheme.auth_seq_num 
_pdbx_nonpoly_scheme.pdb_mon_id 
_pdbx_nonpoly_scheme.auth_mon_id 
_pdbx_nonpoly_scheme.pdb_strand_id 
_pdbx_nonpoly_scheme.pdb_ins_code 
B 2 CL  1   140 1   CL  CL  A . 
C 3 GOL 1   141 2   GOL GOL A . 
D 3 GOL 1   142 3   GOL GOL A . 
E 4 HOH 1   143 4   HOH HOH A . 
E 4 HOH 2   144 5   HOH HOH A . 
E 4 HOH 3   145 6   HOH HOH A . 
E 4 HOH 4   146 7   HOH HOH A . 
E 4 HOH 5   147 8   HOH HOH A . 
E 4 HOH 6   148 9   HOH HOH A . 
E 4 HOH 7   149 10  HOH HOH A . 
E 4 HOH 8   150 11  HOH HOH A . 
E 4 HOH 9   151 12  HOH HOH A . 
E 4 HOH 10  152 13  HOH HOH A . 
E 4 HOH 11  153 14  HOH HOH A . 
E 4 HOH 12  154 15  HOH HOH A . 
E 4 HOH 13  155 16  HOH HOH A . 
E 4 HOH 14  156 17  HOH HOH A . 
E 4 HOH 15  157 18  HOH HOH A . 
E 4 HOH 16  158 19  HOH HOH A . 
E 4 HOH 17  159 20  HOH HOH A . 
E 4 HOH 18  160 21  HOH HOH A . 
E 4 HOH 19  161 22  HOH HOH A . 
E 4 HOH 20  162 23  HOH HOH A . 
E 4 HOH 21  163 24  HOH HOH A . 
E 4 HOH 22  164 25  HOH HOH A . 
E 4 HOH 23  165 26  HOH HOH A . 
E 4 HOH 24  166 27  HOH HOH A . 
E 4 HOH 25  167 28  HOH HOH A . 
E 4 HOH 26  168 29  HOH HOH A . 
E 4 HOH 27  169 30  HOH HOH A . 
E 4 HOH 28  170 31  HOH HOH A . 
E 4 HOH 29  171 32  HOH HOH A . 
E 4 HOH 30  172 33  HOH HOH A . 
E 4 HOH 31  173 34  HOH HOH A . 
E 4 HOH 32  174 35  HOH HOH A . 
E 4 HOH 33  175 36  HOH HOH A . 
E 4 HOH 34  176 37  HOH HOH A . 
E 4 HOH 35  177 38  HOH HOH A . 
E 4 HOH 36  178 39  HOH HOH A . 
E 4 HOH 37  179 40  HOH HOH A . 
E 4 HOH 38  180 41  HOH HOH A . 
E 4 HOH 39  181 42  HOH HOH A . 
E 4 HOH 40  182 43  HOH HOH A . 
E 4 HOH 41  183 44  HOH HOH A . 
E 4 HOH 42  184 45  HOH HOH A . 
E 4 HOH 43  185 46  HOH HOH A . 
E 4 HOH 44  186 47  HOH HOH A . 
E 4 HOH 45  187 48  HOH HOH A . 
E 4 HOH 46  188 49  HOH HOH A . 
E 4 HOH 47  189 50  HOH HOH A . 
E 4 HOH 48  190 51  HOH HOH A . 
E 4 HOH 49  191 52  HOH HOH A . 
E 4 HOH 50  192 53  HOH HOH A . 
E 4 HOH 51  193 54  HOH HOH A . 
E 4 HOH 52  194 55  HOH HOH A . 
E 4 HOH 53  195 56  HOH HOH A . 
E 4 HOH 54  196 57  HOH HOH A . 
E 4 HOH 55  197 58  HOH HOH A . 
E 4 HOH 56  198 59  HOH HOH A . 
E 4 HOH 57  199 60  HOH HOH A . 
E 4 HOH 58  200 61  HOH HOH A . 
E 4 HOH 59  201 62  HOH HOH A . 
E 4 HOH 60  202 63  HOH HOH A . 
E 4 HOH 61  203 64  HOH HOH A . 
E 4 HOH 62  204 65  HOH HOH A . 
E 4 HOH 63  205 66  HOH HOH A . 
E 4 HOH 64  206 67  HOH HOH A . 
E 4 HOH 65  207 68  HOH HOH A . 
E 4 HOH 66  208 69  HOH HOH A . 
E 4 HOH 67  209 70  HOH HOH A . 
E 4 HOH 68  210 71  HOH HOH A . 
E 4 HOH 69  211 72  HOH HOH A . 
E 4 HOH 70  212 73  HOH HOH A . 
E 4 HOH 71  213 74  HOH HOH A . 
E 4 HOH 72  214 75  HOH HOH A . 
E 4 HOH 73  215 76  HOH HOH A . 
E 4 HOH 74  216 77  HOH HOH A . 
E 4 HOH 75  217 78  HOH HOH A . 
E 4 HOH 76  218 79  HOH HOH A . 
E 4 HOH 77  219 80  HOH HOH A . 
E 4 HOH 78  220 81  HOH HOH A . 
E 4 HOH 79  221 82  HOH HOH A . 
E 4 HOH 80  222 83  HOH HOH A . 
E 4 HOH 81  223 84  HOH HOH A . 
E 4 HOH 82  224 85  HOH HOH A . 
E 4 HOH 83  225 86  HOH HOH A . 
E 4 HOH 84  226 87  HOH HOH A . 
E 4 HOH 85  227 88  HOH HOH A . 
E 4 HOH 86  228 89  HOH HOH A . 
E 4 HOH 87  229 90  HOH HOH A . 
E 4 HOH 88  230 91  HOH HOH A . 
E 4 HOH 89  231 92  HOH HOH A . 
E 4 HOH 90  232 93  HOH HOH A . 
E 4 HOH 91  233 94  HOH HOH A . 
E 4 HOH 92  234 95  HOH HOH A . 
E 4 HOH 93  235 96  HOH HOH A . 
E 4 HOH 94  236 97  HOH HOH A . 
E 4 HOH 95  237 98  HOH HOH A . 
E 4 HOH 96  238 99  HOH HOH A . 
E 4 HOH 97  239 100 HOH HOH A . 
E 4 HOH 98  240 101 HOH HOH A . 
E 4 HOH 99  241 102 HOH HOH A . 
E 4 HOH 100 242 103 HOH HOH A . 
E 4 HOH 101 243 104 HOH HOH A . 
E 4 HOH 102 244 105 HOH HOH A . 
E 4 HOH 103 245 106 HOH HOH A . 
E 4 HOH 104 246 107 HOH HOH A . 
E 4 HOH 105 247 108 HOH HOH A . 
E 4 HOH 106 248 109 HOH HOH A . 
E 4 HOH 107 249 110 HOH HOH A . 
E 4 HOH 108 250 111 HOH HOH A . 
E 4 HOH 109 251 112 HOH HOH A . 
E 4 HOH 110 252 113 HOH HOH A . 
E 4 HOH 111 253 114 HOH HOH A . 
E 4 HOH 112 254 115 HOH HOH A . 
E 4 HOH 113 255 116 HOH HOH A . 
E 4 HOH 114 256 117 HOH HOH A . 
E 4 HOH 115 257 118 HOH HOH A . 
E 4 HOH 116 258 119 HOH HOH A . 
E 4 HOH 117 259 120 HOH HOH A . 
E 4 HOH 118 260 121 HOH HOH A . 
E 4 HOH 119 261 122 HOH HOH A . 
E 4 HOH 120 262 123 HOH HOH A . 
E 4 HOH 121 263 124 HOH HOH A . 
E 4 HOH 122 264 125 HOH HOH A . 
E 4 HOH 123 265 126 HOH HOH A . 
E 4 HOH 124 266 127 HOH HOH A . 
E 4 HOH 125 267 128 HOH HOH A . 
E 4 HOH 126 268 129 HOH HOH A . 
E 4 HOH 127 269 130 HOH HOH A . 
E 4 HOH 128 270 131 HOH HOH A . 
E 4 HOH 129 271 132 HOH HOH A . 
E 4 HOH 130 272 133 HOH HOH A . 
E 4 HOH 131 273 134 HOH HOH A . 
E 4 HOH 132 274 135 HOH HOH A . 
E 4 HOH 133 275 136 HOH HOH A . 
E 4 HOH 134 276 137 HOH HOH A . 
E 4 HOH 135 277 138 HOH HOH A . 
E 4 HOH 136 278 139 HOH HOH A . 
# 
loop_
_pdbx_unobs_or_zero_occ_atoms.id 
_pdbx_unobs_or_zero_occ_atoms.PDB_model_num 
_pdbx_unobs_or_zero_occ_atoms.polymer_flag 
_pdbx_unobs_or_zero_occ_atoms.occupancy_flag 
_pdbx_unobs_or_zero_occ_atoms.auth_asym_id 
_pdbx_unobs_or_zero_occ_atoms.auth_comp_id 
_pdbx_unobs_or_zero_occ_atoms.auth_seq_id 
_pdbx_unobs_or_zero_occ_atoms.PDB_ins_code 
_pdbx_unobs_or_zero_occ_atoms.auth_atom_id 
_pdbx_unobs_or_zero_occ_atoms.label_alt_id 
_pdbx_unobs_or_zero_occ_atoms.label_asym_id 
_pdbx_unobs_or_zero_occ_atoms.label_comp_id 
_pdbx_unobs_or_zero_occ_atoms.label_seq_id 
_pdbx_unobs_or_zero_occ_atoms.label_atom_id 
1  1 Y 1 A ASP 5   ? CG  ? A ASP 6   CG  
2  1 Y 1 A ASP 5   ? OD1 ? A ASP 6   OD1 
3  1 Y 1 A ASP 5   ? OD2 ? A ASP 6   OD2 
4  1 Y 1 A LYS 12  ? NZ  ? A LYS 13  NZ  
5  1 Y 0 A LEU 36  ? N   B A LEU 37  N   
6  1 Y 0 A LEU 36  ? CA  B A LEU 37  CA  
7  1 Y 0 A LEU 36  ? C   B A LEU 37  C   
8  1 Y 0 A LEU 36  ? O   B A LEU 37  O   
9  1 Y 0 A LEU 36  ? CB  B A LEU 37  CB  
10 1 Y 0 A LEU 36  ? CG  B A LEU 37  CG  
11 1 Y 0 A LEU 36  ? CD1 B A LEU 37  CD1 
12 1 Y 0 A LEU 36  ? CD2 B A LEU 37  CD2 
13 1 Y 1 A LYS 44  ? CE  ? A LYS 45  CE  
14 1 Y 1 A LYS 44  ? NZ  ? A LYS 45  NZ  
15 1 Y 1 A LYS 54  ? NZ  ? A LYS 55  NZ  
16 1 Y 1 A LEU 63  ? CD1 ? A LEU 64  CD1 
17 1 Y 1 A LEU 63  ? CD2 ? A LEU 64  CD2 
18 1 Y 1 A ARG 65  ? NE  ? A ARG 66  NE  
19 1 Y 1 A ARG 65  ? CZ  ? A ARG 66  CZ  
20 1 Y 1 A ARG 65  ? NH1 ? A ARG 66  NH1 
21 1 Y 1 A ARG 65  ? NH2 ? A ARG 66  NH2 
22 1 Y 1 A LYS 105 ? NZ  ? A LYS 106 NZ  
23 1 Y 1 A LYS 114 ? NZ  ? A LYS 115 NZ  
24 1 Y 0 A GLU 132 ? N   A A GLU 133 N   
25 1 Y 0 A GLU 132 ? CA  A A GLU 133 CA  
26 1 Y 0 A GLU 132 ? C   A A GLU 133 C   
27 1 Y 0 A GLU 132 ? O   A A GLU 133 O   
28 1 Y 0 A GLU 132 ? CB  A A GLU 133 CB  
29 1 Y 0 A GLU 132 ? CG  A A GLU 133 CG  
30 1 Y 0 A GLU 132 ? CD  A A GLU 133 CD  
31 1 Y 0 A GLU 132 ? OE1 A A GLU 133 OE1 
32 1 Y 0 A GLU 132 ? OE2 A A GLU 133 OE2 
# 
loop_
_software.name 
_software.version 
_software.date 
_software.type 
_software.contact_author 
_software.contact_author_email 
_software.classification 
_software.location 
_software.language 
_software.citation_id 
_software.pdbx_ordinal 
MolProbity  3beta29   ?                package 'D.C. & J.S. Richardson lab' molprobity@kinemage.biochem.duke.edu 'model building'  
http://kinemage.biochem.duke.edu/molprobity/ ?          ? 1 
REFMAC      5.2.0019  ?                program 'Murshudov, G.N.'            ccp4@dl.ac.uk                        refinement        
http://www.ccp4.ac.uk/main.html              Fortran_77 ? 2 
SCALA       .         ?                other   'Phil Evans'                 pre@mrc-lmb.cam.ac.uk                'data scaling'    
http://www.ccp4.ac.uk/dist/html/INDEX.html   Fortran_77 ? 3 
PDB_EXTRACT 2.000     'April. 3, 2006' package PDB                          sw-help@rcsb.rutgers.edu             'data extraction' 
http://pdb.rutgers.edu/software/             C++        ? 4 
MOSFLM      .         ?                ?       ?                            ?                                    'data reduction'  
?                                            ?          ? 5 
CCP4        '(SCALA)' ?                ?       ?                            ?                                    'data scaling'    
?                                            ?          ? 6 
SOLVE       .         ?                ?       ?                            ?                                    phasing           
?                                            ?          ? 7 
RESOLVE     .         ?                ?       ?                            ?                                    phasing           
?                                            ?          ? 8 
# 
_cell.entry_id           2INB 
_cell.length_a           59.554 
_cell.length_b           59.554 
_cell.length_c           71.563 
_cell.angle_alpha        90.000 
_cell.angle_beta         90.000 
_cell.angle_gamma        120.000 
_cell.pdbx_unique_axis   ? 
_cell.Z_PDB              6 
_cell.length_a_esd       ? 
_cell.length_b_esd       ? 
_cell.length_c_esd       ? 
_cell.angle_alpha_esd    ? 
_cell.angle_beta_esd     ? 
_cell.angle_gamma_esd    ? 
# 
_symmetry.entry_id                         2INB 
_symmetry.Int_Tables_number                152 
_symmetry.space_group_name_H-M             'P 31 2 1' 
_symmetry.pdbx_full_space_group_name_H-M   ? 
_symmetry.cell_setting                     ? 
_symmetry.space_group_name_Hall            ? 
# 
_exptl.crystals_number   1 
_exptl.method            'X-RAY DIFFRACTION' 
_exptl.entry_id          2INB 
# 
_exptl_crystal.id                    1 
_exptl_crystal.density_percent_sol   45.86 
_exptl_crystal.density_Matthews      2.27 
_exptl_crystal.description           ? 
_exptl_crystal.density_meas          ? 
_exptl_crystal.F_000                 ? 
_exptl_crystal.preparation           ? 
# 
_exptl_crystal_grow.crystal_id      1 
_exptl_crystal_grow.method          'VAPOR DIFFUSION, SITTING DROP, NANODROP' 
_exptl_crystal_grow.pH              4.2 
_exptl_crystal_grow.temp            277 
_exptl_crystal_grow.pdbx_details    
;0.2M (NH4)2SO4, 10.0% Glycerol, 20.0% PEG-300, 0.1M Phosphate Citrate, pH 4.2, VAPOR DIFFUSION, SITTING DROP, NANODROP, temperature 277K
;
_exptl_crystal_grow.temp_details    ? 
_exptl_crystal_grow.pdbx_pH_range   . 
# 
_diffrn.id                     1 
_diffrn.ambient_temp           100 
_diffrn.ambient_temp_details   ? 
_diffrn.crystal_id             1 
# 
_diffrn_detector.diffrn_id              1 
_diffrn_detector.detector               CCD 
_diffrn_detector.type                   'ADSC QUANTUM 315' 
_diffrn_detector.details                ? 
_diffrn_detector.pdbx_collection_date   2006-08-30 
# 
_diffrn_radiation.diffrn_id                        1 
_diffrn_radiation.pdbx_monochromatic_or_laue_m_l   M 
_diffrn_radiation.monochromator                    'Double Crystal Si(111)' 
_diffrn_radiation.pdbx_diffrn_protocol             MAD 
_diffrn_radiation.wavelength_id                    1 
_diffrn_radiation.pdbx_scattering_type             x-ray 
# 
loop_
_diffrn_radiation_wavelength.id 
_diffrn_radiation_wavelength.wavelength 
_diffrn_radiation_wavelength.wt 
1 0.9740 1.0 
2 0.9798 1.0 
3 0.9799 1.0 
# 
_diffrn_source.diffrn_id                   1 
_diffrn_source.source                      SYNCHROTRON 
_diffrn_source.pdbx_synchrotron_beamline   8.2.2 
_diffrn_source.type                        'ALS BEAMLINE 8.2.2' 
_diffrn_source.pdbx_wavelength_list        '0.9740, 0.9798, 0.9799' 
_diffrn_source.pdbx_wavelength             ? 
_diffrn_source.pdbx_synchrotron_site       ALS 
# 
_reflns.entry_id                     2INB 
_reflns.d_resolution_high            1.600 
_reflns.d_resolution_low             29.775 
_reflns.number_obs                   19879 
_reflns.pdbx_Rmerge_I_obs            0.071 
_reflns.pdbx_netI_over_sigmaI        7.000 
_reflns.pdbx_Rsym_value              0.071 
_reflns.pdbx_redundancy              5.100 
_reflns.percent_possible_obs         100.000 
_reflns.observed_criterion_sigma_F   ? 
_reflns.observed_criterion_sigma_I   ? 
_reflns.number_all                   ? 
_reflns.B_iso_Wilson_estimate        ? 
_reflns.R_free_details               ? 
_reflns.limit_h_max                  ? 
_reflns.limit_h_min                  ? 
_reflns.limit_k_max                  ? 
_reflns.limit_k_min                  ? 
_reflns.limit_l_max                  ? 
_reflns.limit_l_min                  ? 
_reflns.observed_criterion_F_max     ? 
_reflns.observed_criterion_F_min     ? 
_reflns.pdbx_chi_squared             ? 
_reflns.pdbx_scaling_rejects         ? 
_reflns.pdbx_ordinal                 1 
_reflns.pdbx_diffrn_id               1 
# 
loop_
_reflns_shell.d_res_high 
_reflns_shell.d_res_low 
_reflns_shell.number_measured_obs 
_reflns_shell.number_measured_all 
_reflns_shell.number_unique_obs 
_reflns_shell.Rmerge_I_obs 
_reflns_shell.meanI_over_sigI_obs 
_reflns_shell.pdbx_Rsym_value 
_reflns_shell.pdbx_chi_squared 
_reflns_shell.pdbx_redundancy 
_reflns_shell.percent_possible_obs 
_reflns_shell.number_unique_all 
_reflns_shell.percent_possible_all 
_reflns_shell.pdbx_ordinal 
_reflns_shell.pdbx_diffrn_id 
1.60 1.64  ? 7098 ? 0.607 1.3  0.607 ? 4.90 ? 1434 100.00 1  1 
1.64 1.69  ? 7247 ? 0.549 1.4  0.549 ? 5.10 ? 1414 100.00 2  1 
1.69 1.74  ? 7024 ? 0.456 1.7  0.456 ? 5.20 ? 1359 100.00 3  1 
1.74 1.79  ? 7109 ? 0.354 2.1  0.354 ? 5.20 ? 1358 100.00 4  1 
1.79 1.85  ? 6698 ? 0.263 2.9  0.263 ? 5.20 ? 1282 100.00 5  1 
1.85 1.91  ? 6635 ? 0.218 3.4  0.218 ? 5.30 ? 1256 100.00 6  1 
1.91 1.98  ? 6533 ? 0.168 4.4  0.168 ? 5.30 ? 1243 100.00 7  1 
1.98 2.07  ? 6022 ? 0.132 5.5  0.132 ? 5.20 ? 1153 100.00 8  1 
2.07 2.16  ? 5824 ? 0.103 6.9  0.103 ? 5.20 ? 1115 100.00 9  1 
2.16 2.26  ? 5570 ? 0.084 8.2  0.084 ? 5.20 ? 1068 100.00 10 1 
2.26 2.39  ? 5393 ? 0.075 8.9  0.075 ? 5.20 ? 1046 100.00 11 1 
2.39 2.53  ? 4893 ? 0.075 8.7  0.075 ? 5.20 ? 950  100.00 12 1 
2.53 2.70  ? 4727 ? 0.065 10.1 0.065 ? 5.10 ? 925  100.00 13 1 
2.70 2.92  ? 4265 ? 0.061 10.1 0.061 ? 5.00 ? 855  100.00 14 1 
2.92 3.20  ? 3847 ? 0.053 11.3 0.053 ? 4.90 ? 791  100.00 15 1 
3.20 3.58  ? 3294 ? 0.046 12.5 0.046 ? 4.50 ? 729  99.80  16 1 
3.58 4.13  ? 3172 ? 0.042 14.3 0.042 ? 5.00 ? 633  100.00 17 1 
4.13 5.06  ? 2949 ? 0.04  15.0 0.04  ? 5.20 ? 562  100.00 18 1 
5.06 7.16  ? 2225 ? 0.045 13.1 0.045 ? 5.00 ? 442  100.00 19 1 
7.16 29.78 ? 1201 ? 0.042 13.4 0.042 ? 4.50 ? 264  99.00  20 1 
# 
_refine.entry_id                                 2INB 
_refine.ls_d_res_high                            1.600 
_refine.ls_d_res_low                             29.775 
_refine.pdbx_ls_sigma_F                          0.00 
_refine.ls_percent_reflns_obs                    99.920 
_refine.ls_number_reflns_obs                     19850 
_refine.pdbx_ls_cross_valid_method               THROUGHOUT 
_refine.pdbx_R_Free_selection_details            RANDOM 
_refine.details                                  
;(1) HYDROGENS HAVE BEEN ADDED IN THE RIDING POSITIONS.
 (2) A MET-INHIBITION PROTOCOL WAS USED FOR SELENOMETHIONINE
 INCORPORATION DURING PROTEIN EXPRESSION. THE OCCUPANCY
 OF THE SE ATOMS IN THE MSE RESIDUES WAS REDUCED TO 0.75
 TO ACCOUNT FOR THE REDUCED SCATTERING POWER DUE TO PARTIAL
 S-MET INCORPORATION.
 (3) ATOM RECORD CONTAINS RESIDUAL B FACTORS ONLY.
 (4) RESIDUES OF A37 - A43 ARE NOT VISIBLE IN THE ELECTRON
 DENSITY MAPS. THEY ARE UNMODELED.
 (5) RESIDUES OF A63 - A66 ARE DISORDERED AND ELECTRON
 DENSITIES ARE POOR.
;
_refine.ls_R_factor_all                          0.16 
_refine.ls_R_factor_R_work                       0.158 
_refine.ls_R_factor_R_free                       0.191 
_refine.ls_percent_reflns_R_free                 5.100 
_refine.ls_number_reflns_R_free                  1015 
_refine.B_iso_mean                               15.661 
_refine.aniso_B[1][1]                            0.030 
_refine.aniso_B[2][2]                            0.030 
_refine.aniso_B[3][3]                            -0.040 
_refine.aniso_B[1][2]                            0.010 
_refine.aniso_B[1][3]                            0.000 
_refine.aniso_B[2][3]                            0.000 
_refine.correlation_coeff_Fo_to_Fc               0.968 
_refine.correlation_coeff_Fo_to_Fc_free          0.954 
_refine.pdbx_overall_ESU_R                       0.080 
_refine.pdbx_overall_ESU_R_Free                  0.082 
_refine.overall_SU_ML                            0.048 
_refine.overall_SU_B                             2.642 
_refine.solvent_model_details                    MASK 
_refine.pdbx_solvent_vdw_probe_radii             1.200 
_refine.pdbx_solvent_ion_probe_radii             0.800 
_refine.pdbx_solvent_shrinkage_radii             0.800 
_refine.pdbx_method_to_determine_struct          MAD 
_refine.pdbx_stereochemistry_target_values       'MAXIMUM LIKELIHOOD WITH PHASES' 
_refine.pdbx_ls_sigma_I                          ? 
_refine.ls_number_reflns_all                     ? 
_refine.ls_R_factor_obs                          0.16 
_refine.ls_redundancy_reflns_obs                 ? 
_refine.pdbx_data_cutoff_high_absF               ? 
_refine.pdbx_data_cutoff_low_absF                ? 
_refine.ls_number_parameters                     ? 
_refine.ls_number_restraints                     ? 
_refine.ls_R_factor_R_free_error                 ? 
_refine.ls_R_factor_R_free_error_details         ? 
_refine.pdbx_starting_model                      ? 
_refine.pdbx_stereochem_target_val_spec_case     ? 
_refine.solvent_model_param_bsol                 ? 
_refine.solvent_model_param_ksol                 ? 
_refine.occupancy_max                            ? 
_refine.occupancy_min                            ? 
_refine.pdbx_isotropic_thermal_model             ? 
_refine.B_iso_min                                ? 
_refine.B_iso_max                                ? 
_refine.overall_SU_R_Cruickshank_DPI             ? 
_refine.overall_SU_R_free                        ? 
_refine.pdbx_data_cutoff_high_rms_absF           ? 
_refine.ls_wR_factor_R_free                      ? 
_refine.ls_wR_factor_R_work                      ? 
_refine.overall_FOM_free_R_set                   ? 
_refine.overall_FOM_work_R_set                   ? 
_refine.pdbx_refine_id                           'X-RAY DIFFRACTION' 
_refine.pdbx_TLS_residual_ADP_flag               'LIKELY RESIDUAL' 
_refine.pdbx_diffrn_id                           1 
_refine.pdbx_overall_phase_error                 ? 
_refine.pdbx_overall_SU_R_free_Cruickshank_DPI   ? 
_refine.pdbx_overall_SU_R_Blow_DPI               ? 
_refine.pdbx_overall_SU_R_free_Blow_DPI          ? 
# 
_refine_hist.pdbx_refine_id                   'X-RAY DIFFRACTION' 
_refine_hist.cycle_id                         LAST 
_refine_hist.pdbx_number_atoms_protein        1032 
_refine_hist.pdbx_number_atoms_nucleic_acid   0 
_refine_hist.pdbx_number_atoms_ligand         13 
_refine_hist.number_atoms_solvent             136 
_refine_hist.number_atoms_total               1181 
_refine_hist.d_res_high                       1.600 
_refine_hist.d_res_low                        29.775 
# 
loop_
_refine_ls_restr.type 
_refine_ls_restr.number 
_refine_ls_restr.dev_ideal 
_refine_ls_restr.dev_ideal_target 
_refine_ls_restr.weight 
_refine_ls_restr.pdbx_refine_id 
_refine_ls_restr.pdbx_restraint_function 
r_bond_refined_d         1206 0.017  0.022  ? 'X-RAY DIFFRACTION' ? 
r_bond_other_d           827  0.004  0.020  ? 'X-RAY DIFFRACTION' ? 
r_angle_refined_deg      1642 1.609  1.960  ? 'X-RAY DIFFRACTION' ? 
r_angle_other_deg        2020 0.971  3.000  ? 'X-RAY DIFFRACTION' ? 
r_dihedral_angle_1_deg   152  6.714  5.000  ? 'X-RAY DIFFRACTION' ? 
r_dihedral_angle_2_deg   58   34.832 24.483 ? 'X-RAY DIFFRACTION' ? 
r_dihedral_angle_3_deg   218  11.190 15.000 ? 'X-RAY DIFFRACTION' ? 
r_dihedral_angle_4_deg   8    15.261 15.000 ? 'X-RAY DIFFRACTION' ? 
r_chiral_restr           181  0.104  0.200  ? 'X-RAY DIFFRACTION' ? 
r_gen_planes_refined     1369 0.007  0.020  ? 'X-RAY DIFFRACTION' ? 
r_gen_planes_other       249  0.002  0.020  ? 'X-RAY DIFFRACTION' ? 
r_nbd_refined            256  0.230  0.200  ? 'X-RAY DIFFRACTION' ? 
r_nbd_other              878  0.199  0.200  ? 'X-RAY DIFFRACTION' ? 
r_nbtor_refined          598  0.181  0.200  ? 'X-RAY DIFFRACTION' ? 
r_nbtor_other            587  0.087  0.200  ? 'X-RAY DIFFRACTION' ? 
r_xyhbond_nbd_refined    98   0.173  0.200  ? 'X-RAY DIFFRACTION' ? 
r_symmetry_vdw_refined   20   0.200  0.200  ? 'X-RAY DIFFRACTION' ? 
r_symmetry_vdw_other     63   0.302  0.200  ? 'X-RAY DIFFRACTION' ? 
r_symmetry_hbond_refined 13   0.163  0.200  ? 'X-RAY DIFFRACTION' ? 
r_mcbond_it              757  2.118  3.000  ? 'X-RAY DIFFRACTION' ? 
r_mcbond_other           287  0.516  3.000  ? 'X-RAY DIFFRACTION' ? 
r_mcangle_it             1190 2.874  5.000  ? 'X-RAY DIFFRACTION' ? 
r_scbond_it              517  4.671  8.000  ? 'X-RAY DIFFRACTION' ? 
r_scangle_it             452  6.357  11.000 ? 'X-RAY DIFFRACTION' ? 
# 
_refine_ls_shell.d_res_high                       1.599 
_refine_ls_shell.d_res_low                        1.641 
_refine_ls_shell.pdbx_total_number_of_bins_used   20 
_refine_ls_shell.percent_reflns_obs               99.360 
_refine_ls_shell.number_reflns_R_work             1333 
_refine_ls_shell.R_factor_all                     ? 
_refine_ls_shell.R_factor_R_work                  0.238 
_refine_ls_shell.R_factor_R_free                  0.293 
_refine_ls_shell.percent_reflns_R_free            ? 
_refine_ls_shell.number_reflns_R_free             64 
_refine_ls_shell.R_factor_R_free_error            ? 
_refine_ls_shell.number_reflns_all                ? 
_refine_ls_shell.number_reflns_obs                1397 
_refine_ls_shell.redundancy_reflns_obs            ? 
_refine_ls_shell.pdbx_refine_id                   'X-RAY DIFFRACTION' 
# 
_struct.entry_id                  2INB 
_struct.title                     
'Crystal structure of an XisH family protein (ZP_00107633.1) from Nostoc punctiforme PCC 73102 at 1.60 A resolution' 
_struct.pdbx_model_details        ? 
_struct.pdbx_CASP_flag            ? 
_struct.pdbx_model_type_details   ? 
# 
_struct_keywords.text            
;ZP_00107633.1, hypothetical protein, Structural Genomics, PSI-2, Protein Structure Initiative, Joint Center for Structural Genomics, JCSG, Structural Genomics-Unknown function COMPLEX
;
_struct_keywords.pdbx_keywords   'Structural Genomics/Unknown function' 
_struct_keywords.entry_id        2INB 
# 
loop_
_struct_asym.id 
_struct_asym.pdbx_blank_PDB_chainid_flag 
_struct_asym.pdbx_modified 
_struct_asym.entity_id 
_struct_asym.details 
A N N 1 ? 
B N N 2 ? 
C N N 3 ? 
D N N 3 ? 
E N N 4 ? 
# 
_struct_ref.id                         1 
_struct_ref.db_code                    ZP_00107633 
_struct_ref.db_name                    GB 
_struct_ref.entity_id                  1 
_struct_ref.pdbx_db_accession          23125711 
_struct_ref.pdbx_align_begin           1 
_struct_ref.pdbx_seq_one_letter_code   
;MSAKDVFHQVVKIALEKDGWQITNDPLTISVGGVNLSIDLGAEKLIAAEREGEKIAVEVKSFLERSSAISEFHTALGQFI
NYRGALRRRQPERVLYLAVPLTTYKTFFQLDFPKEMIAENQVKMLIYDVEQEVIFQWIN
;
_struct_ref.pdbx_db_isoform            ? 
# 
_struct_ref_seq.align_id                      1 
_struct_ref_seq.ref_id                        1 
_struct_ref_seq.pdbx_PDB_id_code              2INB 
_struct_ref_seq.pdbx_strand_id                A 
_struct_ref_seq.seq_align_beg                 2 
_struct_ref_seq.pdbx_seq_align_beg_ins_code   ? 
_struct_ref_seq.seq_align_end                 140 
_struct_ref_seq.pdbx_seq_align_end_ins_code   ? 
_struct_ref_seq.pdbx_db_accession             23125711 
_struct_ref_seq.db_align_beg                  1 
_struct_ref_seq.pdbx_db_align_beg_ins_code    ? 
_struct_ref_seq.db_align_end                  139 
_struct_ref_seq.pdbx_db_align_end_ins_code    ? 
_struct_ref_seq.pdbx_auth_seq_align_beg       1 
_struct_ref_seq.pdbx_auth_seq_align_end       139 
# 
_struct_ref_seq_dif.align_id                     1 
_struct_ref_seq_dif.pdbx_pdb_id_code             2INB 
_struct_ref_seq_dif.mon_id                       GLY 
_struct_ref_seq_dif.pdbx_pdb_strand_id           A 
_struct_ref_seq_dif.seq_num                      1 
_struct_ref_seq_dif.pdbx_pdb_ins_code            ? 
_struct_ref_seq_dif.pdbx_seq_db_name             GB 
_struct_ref_seq_dif.pdbx_seq_db_accession_code   23125711 
_struct_ref_seq_dif.db_mon_id                    ? 
_struct_ref_seq_dif.pdbx_seq_db_seq_num          ? 
_struct_ref_seq_dif.details                      'expression tag' 
_struct_ref_seq_dif.pdbx_auth_seq_num            0 
_struct_ref_seq_dif.pdbx_ordinal                 1 
# 
_pdbx_struct_assembly.id                   1 
_pdbx_struct_assembly.details              author_defined_assembly 
_pdbx_struct_assembly.method_details       ? 
_pdbx_struct_assembly.oligomeric_details   dimeric 
_pdbx_struct_assembly.oligomeric_count     2 
# 
_pdbx_struct_assembly_gen.assembly_id       1 
_pdbx_struct_assembly_gen.oper_expression   1,2 
_pdbx_struct_assembly_gen.asym_id_list      A,B,C,D,E 
# 
_pdbx_struct_assembly_auth_evidence.id                     1 
_pdbx_struct_assembly_auth_evidence.assembly_id            1 
_pdbx_struct_assembly_auth_evidence.experimental_support   'gel filtration' 
_pdbx_struct_assembly_auth_evidence.details                ? 
# 
loop_
_pdbx_struct_oper_list.id 
_pdbx_struct_oper_list.type 
_pdbx_struct_oper_list.name 
_pdbx_struct_oper_list.symmetry_operation 
_pdbx_struct_oper_list.matrix[1][1] 
_pdbx_struct_oper_list.matrix[1][2] 
_pdbx_struct_oper_list.matrix[1][3] 
_pdbx_struct_oper_list.vector[1] 
_pdbx_struct_oper_list.matrix[2][1] 
_pdbx_struct_oper_list.matrix[2][2] 
_pdbx_struct_oper_list.matrix[2][3] 
_pdbx_struct_oper_list.vector[2] 
_pdbx_struct_oper_list.matrix[3][1] 
_pdbx_struct_oper_list.matrix[3][2] 
_pdbx_struct_oper_list.matrix[3][3] 
_pdbx_struct_oper_list.vector[3] 
1 'identity operation'         1_555 x,y,z  1.0000000000  0.0000000000  0.0000000000  0.0000000000   0.0000000000  1.0000000000  0.0000000000 0.0000000000   0.0000000000  0.0000000000 1.0000000000 0.0000000000  
2 'crystal symmetry operation' 4_555 y,x,-z -0.7416252851 -0.3882308101 -0.5470546359 -23.7301991437 -0.3882308101 -0.4166489474 0.8219978666 -12.7005403867 -0.5470546359 0.8219978666 0.1582742324 -2.1945565879 
# 
_struct_biol.id                    1 
_struct_biol.details               
;SIZE EXCLUSION CHROMATOGRAPHY SUPPORTS THE ASSIGNMENT
OF A DIMER AS A BIOLOGICALLY SIGNIFICANT
OLIGOMERIZATION STATE.
;
_struct_biol.pdbx_parent_biol_id   ? 
# 
loop_
_struct_conf.conf_type_id 
_struct_conf.id 
_struct_conf.pdbx_PDB_helix_id 
_struct_conf.beg_label_comp_id 
_struct_conf.beg_label_asym_id 
_struct_conf.beg_label_seq_id 
_struct_conf.pdbx_beg_PDB_ins_code 
_struct_conf.end_label_comp_id 
_struct_conf.end_label_asym_id 
_struct_conf.end_label_seq_id 
_struct_conf.pdbx_end_PDB_ins_code 
_struct_conf.beg_auth_comp_id 
_struct_conf.beg_auth_asym_id 
_struct_conf.beg_auth_seq_id 
_struct_conf.end_auth_comp_id 
_struct_conf.end_auth_asym_id 
_struct_conf.end_auth_seq_id 
_struct_conf.pdbx_PDB_helix_class 
_struct_conf.details 
_struct_conf.pdbx_PDB_helix_length 
HELX_P HELX_P1 1 ASP A 6   ? ASP A 19  ? ASP A 5   ASP A 18  1 ? 14 
HELX_P HELX_P2 2 SER A 68  ? ARG A 89  ? SER A 67  ARG A 88  1 ? 22 
HELX_P HELX_P3 3 LEU A 102 ? THR A 107 ? LEU A 101 THR A 106 1 ? 6  
HELX_P HELX_P4 4 PHE A 108 ? GLN A 110 ? PHE A 107 GLN A 109 5 ? 3  
HELX_P HELX_P5 5 LEU A 111 ? ASN A 121 ? LEU A 110 ASN A 120 1 ? 11 
# 
_struct_conf_type.id          HELX_P 
_struct_conf_type.criteria    ? 
_struct_conf_type.reference   ? 
# 
loop_
_struct_conn.id 
_struct_conn.conn_type_id 
_struct_conn.pdbx_leaving_atom_flag 
_struct_conn.pdbx_PDB_id 
_struct_conn.ptnr1_label_asym_id 
_struct_conn.ptnr1_label_comp_id 
_struct_conn.ptnr1_label_seq_id 
_struct_conn.ptnr1_label_atom_id 
_struct_conn.pdbx_ptnr1_label_alt_id 
_struct_conn.pdbx_ptnr1_PDB_ins_code 
_struct_conn.pdbx_ptnr1_standard_comp_id 
_struct_conn.ptnr1_symmetry 
_struct_conn.ptnr2_label_asym_id 
_struct_conn.ptnr2_label_comp_id 
_struct_conn.ptnr2_label_seq_id 
_struct_conn.ptnr2_label_atom_id 
_struct_conn.pdbx_ptnr2_label_alt_id 
_struct_conn.pdbx_ptnr2_PDB_ins_code 
_struct_conn.ptnr1_auth_asym_id 
_struct_conn.ptnr1_auth_comp_id 
_struct_conn.ptnr1_auth_seq_id 
_struct_conn.ptnr2_auth_asym_id 
_struct_conn.ptnr2_auth_comp_id 
_struct_conn.ptnr2_auth_seq_id 
_struct_conn.ptnr2_symmetry 
_struct_conn.pdbx_ptnr3_label_atom_id 
_struct_conn.pdbx_ptnr3_label_seq_id 
_struct_conn.pdbx_ptnr3_label_comp_id 
_struct_conn.pdbx_ptnr3_label_asym_id 
_struct_conn.pdbx_ptnr3_label_alt_id 
_struct_conn.pdbx_ptnr3_PDB_ins_code 
_struct_conn.details 
_struct_conn.pdbx_dist_value 
_struct_conn.pdbx_value_order 
_struct_conn.pdbx_role 
covale1 covale both ? A GLU 116 C ? ? ? 1_555 A MSE 117 N A ? A GLU 115 A MSE 116 1_555 ? ? ? ? ? ? ? 1.333 ? ? 
covale2 covale both ? A GLU 116 C ? ? ? 1_555 A MSE 117 N B ? A GLU 115 A MSE 116 1_555 ? ? ? ? ? ? ? 1.337 ? ? 
covale3 covale both ? A MSE 117 C A ? ? 1_555 A ILE 118 N ? ? A MSE 116 A ILE 117 1_555 ? ? ? ? ? ? ? 1.328 ? ? 
covale4 covale both ? A MSE 117 C B ? ? 1_555 A ILE 118 N ? ? A MSE 116 A ILE 117 1_555 ? ? ? ? ? ? ? 1.327 ? ? 
covale5 covale both ? A LYS 124 C ? ? ? 1_555 A MSE 125 N B ? A LYS 123 A MSE 124 1_555 ? ? ? ? ? ? ? 1.337 ? ? 
covale6 covale both ? A LYS 124 C ? ? ? 1_555 A MSE 125 N A ? A LYS 123 A MSE 124 1_555 ? ? ? ? ? ? ? 1.330 ? ? 
covale7 covale both ? A MSE 125 C B ? ? 1_555 A LEU 126 N B ? A MSE 124 A LEU 125 1_555 ? ? ? ? ? ? ? 1.322 ? ? 
covale8 covale both ? A MSE 125 C A ? ? 1_555 A LEU 126 N A ? A MSE 124 A LEU 125 1_555 ? ? ? ? ? ? ? 1.322 ? ? 
# 
_struct_conn_type.id          covale 
_struct_conn_type.criteria    ? 
_struct_conn_type.reference   ? 
# 
loop_
_pdbx_modification_feature.ordinal 
_pdbx_modification_feature.label_comp_id 
_pdbx_modification_feature.label_asym_id 
_pdbx_modification_feature.label_seq_id 
_pdbx_modification_feature.label_alt_id 
_pdbx_modification_feature.modified_residue_label_comp_id 
_pdbx_modification_feature.modified_residue_label_asym_id 
_pdbx_modification_feature.modified_residue_label_seq_id 
_pdbx_modification_feature.modified_residue_label_alt_id 
_pdbx_modification_feature.auth_comp_id 
_pdbx_modification_feature.auth_asym_id 
_pdbx_modification_feature.auth_seq_id 
_pdbx_modification_feature.PDB_ins_code 
_pdbx_modification_feature.symmetry 
_pdbx_modification_feature.modified_residue_auth_comp_id 
_pdbx_modification_feature.modified_residue_auth_asym_id 
_pdbx_modification_feature.modified_residue_auth_seq_id 
_pdbx_modification_feature.modified_residue_PDB_ins_code 
_pdbx_modification_feature.modified_residue_symmetry 
_pdbx_modification_feature.comp_id_linking_atom 
_pdbx_modification_feature.modified_residue_id_linking_atom 
_pdbx_modification_feature.modified_residue_id 
_pdbx_modification_feature.ref_pcm_id 
_pdbx_modification_feature.ref_comp_id 
_pdbx_modification_feature.type 
_pdbx_modification_feature.category 
1 MSE A 117 A . . . . MSE A 116 ? 1_555 . . . . . . . MET 1 MSE Selenomethionine 'Named protein modification' 
2 MSE A 117 B . . . . MSE A 116 ? 1_555 . . . . . . . MET 1 MSE Selenomethionine 'Named protein modification' 
3 MSE A 125 A . . . . MSE A 124 ? 1_555 . . . . . . . MET 1 MSE Selenomethionine 'Named protein modification' 
4 MSE A 125 B . . . . MSE A 124 ? 1_555 . . . . . . . MET 1 MSE Selenomethionine 'Named protein modification' 
# 
_struct_mon_prot_cis.pdbx_id                1 
_struct_mon_prot_cis.label_comp_id          ASP 
_struct_mon_prot_cis.label_seq_id           26 
_struct_mon_prot_cis.label_asym_id          A 
_struct_mon_prot_cis.label_alt_id           . 
_struct_mon_prot_cis.pdbx_PDB_ins_code      ? 
_struct_mon_prot_cis.auth_comp_id           ASP 
_struct_mon_prot_cis.auth_seq_id            25 
_struct_mon_prot_cis.auth_asym_id           A 
_struct_mon_prot_cis.pdbx_label_comp_id_2   PRO 
_struct_mon_prot_cis.pdbx_label_seq_id_2    27 
_struct_mon_prot_cis.pdbx_label_asym_id_2   A 
_struct_mon_prot_cis.pdbx_PDB_ins_code_2    ? 
_struct_mon_prot_cis.pdbx_auth_comp_id_2    PRO 
_struct_mon_prot_cis.pdbx_auth_seq_id_2     26 
_struct_mon_prot_cis.pdbx_auth_asym_id_2    A 
_struct_mon_prot_cis.pdbx_PDB_model_num     1 
_struct_mon_prot_cis.pdbx_omega_angle       7.29 
# 
loop_
_struct_sheet.id 
_struct_sheet.type 
_struct_sheet.number_strands 
_struct_sheet.details 
A ? 6 ? 
B ? 2 ? 
# 
loop_
_struct_sheet_order.sheet_id 
_struct_sheet_order.range_id_1 
_struct_sheet_order.range_id_2 
_struct_sheet_order.offset 
_struct_sheet_order.sense 
A 1 2 ? anti-parallel 
A 2 3 ? anti-parallel 
A 3 4 ? parallel      
A 4 5 ? parallel      
A 5 6 ? anti-parallel 
B 1 2 ? anti-parallel 
# 
loop_
_struct_sheet_range.sheet_id 
_struct_sheet_range.id 
_struct_sheet_range.beg_label_comp_id 
_struct_sheet_range.beg_label_asym_id 
_struct_sheet_range.beg_label_seq_id 
_struct_sheet_range.pdbx_beg_PDB_ins_code 
_struct_sheet_range.end_label_comp_id 
_struct_sheet_range.end_label_asym_id 
_struct_sheet_range.end_label_seq_id 
_struct_sheet_range.pdbx_end_PDB_ins_code 
_struct_sheet_range.beg_auth_comp_id 
_struct_sheet_range.beg_auth_asym_id 
_struct_sheet_range.beg_auth_seq_id 
_struct_sheet_range.end_auth_comp_id 
_struct_sheet_range.end_auth_asym_id 
_struct_sheet_range.end_auth_seq_id 
A 1 GLN A 22  ? ASN A 25  ? GLN A 21  ASN A 24  
A 2 ILE A 47  ? ARG A 51  ? ILE A 46  ARG A 50  
A 3 GLU A 54  ? VAL A 60  ? GLU A 53  VAL A 59  
A 4 ARG A 94  ? PRO A 101 ? ARG A 93  PRO A 100 
A 5 MSE A 125 ? ASP A 129 ? MSE A 124 ASP A 128 
A 6 VAL A 134 ? ILE A 139 ? VAL A 133 ILE A 138 
B 1 SER A 31  ? VAL A 32  ? SER A 30  VAL A 31  
B 2 VAL A 35  ? ASN A 36  ? VAL A 34  ASN A 35  
# 
loop_
_pdbx_struct_sheet_hbond.sheet_id 
_pdbx_struct_sheet_hbond.range_id_1 
_pdbx_struct_sheet_hbond.range_id_2 
_pdbx_struct_sheet_hbond.range_1_label_atom_id 
_pdbx_struct_sheet_hbond.range_1_label_comp_id 
_pdbx_struct_sheet_hbond.range_1_label_asym_id 
_pdbx_struct_sheet_hbond.range_1_label_seq_id 
_pdbx_struct_sheet_hbond.range_1_PDB_ins_code 
_pdbx_struct_sheet_hbond.range_1_auth_atom_id 
_pdbx_struct_sheet_hbond.range_1_auth_comp_id 
_pdbx_struct_sheet_hbond.range_1_auth_asym_id 
_pdbx_struct_sheet_hbond.range_1_auth_seq_id 
_pdbx_struct_sheet_hbond.range_2_label_atom_id 
_pdbx_struct_sheet_hbond.range_2_label_comp_id 
_pdbx_struct_sheet_hbond.range_2_label_asym_id 
_pdbx_struct_sheet_hbond.range_2_label_seq_id 
_pdbx_struct_sheet_hbond.range_2_PDB_ins_code 
_pdbx_struct_sheet_hbond.range_2_auth_atom_id 
_pdbx_struct_sheet_hbond.range_2_auth_comp_id 
_pdbx_struct_sheet_hbond.range_2_auth_asym_id 
_pdbx_struct_sheet_hbond.range_2_auth_seq_id 
A 1 2 N GLN A 22  ? N GLN A 21  O GLU A 50  ? O GLU A 49  
A 2 3 N ALA A 49  ? N ALA A 48  O ILE A 56  ? O ILE A 55  
A 3 4 N GLU A 59  ? N GLU A 58  O ALA A 99  ? O ALA A 98  
A 4 5 N LEU A 98  ? N LEU A 97  O LEU A 126 ? O LEU A 125 
A 5 6 N ILE A 127 ? N ILE A 126 O GLN A 137 ? O GLN A 136 
B 1 2 N VAL A 32  ? N VAL A 31  O VAL A 35  ? O VAL A 34  
# 
loop_
_struct_site.id 
_struct_site.pdbx_evidence_code 
_struct_site.pdbx_auth_asym_id 
_struct_site.pdbx_auth_comp_id 
_struct_site.pdbx_auth_seq_id 
_struct_site.pdbx_auth_ins_code 
_struct_site.pdbx_num_residues 
_struct_site.details 
AC1 Software A CL  140 ? 5  'BINDING SITE FOR RESIDUE CL A 140'  
AC2 Software A GOL 141 ? 10 'BINDING SITE FOR RESIDUE GOL A 141' 
AC3 Software A GOL 142 ? 5  'BINDING SITE FOR RESIDUE GOL A 142' 
# 
loop_
_struct_site_gen.id 
_struct_site_gen.site_id 
_struct_site_gen.pdbx_num_res 
_struct_site_gen.label_comp_id 
_struct_site_gen.label_asym_id 
_struct_site_gen.label_seq_id 
_struct_site_gen.pdbx_auth_ins_code 
_struct_site_gen.auth_comp_id 
_struct_site_gen.auth_asym_id 
_struct_site_gen.auth_seq_id 
_struct_site_gen.label_atom_id 
_struct_site_gen.label_alt_id 
_struct_site_gen.symmetry 
_struct_site_gen.details 
1  AC1 5  LEU A 102 ? LEU A 101 . ? 1_555 ? 
2  AC1 5  THR A 103 ? THR A 102 . ? 1_555 ? 
3  AC1 5  VAL A 130 ? VAL A 129 . ? 1_555 ? 
4  AC1 5  HOH E .   ? HOH A 167 . ? 1_555 ? 
5  AC1 5  HOH E .   ? HOH A 238 . ? 1_555 ? 
6  AC2 10 LYS A 18  ? LYS A 17  . ? 6_655 ? 
7  AC2 10 ARG A 88  ? ARG A 87  . ? 1_555 ? 
8  AC2 10 VAL A 95  ? VAL A 94  . ? 1_555 ? 
9  AC2 10 LEU A 96  ? LEU A 95  . ? 1_555 ? 
10 AC2 10 GLN A 132 ? GLN A 131 . ? 6_655 ? 
11 AC2 10 VAL A 134 ? VAL A 133 . ? 6_655 ? 
12 AC2 10 HOH E .   ? HOH A 146 . ? 1_555 ? 
13 AC2 10 HOH E .   ? HOH A 168 . ? 1_555 ? 
14 AC2 10 HOH E .   ? HOH A 170 . ? 1_555 ? 
15 AC2 10 HOH E .   ? HOH A 176 . ? 1_555 ? 
16 AC3 5  TRP A 21  ? TRP A 20  . ? 1_555 ? 
17 AC3 5  ARG A 51  ? ARG A 50  . ? 1_555 ? 
18 AC3 5  GLU A 54  ? GLU A 53  . ? 1_555 ? 
19 AC3 5  TRP A 138 ? TRP A 137 . ? 1_555 ? 
20 AC3 5  HOH E .   ? HOH A 234 . ? 6_665 ? 
# 
_pdbx_entry_details.entry_id                   2INB 
_pdbx_entry_details.compound_details           ? 
_pdbx_entry_details.source_details             ? 
_pdbx_entry_details.nonpolymer_details         ? 
_pdbx_entry_details.sequence_details           ? 
_pdbx_entry_details.has_ligand_of_interest     ? 
_pdbx_entry_details.has_protein_modification   Y 
# 
loop_
_pdbx_validate_rmsd_angle.id 
_pdbx_validate_rmsd_angle.PDB_model_num 
_pdbx_validate_rmsd_angle.auth_atom_id_1 
_pdbx_validate_rmsd_angle.auth_asym_id_1 
_pdbx_validate_rmsd_angle.auth_comp_id_1 
_pdbx_validate_rmsd_angle.auth_seq_id_1 
_pdbx_validate_rmsd_angle.PDB_ins_code_1 
_pdbx_validate_rmsd_angle.label_alt_id_1 
_pdbx_validate_rmsd_angle.auth_atom_id_2 
_pdbx_validate_rmsd_angle.auth_asym_id_2 
_pdbx_validate_rmsd_angle.auth_comp_id_2 
_pdbx_validate_rmsd_angle.auth_seq_id_2 
_pdbx_validate_rmsd_angle.PDB_ins_code_2 
_pdbx_validate_rmsd_angle.label_alt_id_2 
_pdbx_validate_rmsd_angle.auth_atom_id_3 
_pdbx_validate_rmsd_angle.auth_asym_id_3 
_pdbx_validate_rmsd_angle.auth_comp_id_3 
_pdbx_validate_rmsd_angle.auth_seq_id_3 
_pdbx_validate_rmsd_angle.PDB_ins_code_3 
_pdbx_validate_rmsd_angle.label_alt_id_3 
_pdbx_validate_rmsd_angle.angle_value 
_pdbx_validate_rmsd_angle.angle_target_value 
_pdbx_validate_rmsd_angle.angle_deviation 
_pdbx_validate_rmsd_angle.angle_standard_deviation 
_pdbx_validate_rmsd_angle.linker_flag 
1 1 NE A ARG 87 ? A CZ A ARG 87 ? A NH1 A ARG 87 ? A 123.45 120.30 3.15  0.50 N 
2 1 NE A ARG 87 ? A CZ A ARG 87 ? A NH2 A ARG 87 ? A 116.21 120.30 -4.09 0.50 N 
# 
loop_
_pdbx_validate_torsion.id 
_pdbx_validate_torsion.PDB_model_num 
_pdbx_validate_torsion.auth_comp_id 
_pdbx_validate_torsion.auth_asym_id 
_pdbx_validate_torsion.auth_seq_id 
_pdbx_validate_torsion.PDB_ins_code 
_pdbx_validate_torsion.label_alt_id 
_pdbx_validate_torsion.phi 
_pdbx_validate_torsion.psi 
1 1 SER A 66  ? ? -16.50  -145.49 
2 1 THR A 106 ? ? -113.04 -82.20  
# 
_pdbx_validate_peptide_omega.id               1 
_pdbx_validate_peptide_omega.PDB_model_num    1 
_pdbx_validate_peptide_omega.auth_comp_id_1   ARG 
_pdbx_validate_peptide_omega.auth_asym_id_1   A 
_pdbx_validate_peptide_omega.auth_seq_id_1    65 
_pdbx_validate_peptide_omega.PDB_ins_code_1   ? 
_pdbx_validate_peptide_omega.label_alt_id_1   ? 
_pdbx_validate_peptide_omega.auth_comp_id_2   SER 
_pdbx_validate_peptide_omega.auth_asym_id_2   A 
_pdbx_validate_peptide_omega.auth_seq_id_2    66 
_pdbx_validate_peptide_omega.PDB_ins_code_2   ? 
_pdbx_validate_peptide_omega.label_alt_id_2   ? 
_pdbx_validate_peptide_omega.omega            134.28 
# 
_pdbx_SG_project.project_name          'PSI, Protein Structure Initiative' 
_pdbx_SG_project.full_name_of_center   'Joint Center for Structural Genomics' 
_pdbx_SG_project.id                    1 
_pdbx_SG_project.initial_of_center     JCSG 
# 
loop_
_pdbx_struct_mod_residue.id 
_pdbx_struct_mod_residue.label_asym_id 
_pdbx_struct_mod_residue.label_comp_id 
_pdbx_struct_mod_residue.label_seq_id 
_pdbx_struct_mod_residue.auth_asym_id 
_pdbx_struct_mod_residue.auth_comp_id 
_pdbx_struct_mod_residue.auth_seq_id 
_pdbx_struct_mod_residue.PDB_ins_code 
_pdbx_struct_mod_residue.parent_comp_id 
_pdbx_struct_mod_residue.details 
1 A MSE 117 A MSE 116 ? MET SELENOMETHIONINE 
2 A MSE 125 A MSE 124 ? MET SELENOMETHIONINE 
# 
_pdbx_refine_tls.id               1 
_pdbx_refine_tls.details          ? 
_pdbx_refine_tls.method           refined 
_pdbx_refine_tls.origin_x         0.3651 
_pdbx_refine_tls.origin_y         -0.7745 
_pdbx_refine_tls.origin_z         0.2009 
_pdbx_refine_tls.T[1][1]          -0.0293 
_pdbx_refine_tls.T[2][2]          -0.0169 
_pdbx_refine_tls.T[3][3]          -0.0453 
_pdbx_refine_tls.T[1][2]          -0.0136 
_pdbx_refine_tls.T[1][3]          -0.0182 
_pdbx_refine_tls.T[2][3]          -0.0143 
_pdbx_refine_tls.L[1][1]          1.8120 
_pdbx_refine_tls.L[2][2]          0.6997 
_pdbx_refine_tls.L[3][3]          0.3215 
_pdbx_refine_tls.L[1][2]          0.7841 
_pdbx_refine_tls.L[1][3]          0.7112 
_pdbx_refine_tls.L[2][3]          0.3304 
_pdbx_refine_tls.S[1][1]          0.0023 
_pdbx_refine_tls.S[2][2]          -0.0415 
_pdbx_refine_tls.S[3][3]          0.0392 
_pdbx_refine_tls.S[1][2]          -0.1519 
_pdbx_refine_tls.S[1][3]          0.0868 
_pdbx_refine_tls.S[2][3]          0.0765 
_pdbx_refine_tls.S[2][1]          0.0548 
_pdbx_refine_tls.S[3][1]          -0.0822 
_pdbx_refine_tls.S[3][2]          -0.0204 
_pdbx_refine_tls.pdbx_refine_id   'X-RAY DIFFRACTION' 
# 
_pdbx_refine_tls_group.id                  1 
_pdbx_refine_tls_group.refine_tls_id       1 
_pdbx_refine_tls_group.beg_label_asym_id   A 
_pdbx_refine_tls_group.beg_label_seq_id    6 
_pdbx_refine_tls_group.end_label_asym_id   A 
_pdbx_refine_tls_group.end_label_seq_id    140 
_pdbx_refine_tls_group.selection           ALL 
_pdbx_refine_tls_group.beg_auth_asym_id    A 
_pdbx_refine_tls_group.beg_auth_seq_id     5 
_pdbx_refine_tls_group.end_auth_asym_id    A 
_pdbx_refine_tls_group.end_auth_seq_id     139 
_pdbx_refine_tls_group.pdbx_refine_id      'X-RAY DIFFRACTION' 
_pdbx_refine_tls_group.selection_details   ? 
# 
_phasing.method   MAD 
# 
_pdbx_database_remark.id     300 
_pdbx_database_remark.text   
;
BIOMOLECULE: 1
THIS ENTRY CONTAINS THE CRYSTALLOGRAPHIC ASYMMETRIC UNIT
WHICH CONSISTS OF 1 CHAIN(S). SEE REMARK 350 FOR
INFORMATION ON GENERATING THE BIOLOGICAL MOLECULE(S).
SIZE EXCLUSION CHROMATOGRAPHY SUPPORTS THE ASSIGNMENT
OF A DIMER AS A BIOLOGICALLY SIGNIFICANT
OLIGOMERIZATION STATE.
;
# 
loop_
_pdbx_unobs_or_zero_occ_residues.id 
_pdbx_unobs_or_zero_occ_residues.PDB_model_num 
_pdbx_unobs_or_zero_occ_residues.polymer_flag 
_pdbx_unobs_or_zero_occ_residues.occupancy_flag 
_pdbx_unobs_or_zero_occ_residues.auth_asym_id 
_pdbx_unobs_or_zero_occ_residues.auth_comp_id 
_pdbx_unobs_or_zero_occ_residues.auth_seq_id 
_pdbx_unobs_or_zero_occ_residues.PDB_ins_code 
_pdbx_unobs_or_zero_occ_residues.label_asym_id 
_pdbx_unobs_or_zero_occ_residues.label_comp_id 
_pdbx_unobs_or_zero_occ_residues.label_seq_id 
1  1 Y 1 A GLY 0  ? A GLY 1  
2  1 Y 1 A MSE 1  ? A MSE 2  
3  1 Y 1 A SER 2  ? A SER 3  
4  1 Y 1 A ALA 3  ? A ALA 4  
5  1 Y 1 A LYS 4  ? A LYS 5  
6  1 Y 1 A SER 37 ? A SER 38 
7  1 Y 1 A ILE 38 ? A ILE 39 
8  1 Y 1 A ASP 39 ? A ASP 40 
9  1 Y 1 A LEU 40 ? A LEU 41 
10 1 Y 1 A GLY 41 ? A GLY 42 
11 1 Y 1 A ALA 42 ? A ALA 43 
12 1 Y 1 A GLU 43 ? A GLU 44 
# 
loop_
_chem_comp_atom.comp_id 
_chem_comp_atom.atom_id 
_chem_comp_atom.type_symbol 
_chem_comp_atom.pdbx_aromatic_flag 
_chem_comp_atom.pdbx_stereo_config 
_chem_comp_atom.pdbx_ordinal 
ALA N    N  N N 1   
ALA CA   C  N S 2   
ALA C    C  N N 3   
ALA O    O  N N 4   
ALA CB   C  N N 5   
ALA OXT  O  N N 6   
ALA H    H  N N 7   
ALA H2   H  N N 8   
ALA HA   H  N N 9   
ALA HB1  H  N N 10  
ALA HB2  H  N N 11  
ALA HB3  H  N N 12  
ALA HXT  H  N N 13  
ARG N    N  N N 14  
ARG CA   C  N S 15  
ARG C    C  N N 16  
ARG O    O  N N 17  
ARG CB   C  N N 18  
ARG CG   C  N N 19  
ARG CD   C  N N 20  
ARG NE   N  N N 21  
ARG CZ   C  N N 22  
ARG NH1  N  N N 23  
ARG NH2  N  N N 24  
ARG OXT  O  N N 25  
ARG H    H  N N 26  
ARG H2   H  N N 27  
ARG HA   H  N N 28  
ARG HB2  H  N N 29  
ARG HB3  H  N N 30  
ARG HG2  H  N N 31  
ARG HG3  H  N N 32  
ARG HD2  H  N N 33  
ARG HD3  H  N N 34  
ARG HE   H  N N 35  
ARG HH11 H  N N 36  
ARG HH12 H  N N 37  
ARG HH21 H  N N 38  
ARG HH22 H  N N 39  
ARG HXT  H  N N 40  
ASN N    N  N N 41  
ASN CA   C  N S 42  
ASN C    C  N N 43  
ASN O    O  N N 44  
ASN CB   C  N N 45  
ASN CG   C  N N 46  
ASN OD1  O  N N 47  
ASN ND2  N  N N 48  
ASN OXT  O  N N 49  
ASN H    H  N N 50  
ASN H2   H  N N 51  
ASN HA   H  N N 52  
ASN HB2  H  N N 53  
ASN HB3  H  N N 54  
ASN HD21 H  N N 55  
ASN HD22 H  N N 56  
ASN HXT  H  N N 57  
ASP N    N  N N 58  
ASP CA   C  N S 59  
ASP C    C  N N 60  
ASP O    O  N N 61  
ASP CB   C  N N 62  
ASP CG   C  N N 63  
ASP OD1  O  N N 64  
ASP OD2  O  N N 65  
ASP OXT  O  N N 66  
ASP H    H  N N 67  
ASP H2   H  N N 68  
ASP HA   H  N N 69  
ASP HB2  H  N N 70  
ASP HB3  H  N N 71  
ASP HD2  H  N N 72  
ASP HXT  H  N N 73  
CL  CL   CL N N 74  
GLN N    N  N N 75  
GLN CA   C  N S 76  
GLN C    C  N N 77  
GLN O    O  N N 78  
GLN CB   C  N N 79  
GLN CG   C  N N 80  
GLN CD   C  N N 81  
GLN OE1  O  N N 82  
GLN NE2  N  N N 83  
GLN OXT  O  N N 84  
GLN H    H  N N 85  
GLN H2   H  N N 86  
GLN HA   H  N N 87  
GLN HB2  H  N N 88  
GLN HB3  H  N N 89  
GLN HG2  H  N N 90  
GLN HG3  H  N N 91  
GLN HE21 H  N N 92  
GLN HE22 H  N N 93  
GLN HXT  H  N N 94  
GLU N    N  N N 95  
GLU CA   C  N S 96  
GLU C    C  N N 97  
GLU O    O  N N 98  
GLU CB   C  N N 99  
GLU CG   C  N N 100 
GLU CD   C  N N 101 
GLU OE1  O  N N 102 
GLU OE2  O  N N 103 
GLU OXT  O  N N 104 
GLU H    H  N N 105 
GLU H2   H  N N 106 
GLU HA   H  N N 107 
GLU HB2  H  N N 108 
GLU HB3  H  N N 109 
GLU HG2  H  N N 110 
GLU HG3  H  N N 111 
GLU HE2  H  N N 112 
GLU HXT  H  N N 113 
GLY N    N  N N 114 
GLY CA   C  N N 115 
GLY C    C  N N 116 
GLY O    O  N N 117 
GLY OXT  O  N N 118 
GLY H    H  N N 119 
GLY H2   H  N N 120 
GLY HA2  H  N N 121 
GLY HA3  H  N N 122 
GLY HXT  H  N N 123 
GOL C1   C  N N 124 
GOL O1   O  N N 125 
GOL C2   C  N N 126 
GOL O2   O  N N 127 
GOL C3   C  N N 128 
GOL O3   O  N N 129 
GOL H11  H  N N 130 
GOL H12  H  N N 131 
GOL HO1  H  N N 132 
GOL H2   H  N N 133 
GOL HO2  H  N N 134 
GOL H31  H  N N 135 
GOL H32  H  N N 136 
GOL HO3  H  N N 137 
HIS N    N  N N 138 
HIS CA   C  N S 139 
HIS C    C  N N 140 
HIS O    O  N N 141 
HIS CB   C  N N 142 
HIS CG   C  Y N 143 
HIS ND1  N  Y N 144 
HIS CD2  C  Y N 145 
HIS CE1  C  Y N 146 
HIS NE2  N  Y N 147 
HIS OXT  O  N N 148 
HIS H    H  N N 149 
HIS H2   H  N N 150 
HIS HA   H  N N 151 
HIS HB2  H  N N 152 
HIS HB3  H  N N 153 
HIS HD1  H  N N 154 
HIS HD2  H  N N 155 
HIS HE1  H  N N 156 
HIS HE2  H  N N 157 
HIS HXT  H  N N 158 
HOH O    O  N N 159 
HOH H1   H  N N 160 
HOH H2   H  N N 161 
ILE N    N  N N 162 
ILE CA   C  N S 163 
ILE C    C  N N 164 
ILE O    O  N N 165 
ILE CB   C  N S 166 
ILE CG1  C  N N 167 
ILE CG2  C  N N 168 
ILE CD1  C  N N 169 
ILE OXT  O  N N 170 
ILE H    H  N N 171 
ILE H2   H  N N 172 
ILE HA   H  N N 173 
ILE HB   H  N N 174 
ILE HG12 H  N N 175 
ILE HG13 H  N N 176 
ILE HG21 H  N N 177 
ILE HG22 H  N N 178 
ILE HG23 H  N N 179 
ILE HD11 H  N N 180 
ILE HD12 H  N N 181 
ILE HD13 H  N N 182 
ILE HXT  H  N N 183 
LEU N    N  N N 184 
LEU CA   C  N S 185 
LEU C    C  N N 186 
LEU O    O  N N 187 
LEU CB   C  N N 188 
LEU CG   C  N N 189 
LEU CD1  C  N N 190 
LEU CD2  C  N N 191 
LEU OXT  O  N N 192 
LEU H    H  N N 193 
LEU H2   H  N N 194 
LEU HA   H  N N 195 
LEU HB2  H  N N 196 
LEU HB3  H  N N 197 
LEU HG   H  N N 198 
LEU HD11 H  N N 199 
LEU HD12 H  N N 200 
LEU HD13 H  N N 201 
LEU HD21 H  N N 202 
LEU HD22 H  N N 203 
LEU HD23 H  N N 204 
LEU HXT  H  N N 205 
LYS N    N  N N 206 
LYS CA   C  N S 207 
LYS C    C  N N 208 
LYS O    O  N N 209 
LYS CB   C  N N 210 
LYS CG   C  N N 211 
LYS CD   C  N N 212 
LYS CE   C  N N 213 
LYS NZ   N  N N 214 
LYS OXT  O  N N 215 
LYS H    H  N N 216 
LYS H2   H  N N 217 
LYS HA   H  N N 218 
LYS HB2  H  N N 219 
LYS HB3  H  N N 220 
LYS HG2  H  N N 221 
LYS HG3  H  N N 222 
LYS HD2  H  N N 223 
LYS HD3  H  N N 224 
LYS HE2  H  N N 225 
LYS HE3  H  N N 226 
LYS HZ1  H  N N 227 
LYS HZ2  H  N N 228 
LYS HZ3  H  N N 229 
LYS HXT  H  N N 230 
MSE N    N  N N 231 
MSE CA   C  N S 232 
MSE C    C  N N 233 
MSE O    O  N N 234 
MSE OXT  O  N N 235 
MSE CB   C  N N 236 
MSE CG   C  N N 237 
MSE SE   SE N N 238 
MSE CE   C  N N 239 
MSE H    H  N N 240 
MSE H2   H  N N 241 
MSE HA   H  N N 242 
MSE HXT  H  N N 243 
MSE HB2  H  N N 244 
MSE HB3  H  N N 245 
MSE HG2  H  N N 246 
MSE HG3  H  N N 247 
MSE HE1  H  N N 248 
MSE HE2  H  N N 249 
MSE HE3  H  N N 250 
PHE N    N  N N 251 
PHE CA   C  N S 252 
PHE C    C  N N 253 
PHE O    O  N N 254 
PHE CB   C  N N 255 
PHE CG   C  Y N 256 
PHE CD1  C  Y N 257 
PHE CD2  C  Y N 258 
PHE CE1  C  Y N 259 
PHE CE2  C  Y N 260 
PHE CZ   C  Y N 261 
PHE OXT  O  N N 262 
PHE H    H  N N 263 
PHE H2   H  N N 264 
PHE HA   H  N N 265 
PHE HB2  H  N N 266 
PHE HB3  H  N N 267 
PHE HD1  H  N N 268 
PHE HD2  H  N N 269 
PHE HE1  H  N N 270 
PHE HE2  H  N N 271 
PHE HZ   H  N N 272 
PHE HXT  H  N N 273 
PRO N    N  N N 274 
PRO CA   C  N S 275 
PRO C    C  N N 276 
PRO O    O  N N 277 
PRO CB   C  N N 278 
PRO CG   C  N N 279 
PRO CD   C  N N 280 
PRO OXT  O  N N 281 
PRO H    H  N N 282 
PRO HA   H  N N 283 
PRO HB2  H  N N 284 
PRO HB3  H  N N 285 
PRO HG2  H  N N 286 
PRO HG3  H  N N 287 
PRO HD2  H  N N 288 
PRO HD3  H  N N 289 
PRO HXT  H  N N 290 
SER N    N  N N 291 
SER CA   C  N S 292 
SER C    C  N N 293 
SER O    O  N N 294 
SER CB   C  N N 295 
SER OG   O  N N 296 
SER OXT  O  N N 297 
SER H    H  N N 298 
SER H2   H  N N 299 
SER HA   H  N N 300 
SER HB2  H  N N 301 
SER HB3  H  N N 302 
SER HG   H  N N 303 
SER HXT  H  N N 304 
THR N    N  N N 305 
THR CA   C  N S 306 
THR C    C  N N 307 
THR O    O  N N 308 
THR CB   C  N R 309 
THR OG1  O  N N 310 
THR CG2  C  N N 311 
THR OXT  O  N N 312 
THR H    H  N N 313 
THR H2   H  N N 314 
THR HA   H  N N 315 
THR HB   H  N N 316 
THR HG1  H  N N 317 
THR HG21 H  N N 318 
THR HG22 H  N N 319 
THR HG23 H  N N 320 
THR HXT  H  N N 321 
TRP N    N  N N 322 
TRP CA   C  N S 323 
TRP C    C  N N 324 
TRP O    O  N N 325 
TRP CB   C  N N 326 
TRP CG   C  Y N 327 
TRP CD1  C  Y N 328 
TRP CD2  C  Y N 329 
TRP NE1  N  Y N 330 
TRP CE2  C  Y N 331 
TRP CE3  C  Y N 332 
TRP CZ2  C  Y N 333 
TRP CZ3  C  Y N 334 
TRP CH2  C  Y N 335 
TRP OXT  O  N N 336 
TRP H    H  N N 337 
TRP H2   H  N N 338 
TRP HA   H  N N 339 
TRP HB2  H  N N 340 
TRP HB3  H  N N 341 
TRP HD1  H  N N 342 
TRP HE1  H  N N 343 
TRP HE3  H  N N 344 
TRP HZ2  H  N N 345 
TRP HZ3  H  N N 346 
TRP HH2  H  N N 347 
TRP HXT  H  N N 348 
TYR N    N  N N 349 
TYR CA   C  N S 350 
TYR C    C  N N 351 
TYR O    O  N N 352 
TYR CB   C  N N 353 
TYR CG   C  Y N 354 
TYR CD1  C  Y N 355 
TYR CD2  C  Y N 356 
TYR CE1  C  Y N 357 
TYR CE2  C  Y N 358 
TYR CZ   C  Y N 359 
TYR OH   O  N N 360 
TYR OXT  O  N N 361 
TYR H    H  N N 362 
TYR H2   H  N N 363 
TYR HA   H  N N 364 
TYR HB2  H  N N 365 
TYR HB3  H  N N 366 
TYR HD1  H  N N 367 
TYR HD2  H  N N 368 
TYR HE1  H  N N 369 
TYR HE2  H  N N 370 
TYR HH   H  N N 371 
TYR HXT  H  N N 372 
VAL N    N  N N 373 
VAL CA   C  N S 374 
VAL C    C  N N 375 
VAL O    O  N N 376 
VAL CB   C  N N 377 
VAL CG1  C  N N 378 
VAL CG2  C  N N 379 
VAL OXT  O  N N 380 
VAL H    H  N N 381 
VAL H2   H  N N 382 
VAL HA   H  N N 383 
VAL HB   H  N N 384 
VAL HG11 H  N N 385 
VAL HG12 H  N N 386 
VAL HG13 H  N N 387 
VAL HG21 H  N N 388 
VAL HG22 H  N N 389 
VAL HG23 H  N N 390 
VAL HXT  H  N N 391 
# 
loop_
_chem_comp_bond.comp_id 
_chem_comp_bond.atom_id_1 
_chem_comp_bond.atom_id_2 
_chem_comp_bond.value_order 
_chem_comp_bond.pdbx_aromatic_flag 
_chem_comp_bond.pdbx_stereo_config 
_chem_comp_bond.pdbx_ordinal 
ALA N   CA   sing N N 1   
ALA N   H    sing N N 2   
ALA N   H2   sing N N 3   
ALA CA  C    sing N N 4   
ALA CA  CB   sing N N 5   
ALA CA  HA   sing N N 6   
ALA C   O    doub N N 7   
ALA C   OXT  sing N N 8   
ALA CB  HB1  sing N N 9   
ALA CB  HB2  sing N N 10  
ALA CB  HB3  sing N N 11  
ALA OXT HXT  sing N N 12  
ARG N   CA   sing N N 13  
ARG N   H    sing N N 14  
ARG N   H2   sing N N 15  
ARG CA  C    sing N N 16  
ARG CA  CB   sing N N 17  
ARG CA  HA   sing N N 18  
ARG C   O    doub N N 19  
ARG C   OXT  sing N N 20  
ARG CB  CG   sing N N 21  
ARG CB  HB2  sing N N 22  
ARG CB  HB3  sing N N 23  
ARG CG  CD   sing N N 24  
ARG CG  HG2  sing N N 25  
ARG CG  HG3  sing N N 26  
ARG CD  NE   sing N N 27  
ARG CD  HD2  sing N N 28  
ARG CD  HD3  sing N N 29  
ARG NE  CZ   sing N N 30  
ARG NE  HE   sing N N 31  
ARG CZ  NH1  sing N N 32  
ARG CZ  NH2  doub N N 33  
ARG NH1 HH11 sing N N 34  
ARG NH1 HH12 sing N N 35  
ARG NH2 HH21 sing N N 36  
ARG NH2 HH22 sing N N 37  
ARG OXT HXT  sing N N 38  
ASN N   CA   sing N N 39  
ASN N   H    sing N N 40  
ASN N   H2   sing N N 41  
ASN CA  C    sing N N 42  
ASN CA  CB   sing N N 43  
ASN CA  HA   sing N N 44  
ASN C   O    doub N N 45  
ASN C   OXT  sing N N 46  
ASN CB  CG   sing N N 47  
ASN CB  HB2  sing N N 48  
ASN CB  HB3  sing N N 49  
ASN CG  OD1  doub N N 50  
ASN CG  ND2  sing N N 51  
ASN ND2 HD21 sing N N 52  
ASN ND2 HD22 sing N N 53  
ASN OXT HXT  sing N N 54  
ASP N   CA   sing N N 55  
ASP N   H    sing N N 56  
ASP N   H2   sing N N 57  
ASP CA  C    sing N N 58  
ASP CA  CB   sing N N 59  
ASP CA  HA   sing N N 60  
ASP C   O    doub N N 61  
ASP C   OXT  sing N N 62  
ASP CB  CG   sing N N 63  
ASP CB  HB2  sing N N 64  
ASP CB  HB3  sing N N 65  
ASP CG  OD1  doub N N 66  
ASP CG  OD2  sing N N 67  
ASP OD2 HD2  sing N N 68  
ASP OXT HXT  sing N N 69  
GLN N   CA   sing N N 70  
GLN N   H    sing N N 71  
GLN N   H2   sing N N 72  
GLN CA  C    sing N N 73  
GLN CA  CB   sing N N 74  
GLN CA  HA   sing N N 75  
GLN C   O    doub N N 76  
GLN C   OXT  sing N N 77  
GLN CB  CG   sing N N 78  
GLN CB  HB2  sing N N 79  
GLN CB  HB3  sing N N 80  
GLN CG  CD   sing N N 81  
GLN CG  HG2  sing N N 82  
GLN CG  HG3  sing N N 83  
GLN CD  OE1  doub N N 84  
GLN CD  NE2  sing N N 85  
GLN NE2 HE21 sing N N 86  
GLN NE2 HE22 sing N N 87  
GLN OXT HXT  sing N N 88  
GLU N   CA   sing N N 89  
GLU N   H    sing N N 90  
GLU N   H2   sing N N 91  
GLU CA  C    sing N N 92  
GLU CA  CB   sing N N 93  
GLU CA  HA   sing N N 94  
GLU C   O    doub N N 95  
GLU C   OXT  sing N N 96  
GLU CB  CG   sing N N 97  
GLU CB  HB2  sing N N 98  
GLU CB  HB3  sing N N 99  
GLU CG  CD   sing N N 100 
GLU CG  HG2  sing N N 101 
GLU CG  HG3  sing N N 102 
GLU CD  OE1  doub N N 103 
GLU CD  OE2  sing N N 104 
GLU OE2 HE2  sing N N 105 
GLU OXT HXT  sing N N 106 
GLY N   CA   sing N N 107 
GLY N   H    sing N N 108 
GLY N   H2   sing N N 109 
GLY CA  C    sing N N 110 
GLY CA  HA2  sing N N 111 
GLY CA  HA3  sing N N 112 
GLY C   O    doub N N 113 
GLY C   OXT  sing N N 114 
GLY OXT HXT  sing N N 115 
GOL C1  O1   sing N N 116 
GOL C1  C2   sing N N 117 
GOL C1  H11  sing N N 118 
GOL C1  H12  sing N N 119 
GOL O1  HO1  sing N N 120 
GOL C2  O2   sing N N 121 
GOL C2  C3   sing N N 122 
GOL C2  H2   sing N N 123 
GOL O2  HO2  sing N N 124 
GOL C3  O3   sing N N 125 
GOL C3  H31  sing N N 126 
GOL C3  H32  sing N N 127 
GOL O3  HO3  sing N N 128 
HIS N   CA   sing N N 129 
HIS N   H    sing N N 130 
HIS N   H2   sing N N 131 
HIS CA  C    sing N N 132 
HIS CA  CB   sing N N 133 
HIS CA  HA   sing N N 134 
HIS C   O    doub N N 135 
HIS C   OXT  sing N N 136 
HIS CB  CG   sing N N 137 
HIS CB  HB2  sing N N 138 
HIS CB  HB3  sing N N 139 
HIS CG  ND1  sing Y N 140 
HIS CG  CD2  doub Y N 141 
HIS ND1 CE1  doub Y N 142 
HIS ND1 HD1  sing N N 143 
HIS CD2 NE2  sing Y N 144 
HIS CD2 HD2  sing N N 145 
HIS CE1 NE2  sing Y N 146 
HIS CE1 HE1  sing N N 147 
HIS NE2 HE2  sing N N 148 
HIS OXT HXT  sing N N 149 
HOH O   H1   sing N N 150 
HOH O   H2   sing N N 151 
ILE N   CA   sing N N 152 
ILE N   H    sing N N 153 
ILE N   H2   sing N N 154 
ILE CA  C    sing N N 155 
ILE CA  CB   sing N N 156 
ILE CA  HA   sing N N 157 
ILE C   O    doub N N 158 
ILE C   OXT  sing N N 159 
ILE CB  CG1  sing N N 160 
ILE CB  CG2  sing N N 161 
ILE CB  HB   sing N N 162 
ILE CG1 CD1  sing N N 163 
ILE CG1 HG12 sing N N 164 
ILE CG1 HG13 sing N N 165 
ILE CG2 HG21 sing N N 166 
ILE CG2 HG22 sing N N 167 
ILE CG2 HG23 sing N N 168 
ILE CD1 HD11 sing N N 169 
ILE CD1 HD12 sing N N 170 
ILE CD1 HD13 sing N N 171 
ILE OXT HXT  sing N N 172 
LEU N   CA   sing N N 173 
LEU N   H    sing N N 174 
LEU N   H2   sing N N 175 
LEU CA  C    sing N N 176 
LEU CA  CB   sing N N 177 
LEU CA  HA   sing N N 178 
LEU C   O    doub N N 179 
LEU C   OXT  sing N N 180 
LEU CB  CG   sing N N 181 
LEU CB  HB2  sing N N 182 
LEU CB  HB3  sing N N 183 
LEU CG  CD1  sing N N 184 
LEU CG  CD2  sing N N 185 
LEU CG  HG   sing N N 186 
LEU CD1 HD11 sing N N 187 
LEU CD1 HD12 sing N N 188 
LEU CD1 HD13 sing N N 189 
LEU CD2 HD21 sing N N 190 
LEU CD2 HD22 sing N N 191 
LEU CD2 HD23 sing N N 192 
LEU OXT HXT  sing N N 193 
LYS N   CA   sing N N 194 
LYS N   H    sing N N 195 
LYS N   H2   sing N N 196 
LYS CA  C    sing N N 197 
LYS CA  CB   sing N N 198 
LYS CA  HA   sing N N 199 
LYS C   O    doub N N 200 
LYS C   OXT  sing N N 201 
LYS CB  CG   sing N N 202 
LYS CB  HB2  sing N N 203 
LYS CB  HB3  sing N N 204 
LYS CG  CD   sing N N 205 
LYS CG  HG2  sing N N 206 
LYS CG  HG3  sing N N 207 
LYS CD  CE   sing N N 208 
LYS CD  HD2  sing N N 209 
LYS CD  HD3  sing N N 210 
LYS CE  NZ   sing N N 211 
LYS CE  HE2  sing N N 212 
LYS CE  HE3  sing N N 213 
LYS NZ  HZ1  sing N N 214 
LYS NZ  HZ2  sing N N 215 
LYS NZ  HZ3  sing N N 216 
LYS OXT HXT  sing N N 217 
MSE N   CA   sing N N 218 
MSE N   H    sing N N 219 
MSE N   H2   sing N N 220 
MSE CA  C    sing N N 221 
MSE CA  CB   sing N N 222 
MSE CA  HA   sing N N 223 
MSE C   O    doub N N 224 
MSE C   OXT  sing N N 225 
MSE OXT HXT  sing N N 226 
MSE CB  CG   sing N N 227 
MSE CB  HB2  sing N N 228 
MSE CB  HB3  sing N N 229 
MSE CG  SE   sing N N 230 
MSE CG  HG2  sing N N 231 
MSE CG  HG3  sing N N 232 
MSE SE  CE   sing N N 233 
MSE CE  HE1  sing N N 234 
MSE CE  HE2  sing N N 235 
MSE CE  HE3  sing N N 236 
PHE N   CA   sing N N 237 
PHE N   H    sing N N 238 
PHE N   H2   sing N N 239 
PHE CA  C    sing N N 240 
PHE CA  CB   sing N N 241 
PHE CA  HA   sing N N 242 
PHE C   O    doub N N 243 
PHE C   OXT  sing N N 244 
PHE CB  CG   sing N N 245 
PHE CB  HB2  sing N N 246 
PHE CB  HB3  sing N N 247 
PHE CG  CD1  doub Y N 248 
PHE CG  CD2  sing Y N 249 
PHE CD1 CE1  sing Y N 250 
PHE CD1 HD1  sing N N 251 
PHE CD2 CE2  doub Y N 252 
PHE CD2 HD2  sing N N 253 
PHE CE1 CZ   doub Y N 254 
PHE CE1 HE1  sing N N 255 
PHE CE2 CZ   sing Y N 256 
PHE CE2 HE2  sing N N 257 
PHE CZ  HZ   sing N N 258 
PHE OXT HXT  sing N N 259 
PRO N   CA   sing N N 260 
PRO N   CD   sing N N 261 
PRO N   H    sing N N 262 
PRO CA  C    sing N N 263 
PRO CA  CB   sing N N 264 
PRO CA  HA   sing N N 265 
PRO C   O    doub N N 266 
PRO C   OXT  sing N N 267 
PRO CB  CG   sing N N 268 
PRO CB  HB2  sing N N 269 
PRO CB  HB3  sing N N 270 
PRO CG  CD   sing N N 271 
PRO CG  HG2  sing N N 272 
PRO CG  HG3  sing N N 273 
PRO CD  HD2  sing N N 274 
PRO CD  HD3  sing N N 275 
PRO OXT HXT  sing N N 276 
SER N   CA   sing N N 277 
SER N   H    sing N N 278 
SER N   H2   sing N N 279 
SER CA  C    sing N N 280 
SER CA  CB   sing N N 281 
SER CA  HA   sing N N 282 
SER C   O    doub N N 283 
SER C   OXT  sing N N 284 
SER CB  OG   sing N N 285 
SER CB  HB2  sing N N 286 
SER CB  HB3  sing N N 287 
SER OG  HG   sing N N 288 
SER OXT HXT  sing N N 289 
THR N   CA   sing N N 290 
THR N   H    sing N N 291 
THR N   H2   sing N N 292 
THR CA  C    sing N N 293 
THR CA  CB   sing N N 294 
THR CA  HA   sing N N 295 
THR C   O    doub N N 296 
THR C   OXT  sing N N 297 
THR CB  OG1  sing N N 298 
THR CB  CG2  sing N N 299 
THR CB  HB   sing N N 300 
THR OG1 HG1  sing N N 301 
THR CG2 HG21 sing N N 302 
THR CG2 HG22 sing N N 303 
THR CG2 HG23 sing N N 304 
THR OXT HXT  sing N N 305 
TRP N   CA   sing N N 306 
TRP N   H    sing N N 307 
TRP N   H2   sing N N 308 
TRP CA  C    sing N N 309 
TRP CA  CB   sing N N 310 
TRP CA  HA   sing N N 311 
TRP C   O    doub N N 312 
TRP C   OXT  sing N N 313 
TRP CB  CG   sing N N 314 
TRP CB  HB2  sing N N 315 
TRP CB  HB3  sing N N 316 
TRP CG  CD1  doub Y N 317 
TRP CG  CD2  sing Y N 318 
TRP CD1 NE1  sing Y N 319 
TRP CD1 HD1  sing N N 320 
TRP CD2 CE2  doub Y N 321 
TRP CD2 CE3  sing Y N 322 
TRP NE1 CE2  sing Y N 323 
TRP NE1 HE1  sing N N 324 
TRP CE2 CZ2  sing Y N 325 
TRP CE3 CZ3  doub Y N 326 
TRP CE3 HE3  sing N N 327 
TRP CZ2 CH2  doub Y N 328 
TRP CZ2 HZ2  sing N N 329 
TRP CZ3 CH2  sing Y N 330 
TRP CZ3 HZ3  sing N N 331 
TRP CH2 HH2  sing N N 332 
TRP OXT HXT  sing N N 333 
TYR N   CA   sing N N 334 
TYR N   H    sing N N 335 
TYR N   H2   sing N N 336 
TYR CA  C    sing N N 337 
TYR CA  CB   sing N N 338 
TYR CA  HA   sing N N 339 
TYR C   O    doub N N 340 
TYR C   OXT  sing N N 341 
TYR CB  CG   sing N N 342 
TYR CB  HB2  sing N N 343 
TYR CB  HB3  sing N N 344 
TYR CG  CD1  doub Y N 345 
TYR CG  CD2  sing Y N 346 
TYR CD1 CE1  sing Y N 347 
TYR CD1 HD1  sing N N 348 
TYR CD2 CE2  doub Y N 349 
TYR CD2 HD2  sing N N 350 
TYR CE1 CZ   doub Y N 351 
TYR CE1 HE1  sing N N 352 
TYR CE2 CZ   sing Y N 353 
TYR CE2 HE2  sing N N 354 
TYR CZ  OH   sing N N 355 
TYR OH  HH   sing N N 356 
TYR OXT HXT  sing N N 357 
VAL N   CA   sing N N 358 
VAL N   H    sing N N 359 
VAL N   H2   sing N N 360 
VAL CA  C    sing N N 361 
VAL CA  CB   sing N N 362 
VAL CA  HA   sing N N 363 
VAL C   O    doub N N 364 
VAL C   OXT  sing N N 365 
VAL CB  CG1  sing N N 366 
VAL CB  CG2  sing N N 367 
VAL CB  HB   sing N N 368 
VAL CG1 HG11 sing N N 369 
VAL CG1 HG12 sing N N 370 
VAL CG1 HG13 sing N N 371 
VAL CG2 HG21 sing N N 372 
VAL CG2 HG22 sing N N 373 
VAL CG2 HG23 sing N N 374 
VAL OXT HXT  sing N N 375 
# 
_atom_sites.entry_id                    2INB 
_atom_sites.fract_transf_matrix[1][1]   -0.01446822 
_atom_sites.fract_transf_matrix[1][2]   0.01004790 
_atom_sites.fract_transf_matrix[1][3]   0.00810582 
_atom_sites.fract_transf_matrix[2][1]   0.00239978 
_atom_sites.fract_transf_matrix[2][2]   0.00809135 
_atom_sites.fract_transf_matrix[2][3]   0.01745690 
_atom_sites.fract_transf_matrix[3][1]   0.00471239 
_atom_sites.fract_transf_matrix[3][2]   0.01167274 
_atom_sites.fract_transf_matrix[3][3]   -0.00605817 
_atom_sites.fract_transf_vector[1]      0.629921 
_atom_sites.fract_transf_vector[2]      0.827758 
_atom_sites.fract_transf_vector[3]      0.123391 
# 
loop_
_atom_type.symbol 
C  
CL 
N  
O  
SE 
# 
loop_
_atom_site.group_PDB 
_atom_site.id 
_atom_site.type_symbol 
_atom_site.label_atom_id 
_atom_site.label_alt_id 
_atom_site.label_comp_id 
_atom_site.label_asym_id 
_atom_site.label_entity_id 
_atom_site.label_seq_id 
_atom_site.pdbx_PDB_ins_code 
_atom_site.Cartn_x 
_atom_site.Cartn_y 
_atom_site.Cartn_z 
_atom_site.occupancy 
_atom_site.B_iso_or_equiv 
_atom_site.pdbx_formal_charge 
_atom_site.auth_seq_id 
_atom_site.auth_comp_id 
_atom_site.auth_asym_id 
_atom_site.auth_atom_id 
_atom_site.pdbx_PDB_model_num 
ATOM   1    N  N   . ASP A 1 6   ? -3.847  8.741   10.535  1.00   41.12 ? 5   ASP A N   1 
ATOM   2    C  CA  . ASP A 1 6   ? -2.940  9.860   10.139  1.00   38.27 ? 5   ASP A CA  1 
ATOM   3    C  C   . ASP A 1 6   ? -1.512  9.538   10.553  1.00   34.82 ? 5   ASP A C   1 
ATOM   4    O  O   . ASP A 1 6   ? -0.561  9.818   9.815   1.00   29.37 ? 5   ASP A O   1 
ATOM   5    C  CB  . ASP A 1 6   ? -3.381  11.180  10.789  1.00   39.16 ? 5   ASP A CB  1 
ATOM   6    N  N   . VAL A 1 7   ? -1.360  8.976   11.750  1.00   33.85 ? 6   VAL A N   1 
ATOM   7    C  CA  . VAL A 1 7   ? -0.034  8.670   12.280  1.00   32.87 ? 6   VAL A CA  1 
ATOM   8    C  C   . VAL A 1 7   ? 0.682   7.637   11.393  1.00   30.53 ? 6   VAL A C   1 
ATOM   9    O  O   . VAL A 1 7   ? 1.835   7.855   11.011  1.00   24.51 ? 6   VAL A O   1 
ATOM   10   C  CB  . VAL A 1 7   ? -0.089  8.165   13.739  1.00   35.74 ? 6   VAL A CB  1 
ATOM   11   C  CG1 . VAL A 1 7   ? 1.320   7.767   14.208  1.00   36.22 ? 6   VAL A CG1 1 
ATOM   12   C  CG2 . VAL A 1 7   ? -0.692  9.251   14.658  1.00   33.53 ? 6   VAL A CG2 1 
ATOM   13   N  N   . PHE A 1 8   ? 0.001   6.537   11.064  1.00   28.38 ? 7   PHE A N   1 
ATOM   14   C  CA  . PHE A 1 8   ? 0.622   5.479   10.253  1.00   25.55 ? 7   PHE A CA  1 
ATOM   15   C  C   . PHE A 1 8   ? 0.899   5.946   8.821   1.00   23.11 ? 7   PHE A C   1 
ATOM   16   O  O   . PHE A 1 8   ? 1.895   5.580   8.172   1.00   22.02 ? 7   PHE A O   1 
ATOM   17   C  CB  . PHE A 1 8   ? -0.254  4.217   10.257  1.00   25.09 ? 7   PHE A CB  1 
ATOM   18   C  CG  . PHE A 1 8   ? -0.330  3.538   11.590  1.00   29.20 ? 7   PHE A CG  1 
ATOM   19   C  CD1 . PHE A 1 8   ? -1.287  3.929   12.542  1.00   32.06 ? 7   PHE A CD1 1 
ATOM   20   C  CD2 . PHE A 1 8   ? 0.535   2.509   11.910  1.00   25.52 ? 7   PHE A CD2 1 
ATOM   21   C  CE1 . PHE A 1 8   ? -1.345  3.298   13.781  1.00   34.70 ? 7   PHE A CE1 1 
ATOM   22   C  CE2 . PHE A 1 8   ? 0.475   1.870   13.132  1.00   29.74 ? 7   PHE A CE2 1 
ATOM   23   C  CZ  . PHE A 1 8   ? -0.453  2.264   14.077  1.00   35.27 ? 7   PHE A CZ  1 
ATOM   24   N  N   . HIS A 1 9   ? 0.021   6.808   8.333   1.00   21.51 ? 8   HIS A N   1 
ATOM   25   C  CA  . HIS A 1 9   ? 0.244   7.457   7.046   1.00   20.63 ? 8   HIS A CA  1 
ATOM   26   C  C   . HIS A 1 9   ? 1.584   8.221   7.039   1.00   22.55 ? 8   HIS A C   1 
ATOM   27   O  O   . HIS A 1 9   ? 2.371   8.105   6.089   1.00   21.13 ? 8   HIS A O   1 
ATOM   28   C  CB  . HIS A 1 9   ? -0.914  8.403   6.755   1.00   26.43 ? 8   HIS A CB  1 
ATOM   29   C  CG  . HIS A 1 9   ? -0.880  8.968   5.381   1.00   29.07 ? 8   HIS A CG  1 
ATOM   30   N  ND1 . HIS A 1 9   ? -1.581  8.410   4.336   1.00   28.45 ? 8   HIS A ND1 1 
ATOM   31   C  CD2 . HIS A 1 9   ? -0.226  10.039  4.872   1.00   35.17 ? 8   HIS A CD2 1 
ATOM   32   C  CE1 . HIS A 1 9   ? -1.360  9.109   3.240   1.00   37.52 ? 8   HIS A CE1 1 
ATOM   33   N  NE2 . HIS A 1 9   ? -0.542  10.105  3.538   1.00   37.00 ? 8   HIS A NE2 1 
ATOM   34   N  N   A GLN A 1 10  ? 1.837   8.957   8.123   0.50   22.02 ? 9   GLN A N   1 
ATOM   35   N  N   B GLN A 1 10  ? 1.812   8.988   8.116   0.50   21.30 ? 9   GLN A N   1 
ATOM   36   C  CA  A GLN A 1 10  ? 3.059   9.749   8.256   0.50   20.90 ? 9   GLN A CA  1 
ATOM   37   C  CA  B GLN A 1 10  ? 3.052   9.756   8.308   0.50   19.42 ? 9   GLN A CA  1 
ATOM   38   C  C   A GLN A 1 10  ? 4.279   8.856   8.492   0.50   16.34 ? 9   GLN A C   1 
ATOM   39   C  C   B GLN A 1 10  ? 4.242   8.804   8.414   0.50   14.79 ? 9   GLN A C   1 
ATOM   40   O  O   A GLN A 1 10  ? 5.371   9.168   8.021   0.50   17.29 ? 9   GLN A O   1 
ATOM   41   O  O   B GLN A 1 10  ? 5.269   9.014   7.773   0.50   13.83 ? 9   GLN A O   1 
ATOM   42   C  CB  A GLN A 1 10  ? 2.913   10.790  9.358   0.50   22.39 ? 9   GLN A CB  1 
ATOM   43   C  CB  B GLN A 1 10  ? 2.991   10.642  9.552   0.50   20.76 ? 9   GLN A CB  1 
ATOM   44   C  CG  A GLN A 1 10  ? 1.776   11.782  9.084   0.50   21.60 ? 9   GLN A CG  1 
ATOM   45   C  CG  B GLN A 1 10  ? 4.309   11.338  9.914   0.50   20.02 ? 9   GLN A CG  1 
ATOM   46   C  CD  A GLN A 1 10  ? 1.870   12.420  7.695   0.50   24.12 ? 9   GLN A CD  1 
ATOM   47   C  CD  B GLN A 1 10  ? 4.698   12.474  8.967   0.50   26.33 ? 9   GLN A CD  1 
ATOM   48   O  OE1 A GLN A 1 10  ? 0.880   12.501  6.965   0.50   30.40 ? 9   GLN A OE1 1 
ATOM   49   O  OE1 B GLN A 1 10  ? 4.388   12.456  7.772   0.50   34.30 ? 9   GLN A OE1 1 
ATOM   50   N  NE2 A GLN A 1 10  ? 3.069   12.850  7.322   0.50   23.53 ? 9   GLN A NE2 1 
ATOM   51   N  NE2 B GLN A 1 10  ? 5.404   13.454  9.501   0.50   33.11 ? 9   GLN A NE2 1 
ATOM   52   N  N   . VAL A 1 11  ? 4.097   7.755   9.221   1.00   14.44 ? 10  VAL A N   1 
ATOM   53   C  CA  . VAL A 1 11  ? 5.168   6.747   9.393   1.00   14.83 ? 10  VAL A CA  1 
ATOM   54   C  C   . VAL A 1 11  ? 5.632   6.207   8.010   1.00   13.83 ? 10  VAL A C   1 
ATOM   55   O  O   . VAL A 1 11  ? 6.851   6.136   7.729   1.00   15.07 ? 10  VAL A O   1 
ATOM   56   C  CB  . VAL A 1 11  ? 4.704   5.554   10.258  1.00   14.71 ? 10  VAL A CB  1 
ATOM   57   C  CG1 . VAL A 1 11  ? 5.668   4.385   10.185  1.00   16.80 ? 10  VAL A CG1 1 
ATOM   58   C  CG2 . VAL A 1 11  ? 4.529   5.975   11.755  1.00   16.19 ? 10  VAL A CG2 1 
ATOM   59   N  N   . VAL A 1 12  ? 4.668   5.853   7.148   1.00   13.88 ? 11  VAL A N   1 
ATOM   60   C  CA  . VAL A 1 12  ? 5.041   5.301   5.856   1.00   13.80 ? 11  VAL A CA  1 
ATOM   61   C  C   . VAL A 1 12  ? 5.753   6.342   4.975   1.00   14.14 ? 11  VAL A C   1 
ATOM   62   O  O   . VAL A 1 12  ? 6.759   6.047   4.287   1.00   14.83 ? 11  VAL A O   1 
ATOM   63   C  CB  . VAL A 1 12  ? 3.851   4.643   5.117   1.00   16.22 ? 11  VAL A CB  1 
ATOM   64   C  CG1 . VAL A 1 12  ? 4.308   4.128   3.761   1.00   17.00 ? 11  VAL A CG1 1 
ATOM   65   C  CG2 . VAL A 1 12  ? 3.297   3.488   5.964   1.00   17.19 ? 11  VAL A CG2 1 
ATOM   66   N  N   A LYS A 1 13  ? 5.258   7.575   4.962   0.50   12.69 ? 12  LYS A N   1 
ATOM   67   N  N   B LYS A 1 13  ? 5.240   7.565   4.978   0.50   13.05 ? 12  LYS A N   1 
ATOM   68   C  CA  A LYS A 1 13  ? 5.963   8.648   4.220   0.50   13.14 ? 12  LYS A CA  1 
ATOM   69   C  CA  B LYS A 1 13  ? 5.918   8.682   4.298   0.50   14.35 ? 12  LYS A CA  1 
ATOM   70   C  C   A LYS A 1 13  ? 7.411   8.800   4.647   0.50   14.12 ? 12  LYS A C   1 
ATOM   71   C  C   B LYS A 1 13  ? 7.355   8.872   4.795   0.50   13.74 ? 12  LYS A C   1 
ATOM   72   O  O   A LYS A 1 13  ? 8.317   8.860   3.794   0.50   13.80 ? 12  LYS A O   1 
ATOM   73   O  O   B LYS A 1 13  ? 8.296   9.027   4.001   0.50   14.64 ? 12  LYS A O   1 
ATOM   74   C  CB  A LYS A 1 13  ? 5.219   9.991   4.360   0.50   14.36 ? 12  LYS A CB  1 
ATOM   75   C  CB  B LYS A 1 13  ? 5.073   9.959   4.500   0.50   15.42 ? 12  LYS A CB  1 
ATOM   76   C  CG  A LYS A 1 13  ? 3.894   10.022  3.667   0.50   13.64 ? 12  LYS A CG  1 
ATOM   77   C  CG  B LYS A 1 13  ? 5.475   11.134  3.646   0.50   19.43 ? 12  LYS A CG  1 
ATOM   78   C  CD  A LYS A 1 13  ? 3.158   11.337  3.855   0.50   16.76 ? 12  LYS A CD  1 
ATOM   79   C  CD  B LYS A 1 13  ? 4.665   12.409  3.990   0.50   17.65 ? 12  LYS A CD  1 
ATOM   80   C  CE  A LYS A 1 13  ? 3.781   12.419  2.998   0.50   24.47 ? 12  LYS A CE  1 
ATOM   81   C  CE  B LYS A 1 13  ? 3.184   12.207  3.711   0.50   27.85 ? 12  LYS A CE  1 
ATOM   82   N  N   A ILE A 1 14  ? 7.632   8.879   5.957   0.50   14.24 ? 13  ILE A N   1 
ATOM   83   N  N   B ILE A 1 14  ? 7.540   8.889   6.107   0.50   12.73 ? 13  ILE A N   1 
ATOM   84   C  CA  A ILE A 1 14  ? 8.998   9.011   6.507   0.50   14.66 ? 13  ILE A CA  1 
ATOM   85   C  CA  B ILE A 1 14  ? 8.896   8.959   6.681   0.50   12.68 ? 13  ILE A CA  1 
ATOM   86   C  C   A ILE A 1 14  ? 9.838   7.791   6.122   0.50   13.95 ? 13  ILE A C   1 
ATOM   87   C  C   B ILE A 1 14  ? 9.786   7.815   6.170   0.50   13.58 ? 13  ILE A C   1 
ATOM   88   O  O   A ILE A 1 14  ? 10.995  7.929   5.711   0.50   14.33 ? 13  ILE A O   1 
ATOM   89   O  O   B ILE A 1 14  ? 10.927  8.031   5.751   0.50   15.52 ? 13  ILE A O   1 
ATOM   90   C  CB  A ILE A 1 14  ? 8.978   9.277   8.050   0.50   16.27 ? 13  ILE A CB  1 
ATOM   91   C  CB  B ILE A 1 14  ? 8.839   8.974   8.236   0.50   15.21 ? 13  ILE A CB  1 
ATOM   92   C  CG1 A ILE A 1 14  ? 8.260   10.601  8.354   0.50   19.65 ? 13  ILE A CG1 1 
ATOM   93   C  CG1 B ILE A 1 14  ? 8.286   10.313  8.736   0.50   14.82 ? 13  ILE A CG1 1 
ATOM   94   C  CG2 A ILE A 1 14  ? 10.388  9.298   8.601   0.50   14.40 ? 13  ILE A CG2 1 
ATOM   95   C  CG2 B ILE A 1 14  ? 10.202  8.707   8.812   0.50   9.03  ? 13  ILE A CG2 1 
ATOM   96   C  CD1 A ILE A 1 14  ? 7.711   10.710  9.766   0.50   17.31 ? 13  ILE A CD1 1 
ATOM   97   C  CD1 B ILE A 1 14  ? 9.139   11.523  8.373   0.50   15.97 ? 13  ILE A CD1 1 
ATOM   98   N  N   . ALA A 1 15  ? 9.271   6.589   6.239   1.00   14.23 ? 14  ALA A N   1 
ATOM   99   C  CA  . ALA A 1 15  ? 10.026  5.393   5.833   1.00   13.03 ? 14  ALA A CA  1 
ATOM   100  C  C   . ALA A 1 15  ? 10.429  5.482   4.360   1.00   15.18 ? 14  ALA A C   1 
ATOM   101  O  O   . ALA A 1 15  ? 11.561  5.172   4.028   1.00   14.57 ? 14  ALA A O   1 
ATOM   102  C  CB  . ALA A 1 15  ? 9.237   4.109   6.115   1.00   13.40 ? 14  ALA A CB  1 
ATOM   103  N  N   . LEU A 1 16  ? 9.491   5.892   3.490   1.00   14.08 ? 15  LEU A N   1 
ATOM   104  C  CA  . LEU A 1 16  ? 9.791   6.086   2.077   1.00   13.92 ? 15  LEU A CA  1 
ATOM   105  C  C   . LEU A 1 16  ? 10.895  7.142   1.862   1.00   13.24 ? 15  LEU A C   1 
ATOM   106  O  O   . LEU A 1 16  ? 11.842  6.955   1.105   1.00   14.77 ? 15  LEU A O   1 
ATOM   107  C  CB  . LEU A 1 16  ? 8.514   6.472   1.336   1.00   15.23 ? 15  LEU A CB  1 
ATOM   108  C  CG  . LEU A 1 16  ? 7.550   5.328   1.024   1.00   15.13 ? 15  LEU A CG  1 
ATOM   109  C  CD1 . LEU A 1 16  ? 6.197   5.960   0.632   1.00   15.31 ? 15  LEU A CD1 1 
ATOM   110  C  CD2 . LEU A 1 16  ? 8.102   4.422   -0.152  1.00   14.93 ? 15  LEU A CD2 1 
ATOM   111  N  N   . GLU A 1 17  ? 10.775  8.261   2.571   1.00   12.67 ? 16  GLU A N   1 
ATOM   112  C  CA  . GLU A 1 17  ? 11.727  9.353   2.443   1.00   14.20 ? 16  GLU A CA  1 
ATOM   113  C  C   . GLU A 1 17  ? 13.128  8.915   2.857   1.00   13.68 ? 16  GLU A C   1 
ATOM   114  O  O   . GLU A 1 17  ? 14.123  9.267   2.208   1.00   16.25 ? 16  GLU A O   1 
ATOM   115  C  CB  . GLU A 1 17  ? 11.228  10.572  3.203   1.00   15.60 ? 16  GLU A CB  1 
ATOM   116  C  CG  . GLU A 1 17  ? 10.072  11.198  2.482   1.00   17.67 ? 16  GLU A CG  1 
ATOM   117  C  CD  . GLU A 1 17  ? 9.310   12.214  3.293   1.00   24.78 ? 16  GLU A CD  1 
ATOM   118  O  OE1 . GLU A 1 17  ? 9.488   12.303  4.505   1.00   22.99 ? 16  GLU A OE1 1 
ATOM   119  O  OE2 . GLU A 1 17  ? 8.517   12.946  2.669   1.00   25.51 ? 16  GLU A OE2 1 
ATOM   120  N  N   . LYS A 1 18  ? 13.207  8.129   3.903   1.00   14.06 ? 17  LYS A N   1 
ATOM   121  C  CA  . LYS A 1 18  ? 14.515  7.636   4.356   1.00   14.09 ? 17  LYS A CA  1 
ATOM   122  C  C   . LYS A 1 18  ? 15.206  6.791   3.295   1.00   16.27 ? 17  LYS A C   1 
ATOM   123  O  O   . LYS A 1 18  ? 16.435  6.727   3.266   1.00   16.63 ? 17  LYS A O   1 
ATOM   124  C  CB  . LYS A 1 18  ? 14.411  6.809   5.631   1.00   15.06 ? 17  LYS A CB  1 
ATOM   125  C  CG  . LYS A 1 18  ? 14.084  7.617   6.850   1.00   14.99 ? 17  LYS A CG  1 
ATOM   126  C  CD  . LYS A 1 18  ? 13.886  6.731   8.064   1.00   16.40 ? 17  LYS A CD  1 
ATOM   127  C  CE  . LYS A 1 18  ? 13.662  7.521   9.321   1.00   17.81 ? 17  LYS A CE  1 
ATOM   128  N  NZ  . LYS A 1 18  ? 13.391  6.586   10.477  1.00   16.23 ? 17  LYS A NZ  1 
ATOM   129  N  N   . ASP A 1 19  ? 14.428  6.107   2.451   1.00   13.63 ? 18  ASP A N   1 
ATOM   130  C  CA  . ASP A 1 19  ? 14.945  5.236   1.382   1.00   12.85 ? 18  ASP A CA  1 
ATOM   131  C  C   . ASP A 1 19  ? 15.091  6.055   0.061   1.00   14.37 ? 18  ASP A C   1 
ATOM   132  O  O   . ASP A 1 19  ? 15.262  5.475   -1.004  1.00   14.55 ? 18  ASP A O   1 
ATOM   133  C  CB  . ASP A 1 19  ? 14.041  4.006   1.172   1.00   14.82 ? 18  ASP A CB  1 
ATOM   134  C  CG  . ASP A 1 19  ? 14.400  2.802   2.098   1.00   14.35 ? 18  ASP A CG  1 
ATOM   135  O  OD1 . ASP A 1 19  ? 15.061  3.017   3.138   1.00   15.49 ? 18  ASP A OD1 1 
ATOM   136  O  OD2 . ASP A 1 19  ? 13.986  1.694   1.714   1.00   17.49 ? 18  ASP A OD2 1 
ATOM   137  N  N   . GLY A 1 20  ? 14.952  7.362   0.148   1.00   13.57 ? 19  GLY A N   1 
ATOM   138  C  CA  . GLY A 1 20  ? 15.183  8.239   -0.978  1.00   16.17 ? 19  GLY A CA  1 
ATOM   139  C  C   . GLY A 1 20  ? 14.068  8.387   -1.960  1.00   14.74 ? 19  GLY A C   1 
ATOM   140  O  O   . GLY A 1 20  ? 14.279  8.901   -3.074  1.00   15.33 ? 19  GLY A O   1 
ATOM   141  N  N   . TRP A 1 21  ? 12.861  8.020   -1.530  1.00   13.33 ? 20  TRP A N   1 
ATOM   142  C  CA  . TRP A 1 21  ? 11.647  8.270   -2.362  1.00   15.42 ? 20  TRP A CA  1 
ATOM   143  C  C   . TRP A 1 21  ? 11.162  9.700   -2.192  1.00   16.22 ? 20  TRP A C   1 
ATOM   144  O  O   . TRP A 1 21  ? 11.178  10.266  -1.086  1.00   16.88 ? 20  TRP A O   1 
ATOM   145  C  CB  . TRP A 1 21  ? 10.527  7.263   -2.017  1.00   13.51 ? 20  TRP A CB  1 
ATOM   146  C  CG  . TRP A 1 21  ? 10.895  5.832   -2.289  1.00   14.07 ? 20  TRP A CG  1 
ATOM   147  C  CD1 . TRP A 1 21  ? 11.641  4.965   -1.484  1.00   14.83 ? 20  TRP A CD1 1 
ATOM   148  C  CD2 . TRP A 1 21  ? 10.619  5.096   -3.507  1.00   15.64 ? 20  TRP A CD2 1 
ATOM   149  N  NE1 . TRP A 1 21  ? 11.801  3.754   -2.139  1.00   14.81 ? 20  TRP A NE1 1 
ATOM   150  C  CE2 . TRP A 1 21  ? 11.205  3.815   -3.367  1.00   14.03 ? 20  TRP A CE2 1 
ATOM   151  C  CE3 . TRP A 1 21  ? 9.932   5.390   -4.709  1.00   15.90 ? 20  TRP A CE3 1 
ATOM   152  C  CZ2 . TRP A 1 21  ? 11.105  2.848   -4.369  1.00   15.65 ? 20  TRP A CZ2 1 
ATOM   153  C  CZ3 . TRP A 1 21  ? 9.867   4.459   -5.692  1.00   16.67 ? 20  TRP A CZ3 1 
ATOM   154  C  CH2 . TRP A 1 21  ? 10.458  3.196   -5.528  1.00   16.47 ? 20  TRP A CH2 1 
ATOM   155  N  N   A GLN A 1 22  ? 10.710  10.257  -3.307  0.50   12.86 ? 21  GLN A N   1 
ATOM   156  N  N   B GLN A 1 22  ? 10.701  10.271  -3.296  0.50   13.14 ? 21  GLN A N   1 
ATOM   157  C  CA  A GLN A 1 22  ? 10.040  11.531  -3.331  0.50   14.70 ? 21  GLN A CA  1 
ATOM   158  C  CA  B GLN A 1 22  ? 10.069  11.574  -3.295  0.50   14.95 ? 21  GLN A CA  1 
ATOM   159  C  C   A GLN A 1 22  ? 8.537   11.314  -3.310  0.50   14.62 ? 21  GLN A C   1 
ATOM   160  C  C   B GLN A 1 22  ? 8.558   11.400  -3.353  0.50   14.74 ? 21  GLN A C   1 
ATOM   161  O  O   A GLN A 1 22  ? 8.006   10.603  -4.171  0.50   13.89 ? 21  GLN A O   1 
ATOM   162  O  O   B GLN A 1 22  ? 8.052   10.822  -4.330  0.50   13.84 ? 21  GLN A O   1 
ATOM   163  C  CB  A GLN A 1 22  ? 10.441  12.295  -4.585  0.50   14.82 ? 21  GLN A CB  1 
ATOM   164  C  CB  B GLN A 1 22  ? 10.570  12.382  -4.492  0.50   15.98 ? 21  GLN A CB  1 
ATOM   165  C  CG  A GLN A 1 22  ? 10.034  13.766  -4.522  0.50   16.24 ? 21  GLN A CG  1 
ATOM   166  C  CG  B GLN A 1 22  ? 9.697   13.603  -4.859  0.50   21.06 ? 21  GLN A CG  1 
ATOM   167  C  CD  A GLN A 1 22  ? 10.001  14.459  -5.892  0.50   19.03 ? 21  GLN A CD  1 
ATOM   168  C  CD  B GLN A 1 22  ? 9.804   14.769  -3.876  0.50   27.60 ? 21  GLN A CD  1 
ATOM   169  O  OE1 A GLN A 1 22  ? 10.667  14.038  -6.850  0.50   27.73 ? 21  GLN A OE1 1 
ATOM   170  O  OE1 B GLN A 1 22  ? 10.875  15.073  -3.364  0.50   33.35 ? 21  GLN A OE1 1 
ATOM   171  N  NE2 A GLN A 1 22  ? 9.200   15.505  -5.986  0.50   24.29 ? 21  GLN A NE2 1 
ATOM   172  N  NE2 B GLN A 1 22  ? 8.689   15.457  -3.655  0.50   35.04 ? 21  GLN A NE2 1 
ATOM   173  N  N   . ILE A 1 23  ? 7.844   11.904  -2.329  1.00   15.79 ? 22  ILE A N   1 
ATOM   174  C  CA  . ILE A 1 23  ? 6.383   11.861  -2.311  1.00   16.84 ? 22  ILE A CA  1 
ATOM   175  C  C   . ILE A 1 23  ? 5.856   12.951  -3.226  1.00   18.95 ? 22  ILE A C   1 
ATOM   176  O  O   . ILE A 1 23  ? 6.217   14.126  -3.065  1.00   20.06 ? 22  ILE A O   1 
ATOM   177  C  CB  . ILE A 1 23  ? 5.780   12.014  -0.889  1.00   18.67 ? 22  ILE A CB  1 
ATOM   178  C  CG1 . ILE A 1 23  ? 6.576   11.191  0.147   1.00   30.77 ? 22  ILE A CG1 1 
ATOM   179  C  CG2 . ILE A 1 23  ? 4.236   11.774  -0.860  1.00   22.52 ? 22  ILE A CG2 1 
ATOM   180  C  CD1 . ILE A 1 23  ? 6.544   9.765   -0.050  1.00   24.30 ? 22  ILE A CD1 1 
ATOM   181  N  N   . THR A 1 24  ? 5.063   12.545  -4.218  1.00   16.30 ? 23  THR A N   1 
ATOM   182  C  CA  . THR A 1 24  ? 4.559   13.499  -5.228  1.00   17.45 ? 23  THR A CA  1 
ATOM   183  C  C   . THR A 1 24  ? 3.075   13.827  -5.120  1.00   22.58 ? 23  THR A C   1 
ATOM   184  O  O   . THR A 1 24  ? 2.637   14.905  -5.588  1.00   24.59 ? 23  THR A O   1 
ATOM   185  C  CB  . THR A 1 24  ? 4.815   13.010  -6.635  1.00   19.06 ? 23  THR A CB  1 
ATOM   186  O  OG1 . THR A 1 24  ? 4.175   11.748  -6.803  1.00   17.41 ? 23  THR A OG1 1 
ATOM   187  C  CG2 . THR A 1 24  ? 6.301   12.870  -6.915  1.00   18.65 ? 23  THR A CG2 1 
ATOM   188  N  N   . ASN A 1 25  ? 2.303   12.932  -4.528  1.00   21.36 ? 24  ASN A N   1 
ATOM   189  C  CA  . ASN A 1 25  ? 0.883   13.154  -4.352  1.00   24.65 ? 24  ASN A CA  1 
ATOM   190  C  C   . ASN A 1 25  ? 0.460   12.443  -3.073  1.00   25.37 ? 24  ASN A C   1 
ATOM   191  O  O   . ASN A 1 25  ? 0.816   11.286  -2.812  1.00   22.55 ? 24  ASN A O   1 
ATOM   192  C  CB  . ASN A 1 25  ? 0.046   12.648  -5.574  1.00   22.24 ? 24  ASN A CB  1 
ATOM   193  C  CG  . ASN A 1 25  ? 0.615   13.123  -6.944  1.00   30.96 ? 24  ASN A CG  1 
ATOM   194  O  OD1 . ASN A 1 25  ? 1.512   12.471  -7.552  1.00   30.50 ? 24  ASN A OD1 1 
ATOM   195  N  ND2 . ASN A 1 25  ? 0.100   14.265  -7.426  1.00   32.51 ? 24  ASN A ND2 1 
ATOM   196  N  N   . ASP A 1 26  ? -0.282  13.149  -2.244  1.00   23.55 ? 25  ASP A N   1 
ATOM   197  C  CA  . ASP A 1 26  ? -0.812  12.546  -1.043  1.00   26.98 ? 25  ASP A CA  1 
ATOM   198  C  C   . ASP A 1 26  ? -1.994  13.421  -0.659  1.00   29.12 ? 25  ASP A C   1 
ATOM   199  O  O   . ASP A 1 26  ? -1.786  14.490  -0.083  1.00   31.54 ? 25  ASP A O   1 
ATOM   200  C  CB  . ASP A 1 26  ? 0.271   12.505  0.034   1.00   27.72 ? 25  ASP A CB  1 
ATOM   201  C  CG  . ASP A 1 26  ? -0.214  11.956  1.322   1.00   37.47 ? 25  ASP A CG  1 
ATOM   202  O  OD1 . ASP A 1 26  ? -1.298  11.335  1.326   1.00   42.95 ? 25  ASP A OD1 1 
ATOM   203  O  OD2 . ASP A 1 26  ? 0.484   12.174  2.337   1.00   44.18 ? 25  ASP A OD2 1 
ATOM   204  N  N   . PRO A 1 27  ? -3.217  13.001  -1.030  1.00   29.80 ? 26  PRO A N   1 
ATOM   205  C  CA  . PRO A 1 27  ? -3.546  11.713  -1.638  1.00   28.98 ? 26  PRO A CA  1 
ATOM   206  C  C   . PRO A 1 27  ? -3.313  11.686  -3.134  1.00   26.95 ? 26  PRO A C   1 
ATOM   207  O  O   . PRO A 1 27  ? -3.380  12.722  -3.813  1.00   25.59 ? 26  PRO A O   1 
ATOM   208  C  CB  . PRO A 1 27  ? -5.049  11.577  -1.355  1.00   32.61 ? 26  PRO A CB  1 
ATOM   209  C  CG  . PRO A 1 27  ? -5.541  12.931  -1.434  1.00   31.63 ? 26  PRO A CG  1 
ATOM   210  C  CD  . PRO A 1 27  ? -4.428  13.828  -0.892  1.00   32.59 ? 26  PRO A CD  1 
ATOM   211  N  N   . LEU A 1 28  ? -3.052  10.488  -3.649  1.00   25.29 ? 27  LEU A N   1 
ATOM   212  C  CA  . LEU A 1 28  ? -3.111  10.256  -5.080  1.00   25.79 ? 27  LEU A CA  1 
ATOM   213  C  C   . LEU A 1 28  ? -4.589  10.096  -5.403  1.00   28.45 ? 27  LEU A C   1 
ATOM   214  O  O   . LEU A 1 28  ? -5.246  9.204   -4.857  1.00   29.79 ? 27  LEU A O   1 
ATOM   215  C  CB  . LEU A 1 28  ? -2.342  8.982   -5.457  1.00   24.98 ? 27  LEU A CB  1 
ATOM   216  C  CG  . LEU A 1 28  ? -2.408  8.561   -6.934  1.00   28.34 ? 27  LEU A CG  1 
ATOM   217  C  CD1 . LEU A 1 28  ? -1.929  9.663   -7.882  1.00   31.43 ? 27  LEU A CD1 1 
ATOM   218  C  CD2 . LEU A 1 28  ? -1.594  7.308   -7.044  1.00   28.17 ? 27  LEU A CD2 1 
ATOM   219  N  N   . THR A 1 29  ? -5.109  10.973  -6.246  1.00   28.16 ? 28  THR A N   1 
ATOM   220  C  CA  . THR A 1 29  ? -6.520  10.871  -6.624  1.00   30.61 ? 28  THR A CA  1 
ATOM   221  C  C   . THR A 1 29  ? -6.625  10.233  -7.993  1.00   32.52 ? 28  THR A C   1 
ATOM   222  O  O   . THR A 1 29  ? -5.785  10.464  -8.896  1.00   32.48 ? 28  THR A O   1 
ATOM   223  C  CB  . THR A 1 29  ? -7.274  12.223  -6.521  1.00   34.05 ? 28  THR A CB  1 
ATOM   224  O  OG1 . THR A 1 29  ? -6.601  13.225  -7.298  1.00   37.71 ? 28  THR A OG1 1 
ATOM   225  C  CG2 . THR A 1 29  ? -7.346  12.645  -5.058  1.00   31.04 ? 28  THR A CG2 1 
ATOM   226  N  N   A ILE A 1 30  ? -7.689  9.469   -8.175  0.50   30.98 ? 29  ILE A N   1 
ATOM   227  N  N   B ILE A 1 30  ? -7.627  9.360   -8.116  0.50   31.93 ? 29  ILE A N   1 
ATOM   228  C  CA  A ILE A 1 30  ? -7.849  8.717   -9.396  0.50   30.94 ? 29  ILE A CA  1 
ATOM   229  C  CA  B ILE A 1 30  ? -7.890  8.611   -9.344  0.50   32.45 ? 29  ILE A CA  1 
ATOM   230  C  C   A ILE A 1 30  ? -9.341  8.519   -9.658  0.50   29.98 ? 29  ILE A C   1 
ATOM   231  C  C   B ILE A 1 30  ? -9.392  8.617   -9.624  0.50   31.07 ? 29  ILE A C   1 
ATOM   232  O  O   A ILE A 1 30  ? -10.078 8.110   -8.751  0.50   27.72 ? 29  ILE A O   1 
ATOM   233  O  O   B ILE A 1 30  ? -10.193 8.403   -8.706  0.50   30.37 ? 29  ILE A O   1 
ATOM   234  C  CB  A ILE A 1 30  ? -7.084  7.372   -9.286  0.50   31.63 ? 29  ILE A CB  1 
ATOM   235  C  CB  B ILE A 1 30  ? -7.500  7.106   -9.240  0.50   33.87 ? 29  ILE A CB  1 
ATOM   236  C  CG1 A ILE A 1 30  ? -7.143  6.592   -10.602 0.50   33.19 ? 29  ILE A CG1 1 
ATOM   237  C  CG1 B ILE A 1 30  ? -6.143  6.887   -8.564  0.50   33.13 ? 29  ILE A CG1 1 
ATOM   238  C  CG2 A ILE A 1 30  ? -7.618  6.529   -8.119  0.50   27.83 ? 29  ILE A CG2 1 
ATOM   239  C  CG2 B ILE A 1 30  ? -7.511  6.468   -10.630 0.50   35.55 ? 29  ILE A CG2 1 
ATOM   240  C  CD1 A ILE A 1 30  ? -6.101  5.499   -10.675 0.50   34.60 ? 29  ILE A CD1 1 
ATOM   241  C  CD1 B ILE A 1 30  ? -5.954  5.452   -8.084  0.50   31.54 ? 29  ILE A CD1 1 
ATOM   242  N  N   . SER A 1 31  ? -9.762  8.851   -10.882 1.00   28.97 ? 30  SER A N   1 
ATOM   243  C  CA  . SER A 1 31  ? -11.137 8.645   -11.341 1.00   29.33 ? 30  SER A CA  1 
ATOM   244  C  C   . SER A 1 31  ? -11.087 7.868   -12.654 1.00   26.82 ? 30  SER A C   1 
ATOM   245  O  O   . SER A 1 31  ? -10.330 8.204   -13.578 1.00   25.52 ? 30  SER A O   1 
ATOM   246  C  CB  . SER A 1 31  ? -11.893 9.960   -11.519 1.00   31.71 ? 30  SER A CB  1 
ATOM   247  O  OG  . SER A 1 31  ? -11.923 10.676  -10.298 1.00   40.76 ? 30  SER A OG  1 
ATOM   248  N  N   A VAL A 1 32  ? -11.905 6.838   -12.744 0.50   25.31 ? 31  VAL A N   1 
ATOM   249  N  N   B VAL A 1 32  ? -11.878 6.793   -12.715 0.50   23.09 ? 31  VAL A N   1 
ATOM   250  C  CA  A VAL A 1 32  ? -11.962 6.081   -13.962 0.50   24.37 ? 31  VAL A CA  1 
ATOM   251  C  CA  B VAL A 1 32  ? -11.870 5.847   -13.841 0.50   20.39 ? 31  VAL A CA  1 
ATOM   252  C  C   A VAL A 1 32  ? -13.332 5.452   -14.053 0.50   23.80 ? 31  VAL A C   1 
ATOM   253  C  C   B VAL A 1 32  ? -13.282 5.277   -14.042 0.50   21.38 ? 31  VAL A C   1 
ATOM   254  O  O   A VAL A 1 32  ? -14.002 5.215   -13.037 0.50   24.32 ? 31  VAL A O   1 
ATOM   255  O  O   B VAL A 1 32  ? -13.935 4.856   -13.077 0.50   17.72 ? 31  VAL A O   1 
ATOM   256  C  CB  A VAL A 1 32  ? -10.849 5.004   -14.011 0.50   25.04 ? 31  VAL A CB  1 
ATOM   257  C  CB  B VAL A 1 32  ? -10.896 4.638   -13.570 0.50   18.79 ? 31  VAL A CB  1 
ATOM   258  C  CG1 A VAL A 1 32  ? -11.083 3.942   -12.953 0.50   27.03 ? 31  VAL A CG1 1 
ATOM   259  C  CG1 B VAL A 1 32  ? -11.007 3.548   -14.653 0.50   15.51 ? 31  VAL A CG1 1 
ATOM   260  C  CG2 A VAL A 1 32  ? -10.738 4.399   -15.412 0.50   27.42 ? 31  VAL A CG2 1 
ATOM   261  C  CG2 B VAL A 1 32  ? -9.457  5.114   -13.440 0.50   17.30 ? 31  VAL A CG2 1 
ATOM   262  N  N   . GLY A 1 33  ? -13.749 5.216   -15.290 1.00   18.74 ? 32  GLY A N   1 
ATOM   263  C  CA  . GLY A 1 33  ? -14.973 4.495   -15.569 1.00   19.31 ? 32  GLY A CA  1 
ATOM   264  C  C   . GLY A 1 33  ? -16.184 4.934   -14.754 1.00   20.02 ? 32  GLY A C   1 
ATOM   265  O  O   . GLY A 1 33  ? -16.982 4.105   -14.344 1.00   19.39 ? 32  GLY A O   1 
ATOM   266  N  N   . GLY A 1 34  ? -16.311 6.243   -14.550 1.00   20.20 ? 33  GLY A N   1 
ATOM   267  C  CA  . GLY A 1 34  ? -17.523 6.811   -13.913 1.00   22.68 ? 33  GLY A CA  1 
ATOM   268  C  C   . GLY A 1 34  ? -17.482 6.862   -12.394 1.00   24.12 ? 33  GLY A C   1 
ATOM   269  O  O   . GLY A 1 34  ? -18.488 7.244   -11.772 1.00   26.48 ? 33  GLY A O   1 
ATOM   270  N  N   . VAL A 1 35  ? -16.342 6.458   -11.802 1.00   23.21 ? 34  VAL A N   1 
ATOM   271  C  CA  . VAL A 1 35  ? -16.158 6.427   -10.346 1.00   23.79 ? 34  VAL A CA  1 
ATOM   272  C  C   . VAL A 1 35  ? -14.940 7.230   -9.914  1.00   27.03 ? 34  VAL A C   1 
ATOM   273  O  O   . VAL A 1 35  ? -13.887 7.098   -10.512 1.00   26.43 ? 34  VAL A O   1 
ATOM   274  C  CB  . VAL A 1 35  ? -15.974 4.937   -9.894  1.00   24.73 ? 34  VAL A CB  1 
ATOM   275  C  CG1 . VAL A 1 35  ? -15.663 4.851   -8.416  1.00   26.45 ? 34  VAL A CG1 1 
ATOM   276  C  CG2 . VAL A 1 35  ? -17.223 4.115   -10.249 1.00   23.17 ? 34  VAL A CG2 1 
ATOM   277  N  N   . ASN A 1 36  ? -15.072 8.032   -8.856  1.00   30.30 ? 35  ASN A N   1 
ATOM   278  C  CA  . ASN A 1 36  ? -13.906 8.638   -8.197  1.00   33.41 ? 35  ASN A CA  1 
ATOM   279  C  C   . ASN A 1 36  ? -13.463 7.784   -7.017  1.00   35.00 ? 35  ASN A C   1 
ATOM   280  O  O   . ASN A 1 36  ? -14.181 7.647   -6.041  1.00   37.78 ? 35  ASN A O   1 
ATOM   281  C  CB  . ASN A 1 36  ? -14.175 10.058  -7.695  1.00   37.15 ? 35  ASN A CB  1 
ATOM   282  C  CG  . ASN A 1 36  ? -13.086 10.552  -6.711  1.00   40.75 ? 35  ASN A CG  1 
ATOM   283  O  OD1 . ASN A 1 36  ? -13.395 11.140  -5.668  1.00   62.69 ? 35  ASN A OD1 1 
ATOM   284  N  ND2 . ASN A 1 36  ? -11.822 10.300  -7.035  1.00   39.83 ? 35  ASN A ND2 1 
ATOM   285  N  N   B LEU A 1 37  ? -12.275 7.261   -7.113  0.0000 35.18 ? 36  LEU A N   1 
ATOM   286  N  N   C LEU A 1 37  ? -12.268 7.226   -7.121  1.00   35.23 ? 36  LEU A N   1 
ATOM   287  C  CA  B LEU A 1 37  ? -11.776 6.319   -6.171  0.0000 37.60 ? 36  LEU A CA  1 
ATOM   288  C  CA  C LEU A 1 37  ? -11.735 6.355   -6.104  1.00   37.42 ? 36  LEU A CA  1 
ATOM   289  C  C   B LEU A 1 37  ? -11.038 7.116   -5.110  0.0000 39.79 ? 36  LEU A C   1 
ATOM   290  C  C   C LEU A 1 37  ? -11.012 7.202   -5.049  1.00   40.25 ? 36  LEU A C   1 
ATOM   291  O  O   B LEU A 1 37  ? -10.977 8.334   -5.209  0.0000 47.59 ? 36  LEU A O   1 
ATOM   292  O  O   C LEU A 1 37  ? -11.214 8.434   -4.995  1.00   46.66 ? 36  LEU A O   1 
ATOM   293  C  CB  B LEU A 1 37  ? -10.830 5.376   -6.854  0.0000 35.59 ? 36  LEU A CB  1 
ATOM   294  C  CB  C LEU A 1 37  ? -10.786 5.352   -6.741  1.00   36.09 ? 36  LEU A CB  1 
ATOM   295  C  CG  B LEU A 1 37  ? -11.485 4.213   -7.545  0.0000 34.89 ? 36  LEU A CG  1 
ATOM   296  C  CG  C LEU A 1 37  ? -11.469 4.287   -7.596  1.00   34.66 ? 36  LEU A CG  1 
ATOM   297  C  CD1 B LEU A 1 37  ? -11.510 4.500   -8.979  0.0000 35.88 ? 36  LEU A CD1 1 
ATOM   298  C  CD1 C LEU A 1 37  ? -11.321 4.580   -9.092  1.00   34.47 ? 36  LEU A CD1 1 
ATOM   299  C  CD2 B LEU A 1 37  ? -10.648 2.988   -7.359  0.0000 29.93 ? 36  LEU A CD2 1 
ATOM   300  C  CD2 C LEU A 1 37  ? -10.833 2.943   -7.308  1.00   32.69 ? 36  LEU A CD2 1 
ATOM   301  N  N   . LYS A 1 45  ? -6.234  8.727   0.086   1.00   37.14 ? 44  LYS A N   1 
ATOM   302  C  CA  . LYS A 1 45  ? -5.309  8.250   1.103   1.00   37.54 ? 44  LYS A CA  1 
ATOM   303  C  C   . LYS A 1 45  ? -4.076  7.505   0.490   1.00   35.78 ? 44  LYS A C   1 
ATOM   304  O  O   . LYS A 1 45  ? -3.061  7.308   1.195   1.00   35.91 ? 44  LYS A O   1 
ATOM   305  C  CB  . LYS A 1 45  ? -6.092  7.356   2.079   1.00   39.18 ? 44  LYS A CB  1 
ATOM   306  C  CG  . LYS A 1 45  ? -5.339  6.990   3.329   1.00   46.62 ? 44  LYS A CG  1 
ATOM   307  C  CD  . LYS A 1 45  ? -6.243  6.393   4.402   1.00   41.60 ? 44  LYS A CD  1 
ATOM   308  N  N   . LEU A 1 46  ? -4.155  7.114   -0.798  1.00   32.41 ? 45  LEU A N   1 
ATOM   309  C  CA  . LEU A 1 46  ? -3.021  6.503   -1.514  1.00   28.65 ? 45  LEU A CA  1 
ATOM   310  C  C   . LEU A 1 46  ? -1.863  7.498   -1.572  1.00   23.69 ? 45  LEU A C   1 
ATOM   311  O  O   . LEU A 1 46  ? -2.095  8.700   -1.814  1.00   24.43 ? 45  LEU A O   1 
ATOM   312  C  CB  . LEU A 1 46  ? -3.395  6.157   -2.958  1.00   27.50 ? 45  LEU A CB  1 
ATOM   313  C  CG  . LEU A 1 46  ? -4.215  4.934   -3.271  1.00   32.35 ? 45  LEU A CG  1 
ATOM   314  C  CD1 . LEU A 1 46  ? -4.471  4.851   -4.770  1.00   29.05 ? 45  LEU A CD1 1 
ATOM   315  C  CD2 . LEU A 1 46  ? -3.448  3.733   -2.802  1.00   24.25 ? 45  LEU A CD2 1 
ATOM   316  N  N   . ILE A 1 47  ? -0.640  7.036   -1.330  1.00   20.35 ? 46  ILE A N   1 
ATOM   317  C  CA  . ILE A 1 47  ? 0.568   7.875   -1.443  1.00   19.45 ? 46  ILE A CA  1 
ATOM   318  C  C   . ILE A 1 47  ? 1.196   7.595   -2.829  1.00   18.26 ? 46  ILE A C   1 
ATOM   319  O  O   . ILE A 1 47  ? 1.394   6.428   -3.193  1.00   19.83 ? 46  ILE A O   1 
ATOM   320  C  CB  . ILE A 1 47  ? 1.585   7.522   -0.394  1.00   16.96 ? 46  ILE A CB  1 
ATOM   321  C  CG1 . ILE A 1 47  ? 1.002   7.811   1.001   1.00   22.80 ? 46  ILE A CG1 1 
ATOM   322  C  CG2 . ILE A 1 47  ? 2.940   8.304   -0.650  1.00   23.66 ? 46  ILE A CG2 1 
ATOM   323  C  CD1 . ILE A 1 47  ? 1.952   7.395   2.130   1.00   23.74 ? 46  ILE A CD1 1 
ATOM   324  N  N   . ALA A 1 48  ? 1.477   8.641   -3.602  1.00   16.29 ? 47  ALA A N   1 
ATOM   325  C  CA  . ALA A 1 48  ? 2.237   8.494   -4.849  1.00   15.81 ? 47  ALA A CA  1 
ATOM   326  C  C   . ALA A 1 48  ? 3.677   8.912   -4.558  1.00   15.27 ? 47  ALA A C   1 
ATOM   327  O  O   . ALA A 1 48  ? 3.904   9.976   -3.987  1.00   16.87 ? 47  ALA A O   1 
ATOM   328  C  CB  . ALA A 1 48  ? 1.682   9.404   -5.977  1.00   17.18 ? 47  ALA A CB  1 
ATOM   329  N  N   . ALA A 1 49  ? 4.639   8.091   -4.990  1.00   14.20 ? 48  ALA A N   1 
ATOM   330  C  CA  . ALA A 1 49  ? 6.029   8.404   -4.789  1.00   14.55 ? 48  ALA A CA  1 
ATOM   331  C  C   . ALA A 1 49  ? 6.839   7.966   -6.000  1.00   14.02 ? 48  ALA A C   1 
ATOM   332  O  O   . ALA A 1 49  ? 6.379   7.127   -6.807  1.00   14.16 ? 48  ALA A O   1 
ATOM   333  C  CB  . ALA A 1 49  ? 6.537   7.726   -3.529  1.00   15.47 ? 48  ALA A CB  1 
ATOM   334  N  N   . GLU A 1 50  ? 8.060   8.509   -6.111  1.00   14.64 ? 49  GLU A N   1 
ATOM   335  C  CA  . GLU A 1 50  ? 8.942   8.076   -7.200  1.00   14.14 ? 49  GLU A CA  1 
ATOM   336  C  C   . GLU A 1 50  ? 10.390  8.212   -6.768  1.00   15.58 ? 49  GLU A C   1 
ATOM   337  O  O   . GLU A 1 50  ? 10.721  8.959   -5.836  1.00   16.11 ? 49  GLU A O   1 
ATOM   338  C  CB  . GLU A 1 50  ? 8.681   8.841   -8.490  1.00   17.86 ? 49  GLU A CB  1 
ATOM   339  C  CG  . GLU A 1 50  ? 8.929   10.284  -8.384  1.00   17.43 ? 49  GLU A CG  1 
ATOM   340  C  CD  . GLU A 1 50  ? 8.596   10.976  -9.706  1.00   25.52 ? 49  GLU A CD  1 
ATOM   341  O  OE1 . GLU A 1 50  ? 7.402   11.094  -10.016 1.00   23.69 ? 49  GLU A OE1 1 
ATOM   342  O  OE2 . GLU A 1 50  ? 9.541   11.330  -10.445 1.00   32.79 ? 49  GLU A OE2 1 
ATOM   343  N  N   . ARG A 1 51  ? 11.251  7.490   -7.475  1.00   14.49 ? 50  ARG A N   1 
ATOM   344  C  CA  . ARG A 1 51  ? 12.660  7.493   -7.164  1.00   15.35 ? 50  ARG A CA  1 
ATOM   345  C  C   . ARG A 1 51  ? 13.407  7.119   -8.411  1.00   17.76 ? 50  ARG A C   1 
ATOM   346  O  O   . ARG A 1 51  ? 13.222  6.012   -8.936  1.00   19.47 ? 50  ARG A O   1 
ATOM   347  C  CB  . ARG A 1 51  ? 12.966  6.515   -6.038  1.00   15.24 ? 50  ARG A CB  1 
ATOM   348  C  CG  . ARG A 1 51  ? 14.378  6.549   -5.541  1.00   17.78 ? 50  ARG A CG  1 
ATOM   349  C  CD  . ARG A 1 51  ? 14.603  5.562   -4.389  1.00   15.92 ? 50  ARG A CD  1 
ATOM   350  N  NE  . ARG A 1 51  ? 14.470  4.178   -4.845  1.00   15.93 ? 50  ARG A NE  1 
ATOM   351  C  CZ  . ARG A 1 51  ? 14.827  3.134   -4.116  1.00   17.40 ? 50  ARG A CZ  1 
ATOM   352  N  NH1 . ARG A 1 51  ? 15.283  3.314   -2.864  1.00   15.92 ? 50  ARG A NH1 1 
ATOM   353  N  NH2 . ARG A 1 51  ? 14.707  1.924   -4.634  1.00   18.36 ? 50  ARG A NH2 1 
ATOM   354  N  N   A GLU A 1 52  ? 14.245  8.037   -8.890  0.50   19.05 ? 51  GLU A N   1 
ATOM   355  N  N   B GLU A 1 52  ? 14.209  8.060   -8.903  0.50   18.85 ? 51  GLU A N   1 
ATOM   356  C  CA  A GLU A 1 52  ? 14.909  7.888   -10.187 0.50   18.91 ? 51  GLU A CA  1 
ATOM   357  C  CA  B GLU A 1 52  ? 14.921  7.883   -10.157 0.50   18.57 ? 51  GLU A CA  1 
ATOM   358  C  C   A GLU A 1 52  ? 13.999  7.327   -11.263 0.50   21.04 ? 51  GLU A C   1 
ATOM   359  C  C   B GLU A 1 52  ? 14.013  7.334   -11.258 0.50   20.85 ? 51  GLU A C   1 
ATOM   360  O  O   A GLU A 1 52  ? 14.323  6.355   -11.945 0.50   23.76 ? 51  GLU A O   1 
ATOM   361  O  O   B GLU A 1 52  ? 14.353  6.376   -11.952 0.50   23.54 ? 51  GLU A O   1 
ATOM   362  C  CB  A GLU A 1 52  ? 16.144  7.025   -10.070 0.50   22.85 ? 51  GLU A CB  1 
ATOM   363  C  CB  B GLU A 1 52  ? 16.140  6.996   -9.941  0.50   22.38 ? 51  GLU A CB  1 
ATOM   364  C  CG  A GLU A 1 52  ? 17.220  7.644   -9.194  0.50   20.36 ? 51  GLU A CG  1 
ATOM   365  C  CG  B GLU A 1 52  ? 17.164  7.567   -8.929  0.50   20.81 ? 51  GLU A CG  1 
ATOM   366  C  CD  A GLU A 1 52  ? 17.256  7.046   -7.818  0.50   20.44 ? 51  GLU A CD  1 
ATOM   367  C  CD  B GLU A 1 52  ? 17.886  8.841   -9.402  0.50   21.79 ? 51  GLU A CD  1 
ATOM   368  O  OE1 A GLU A 1 52  ? 16.827  5.879   -7.682  0.50   26.04 ? 51  GLU A OE1 1 
ATOM   369  O  OE1 B GLU A 1 52  ? 17.545  9.407   -10.460 0.50   22.67 ? 51  GLU A OE1 1 
ATOM   370  O  OE2 A GLU A 1 52  ? 17.755  7.727   -6.909  0.50   15.76 ? 51  GLU A OE2 1 
ATOM   371  O  OE2 B GLU A 1 52  ? 18.808  9.298   -8.694  0.50   20.40 ? 51  GLU A OE2 1 
ATOM   372  N  N   . GLY A 1 53  ? 12.845  7.947   -11.420 1.00   21.88 ? 52  GLY A N   1 
ATOM   373  C  CA  . GLY A 1 53  ? 11.937  7.531   -12.498 1.00   22.92 ? 52  GLY A CA  1 
ATOM   374  C  C   . GLY A 1 53  ? 11.085  6.267   -12.278 1.00   22.77 ? 52  GLY A C   1 
ATOM   375  O  O   . GLY A 1 53  ? 10.190  5.989   -13.076 1.00   24.13 ? 52  GLY A O   1 
ATOM   376  N  N   . GLU A 1 54  ? 11.350  5.508   -11.226 1.00   17.53 ? 53  GLU A N   1 
ATOM   377  C  CA  . GLU A 1 54  ? 10.494  4.374   -10.795 1.00   20.54 ? 53  GLU A CA  1 
ATOM   378  C  C   . GLU A 1 54  ? 9.326   5.003   -10.025 1.00   15.65 ? 53  GLU A C   1 
ATOM   379  O  O   . GLU A 1 54  ? 9.554   5.739   -9.052  1.00   17.90 ? 53  GLU A O   1 
ATOM   380  C  CB  . GLU A 1 54  ? 11.292  3.433   -9.884  1.00   23.39 ? 53  GLU A CB  1 
ATOM   381  C  CG  . GLU A 1 54  ? 10.483  2.214   -9.458  1.00   31.16 ? 53  GLU A CG  1 
ATOM   382  C  CD  . GLU A 1 54  ? 11.203  1.158   -8.586  1.00   34.74 ? 53  GLU A CD  1 
ATOM   383  O  OE1 . GLU A 1 54  ? 12.429  1.279   -8.244  1.00   35.79 ? 53  GLU A OE1 1 
ATOM   384  O  OE2 . GLU A 1 54  ? 10.464  0.194   -8.225  1.00   34.41 ? 53  GLU A OE2 1 
ATOM   385  N  N   . LYS A 1 55  ? 8.096   4.737   -10.457 1.00   16.43 ? 54  LYS A N   1 
ATOM   386  C  CA  . LYS A 1 55  ? 6.905   5.302   -9.853  1.00   14.61 ? 54  LYS A CA  1 
ATOM   387  C  C   . LYS A 1 55  ? 6.156   4.211   -9.069  1.00   15.48 ? 54  LYS A C   1 
ATOM   388  O  O   . LYS A 1 55  ? 5.950   3.072   -9.587  1.00   16.22 ? 54  LYS A O   1 
ATOM   389  C  CB  . LYS A 1 55  ? 5.983   5.865   -10.971 1.00   15.46 ? 54  LYS A CB  1 
ATOM   390  C  CG  . LYS A 1 55  ? 6.608   7.080   -11.641 1.00   18.44 ? 54  LYS A CG  1 
ATOM   391  C  CD  . LYS A 1 55  ? 5.729   7.653   -12.744 1.00   23.48 ? 54  LYS A CD  1 
ATOM   392  C  CE  . LYS A 1 55  ? 6.315   8.986   -13.234 1.00   36.84 ? 54  LYS A CE  1 
ATOM   393  N  N   . ILE A 1 56  ? 5.687   4.570   -7.892  1.00   14.77 ? 55  ILE A N   1 
ATOM   394  C  CA  . ILE A 1 56  ? 4.862   3.659   -7.110  1.00   13.94 ? 55  ILE A CA  1 
ATOM   395  C  C   . ILE A 1 56  ? 3.653   4.369   -6.500  1.00   13.06 ? 55  ILE A C   1 
ATOM   396  O  O   . ILE A 1 56  ? 3.589   5.621   -6.413  1.00   14.33 ? 55  ILE A O   1 
ATOM   397  C  CB  . ILE A 1 56  ? 5.668   2.985   -5.943  1.00   13.99 ? 55  ILE A CB  1 
ATOM   398  C  CG1 . ILE A 1 56  ? 6.111   4.051   -4.911  1.00   15.34 ? 55  ILE A CG1 1 
ATOM   399  C  CG2 . ILE A 1 56  ? 6.917   2.251   -6.513  1.00   16.17 ? 55  ILE A CG2 1 
ATOM   400  C  CD1 . ILE A 1 56  ? 6.869   3.457   -3.659  1.00   14.39 ? 55  ILE A CD1 1 
ATOM   401  N  N   . ALA A 1 57  ? 2.697   3.546   -6.061  1.00   14.18 ? 56  ALA A N   1 
ATOM   402  C  CA  . ALA A 1 57  ? 1.571   3.999   -5.255  1.00   14.01 ? 56  ALA A CA  1 
ATOM   403  C  C   . ALA A 1 57  ? 1.486   3.089   -4.059  1.00   14.76 ? 56  ALA A C   1 
ATOM   404  O  O   . ALA A 1 57  ? 1.757   1.909   -4.174  1.00   14.83 ? 56  ALA A O   1 
ATOM   405  C  CB  . ALA A 1 57  ? 0.211   3.937   -6.046  1.00   15.39 ? 56  ALA A CB  1 
ATOM   406  N  N   . VAL A 1 58  ? 1.149   3.676   -2.917  1.00   15.25 ? 57  VAL A N   1 
ATOM   407  C  CA  . VAL A 1 58  ? 1.135   2.919   -1.649  1.00   14.39 ? 57  VAL A CA  1 
ATOM   408  C  C   . VAL A 1 58  ? -0.184  3.090   -0.918  1.00   14.54 ? 57  VAL A C   1 
ATOM   409  O  O   . VAL A 1 58  ? -0.559  4.202   -0.560  1.00   15.48 ? 57  VAL A O   1 
ATOM   410  C  CB  . VAL A 1 58  ? 2.336   3.309   -0.709  1.00   15.68 ? 57  VAL A CB  1 
ATOM   411  C  CG1 . VAL A 1 58  ? 2.307   2.384   0.552   1.00   13.94 ? 57  VAL A CG1 1 
ATOM   412  C  CG2 . VAL A 1 58  ? 3.676   3.191   -1.468  1.00   15.59 ? 57  VAL A CG2 1 
ATOM   413  N  N   . GLU A 1 59  ? -0.864  1.955   -0.704  1.00   15.43 ? 58  GLU A N   1 
ATOM   414  C  CA  . GLU A 1 59  ? -2.091  1.849   0.105   1.00   14.08 ? 58  GLU A CA  1 
ATOM   415  C  C   . GLU A 1 59  ? -1.666  1.545   1.526   1.00   14.56 ? 58  GLU A C   1 
ATOM   416  O  O   . GLU A 1 59  ? -1.169  0.442   1.793   1.00   15.17 ? 58  GLU A O   1 
ATOM   417  C  CB  . GLU A 1 59  ? -2.942  0.694   -0.484  1.00   15.52 ? 58  GLU A CB  1 
ATOM   418  C  CG  . GLU A 1 59  ? -4.086  0.291   0.379   1.00   15.17 ? 58  GLU A CG  1 
ATOM   419  C  CD  . GLU A 1 59  ? -4.820  -0.939  -0.120  1.00   15.24 ? 58  GLU A CD  1 
ATOM   420  O  OE1 . GLU A 1 59  ? -4.555  -1.358  -1.269  1.00   18.45 ? 58  GLU A OE1 1 
ATOM   421  O  OE2 . GLU A 1 59  ? -5.648  -1.483  0.696   1.00   14.91 ? 58  GLU A OE2 1 
ATOM   422  N  N   . VAL A 1 60  ? -1.804  2.515   2.420   1.00   16.04 ? 59  VAL A N   1 
ATOM   423  C  CA  . VAL A 1 60  ? -1.313  2.360   3.808   1.00   17.46 ? 59  VAL A CA  1 
ATOM   424  C  C   . VAL A 1 60  ? -2.393  1.799   4.682   1.00   21.27 ? 59  VAL A C   1 
ATOM   425  O  O   . VAL A 1 60  ? -3.482  2.374   4.770   1.00   19.05 ? 59  VAL A O   1 
ATOM   426  C  CB  . VAL A 1 60  ? -0.823  3.680   4.385   1.00   19.77 ? 59  VAL A CB  1 
ATOM   427  C  CG1 . VAL A 1 60  ? -0.335  3.433   5.828   1.00   19.06 ? 59  VAL A CG1 1 
ATOM   428  C  CG2 . VAL A 1 60  ? 0.314   4.239   3.511   1.00   18.93 ? 59  VAL A CG2 1 
ATOM   429  N  N   . LYS A 1 61  ? -2.063  0.709   5.384   1.00   22.06 ? 60  LYS A N   1 
ATOM   430  C  CA  . LYS A 1 61  ? -2.933  0.103   6.410   1.00   20.47 ? 60  LYS A CA  1 
ATOM   431  C  C   . LYS A 1 61  ? -2.144  -0.043  7.723   1.00   19.29 ? 60  LYS A C   1 
ATOM   432  O  O   . LYS A 1 61  ? -0.894  -0.263  7.711   1.00   20.76 ? 60  LYS A O   1 
ATOM   433  C  CB  . LYS A 1 61  ? -3.481  -1.242  5.927   1.00   24.53 ? 60  LYS A CB  1 
ATOM   434  C  CG  . LYS A 1 61  ? -4.359  -1.088  4.679   1.00   21.32 ? 60  LYS A CG  1 
ATOM   435  C  CD  . LYS A 1 61  ? -5.638  -0.334  5.021   1.00   25.89 ? 60  LYS A CD  1 
ATOM   436  C  CE  . LYS A 1 61  ? -6.596  -0.240  3.874   1.00   24.15 ? 60  LYS A CE  1 
ATOM   437  N  NZ  . LYS A 1 61  ? -7.898  0.402   4.279   1.00   25.84 ? 60  LYS A NZ  1 
ATOM   438  N  N   . SER A 1 62  ? -2.830  0.195   8.834   1.00   22.51 ? 61  SER A N   1 
ATOM   439  C  CA  . SER A 1 62  ? -2.246  0.018   10.142  1.00   22.63 ? 61  SER A CA  1 
ATOM   440  C  C   . SER A 1 62  ? -2.657  -1.310  10.761  1.00   24.86 ? 61  SER A C   1 
ATOM   441  O  O   . SER A 1 62  ? -1.998  -1.805  11.682  1.00   24.66 ? 61  SER A O   1 
ATOM   442  C  CB  . SER A 1 62  ? -2.717  1.132   11.053  1.00   26.46 ? 61  SER A CB  1 
ATOM   443  O  OG  . SER A 1 62  ? -4.110  0.993   11.248  1.00   26.70 ? 61  SER A OG  1 
ATOM   444  N  N   . PHE A 1 63  ? -3.773  -1.856  10.270  1.00   22.09 ? 62  PHE A N   1 
ATOM   445  C  CA  . PHE A 1 63  ? -4.405  -3.054  10.821  1.00   24.56 ? 62  PHE A CA  1 
ATOM   446  C  C   . PHE A 1 63  ? -4.816  -2.848  12.282  1.00   31.35 ? 62  PHE A C   1 
ATOM   447  O  O   . PHE A 1 63  ? -4.823  -3.784  13.078  1.00   38.98 ? 62  PHE A O   1 
ATOM   448  C  CB  . PHE A 1 63  ? -3.574  -4.330  10.536  1.00   23.00 ? 62  PHE A CB  1 
ATOM   449  C  CG  . PHE A 1 63  ? -3.825  -4.898  9.163   1.00   25.11 ? 62  PHE A CG  1 
ATOM   450  C  CD1 . PHE A 1 63  ? -3.227  -4.314  8.066   1.00   24.28 ? 62  PHE A CD1 1 
ATOM   451  C  CD2 . PHE A 1 63  ? -4.728  -5.958  8.967   1.00   26.36 ? 62  PHE A CD2 1 
ATOM   452  C  CE1 . PHE A 1 63  ? -3.475  -4.777  6.760   1.00   25.74 ? 62  PHE A CE1 1 
ATOM   453  C  CE2 . PHE A 1 63  ? -4.984  -6.429  7.685   1.00   28.07 ? 62  PHE A CE2 1 
ATOM   454  C  CZ  . PHE A 1 63  ? -4.374  -5.842  6.590   1.00   24.98 ? 62  PHE A CZ  1 
ATOM   455  N  N   . LEU A 1 64  ? -5.172  -1.602  12.594  1.00   30.52 ? 63  LEU A N   1 
ATOM   456  C  CA  . LEU A 1 64  ? -5.911  -1.228  13.799  1.00   35.04 ? 63  LEU A CA  1 
ATOM   457  C  C   . LEU A 1 64  ? -7.260  -0.568  13.387  1.00   37.49 ? 63  LEU A C   1 
ATOM   458  O  O   . LEU A 1 64  ? -8.005  -0.082  14.242  1.00   36.56 ? 63  LEU A O   1 
ATOM   459  C  CB  . LEU A 1 64  ? -5.085  -0.237  14.602  1.00   34.39 ? 63  LEU A CB  1 
ATOM   460  C  CG  . LEU A 1 64  ? -3.708  -0.727  15.086  1.00   37.51 ? 63  LEU A CG  1 
ATOM   461  N  N   . GLU A 1 65  ? -7.570  -0.576  12.076  1.00   39.74 ? 64  GLU A N   1 
ATOM   462  C  CA  . GLU A 1 65  ? -8.730  0.168   11.499  1.00   39.83 ? 64  GLU A CA  1 
ATOM   463  C  C   . GLU A 1 65  ? -10.084 -0.377  11.917  1.00   43.07 ? 64  GLU A C   1 
ATOM   464  O  O   . GLU A 1 65  ? -11.087 0.363   12.008  1.00   42.53 ? 64  GLU A O   1 
ATOM   465  C  CB  . GLU A 1 65  ? -8.717  0.127   9.958   1.00   38.34 ? 64  GLU A CB  1 
ATOM   466  C  CG  . GLU A 1 65  ? -7.666  1.016   9.291   1.00   37.89 ? 64  GLU A CG  1 
ATOM   467  C  CD  . GLU A 1 65  ? -6.364  0.299   8.985   1.00   37.41 ? 64  GLU A CD  1 
ATOM   468  O  OE1 . GLU A 1 65  ? -6.226  -0.914  9.307   1.00   30.72 ? 64  GLU A OE1 1 
ATOM   469  O  OE2 . GLU A 1 65  ? -5.471  0.976   8.424   1.00   31.07 ? 64  GLU A OE2 1 
ATOM   470  N  N   . ARG A 1 66  ? -10.136 -1.690  12.091  1.00   45.09 ? 65  ARG A N   1 
ATOM   471  C  CA  . ARG A 1 66  ? -11.370 -2.321  12.475  1.00   46.52 ? 65  ARG A CA  1 
ATOM   472  C  C   . ARG A 1 66  ? -11.195 -3.094  13.751  1.00   47.21 ? 65  ARG A C   1 
ATOM   473  O  O   . ARG A 1 66  ? -10.168 -3.049  14.450  1.00   48.54 ? 65  ARG A O   1 
ATOM   474  C  CB  . ARG A 1 66  ? -11.905 -3.255  11.366  1.00   46.67 ? 65  ARG A CB  1 
ATOM   475  C  CG  . ARG A 1 66  ? -12.083 -2.584  10.002  1.00   45.76 ? 65  ARG A CG  1 
ATOM   476  C  CD  . ARG A 1 66  ? -13.014 -3.359  9.080   1.00   46.17 ? 65  ARG A CD  1 
ATOM   477  N  N   . SER A 1 67  ? -12.316 -3.680  14.100  1.00   47.63 ? 66  SER A N   1 
ATOM   478  C  CA  . SER A 1 67  ? -12.386 -5.032  14.529  1.00   45.48 ? 66  SER A CA  1 
ATOM   479  C  C   . SER A 1 67  ? -11.083 -5.776  14.126  1.00   40.55 ? 66  SER A C   1 
ATOM   480  O  O   . SER A 1 67  ? -9.967  -5.239  14.097  1.00   42.36 ? 66  SER A O   1 
ATOM   481  C  CB  . SER A 1 67  ? -13.651 -5.629  13.824  1.00   46.76 ? 66  SER A CB  1 
ATOM   482  O  OG  . SER A 1 67  ? -13.978 -6.959  14.193  1.00   47.66 ? 66  SER A OG  1 
ATOM   483  N  N   . SER A 1 68  ? -11.268 -7.027  13.806  1.00   34.91 ? 67  SER A N   1 
ATOM   484  C  CA  . SER A 1 68  ? -10.220 -7.961  13.617  1.00   29.98 ? 67  SER A CA  1 
ATOM   485  C  C   . SER A 1 68  ? -9.325  -7.618  12.434  1.00   27.25 ? 67  SER A C   1 
ATOM   486  O  O   . SER A 1 68  ? -9.732  -6.856  11.523  1.00   23.28 ? 67  SER A O   1 
ATOM   487  C  CB  . SER A 1 68  ? -10.940 -9.251  13.290  1.00   28.73 ? 67  SER A CB  1 
ATOM   488  O  OG  . SER A 1 68  ? -11.844 -8.968  12.234  1.00   26.23 ? 67  SER A OG  1 
ATOM   489  N  N   . ALA A 1 69  ? -8.149  -8.246  12.420  1.00   22.86 ? 68  ALA A N   1 
ATOM   490  C  CA  . ALA A 1 69  ? -7.308  -8.250  11.252  1.00   20.57 ? 68  ALA A CA  1 
ATOM   491  C  C   . ALA A 1 69  ? -8.044  -8.782  10.017  1.00   17.39 ? 68  ALA A C   1 
ATOM   492  O  O   . ALA A 1 69  ? -7.879  -8.240  8.931   1.00   19.32 ? 68  ALA A O   1 
ATOM   493  C  CB  . ALA A 1 69  ? -6.027  -9.059  11.478  1.00   22.21 ? 68  ALA A CB  1 
ATOM   494  N  N   . ILE A 1 70  ? -8.821  -9.848  10.160  1.00   18.00 ? 69  ILE A N   1 
ATOM   495  C  CA  . ILE A 1 70  ? -9.468  -10.406 8.954   1.00   17.33 ? 69  ILE A CA  1 
ATOM   496  C  C   . ILE A 1 70  ? -10.449 -9.410  8.327   1.00   18.69 ? 69  ILE A C   1 
ATOM   497  O  O   . ILE A 1 70  ? -10.532 -9.258  7.103   1.00   19.06 ? 69  ILE A O   1 
ATOM   498  C  CB  . ILE A 1 70  ? -10.117 -11.779 9.237   1.00   20.45 ? 69  ILE A CB  1 
ATOM   499  C  CG1 . ILE A 1 70  ? -10.661 -12.392 7.952   1.00   22.31 ? 69  ILE A CG1 1 
ATOM   500  C  CG2 . ILE A 1 70  ? -11.237 -11.678 10.313  1.00   21.27 ? 69  ILE A CG2 1 
ATOM   501  C  CD1 . ILE A 1 70  ? -9.602  -12.559 6.812   1.00   19.47 ? 69  ILE A CD1 1 
ATOM   502  N  N   A SER A 1 71  ? -11.197 -8.706  9.180   0.50   18.36 ? 70  SER A N   1 
ATOM   503  N  N   B SER A 1 71  ? -11.219 -8.709  9.154   0.50   19.46 ? 70  SER A N   1 
ATOM   504  C  CA  A SER A 1 71  ? -12.136 -7.713  8.666   0.50   17.21 ? 70  SER A CA  1 
ATOM   505  C  CA  B SER A 1 71  ? -12.184 -7.769  8.583   0.50   18.81 ? 70  SER A CA  1 
ATOM   506  C  C   A SER A 1 71  ? -11.396 -6.630  7.924   0.50   15.38 ? 70  SER A C   1 
ATOM   507  C  C   B SER A 1 71  ? -11.447 -6.607  7.925   0.50   17.53 ? 70  SER A C   1 
ATOM   508  O  O   A SER A 1 71  ? -11.803 -6.214  6.825   0.50   16.83 ? 70  SER A O   1 
ATOM   509  O  O   B SER A 1 71  ? -11.886 -6.075  6.896   0.50   18.99 ? 70  SER A O   1 
ATOM   510  C  CB  A SER A 1 71  ? -12.956 -7.058  9.782   0.50   17.35 ? 70  SER A CB  1 
ATOM   511  C  CB  B SER A 1 71  ? -13.174 -7.258  9.637   0.50   20.48 ? 70  SER A CB  1 
ATOM   512  O  OG  A SER A 1 71  ? -13.871 -6.135  9.209   0.50   20.94 ? 70  SER A OG  1 
ATOM   513  O  OG  B SER A 1 71  ? -12.658 -6.137  10.316  0.50   19.95 ? 70  SER A OG  1 
ATOM   514  N  N   A GLU A 1 72  ? -10.290 -6.159  8.496   0.50   15.25 ? 71  GLU A N   1 
ATOM   515  N  N   B GLU A 1 72  ? -10.302 -6.232  8.494   0.50   17.58 ? 71  GLU A N   1 
ATOM   516  C  CA  A GLU A 1 72  ? -9.547  -5.130  7.789   0.50   14.65 ? 71  GLU A CA  1 
ATOM   517  C  CA  B GLU A 1 72  ? -9.471  -5.179  7.889   0.50   17.31 ? 71  GLU A CA  1 
ATOM   518  C  C   A GLU A 1 72  ? -9.004  -5.709  6.502   0.50   15.10 ? 71  GLU A C   1 
ATOM   519  C  C   B GLU A 1 72  ? -8.869  -5.669  6.581   0.50   16.99 ? 71  GLU A C   1 
ATOM   520  O  O   A GLU A 1 72  ? -9.015  -5.025  5.465   0.50   14.77 ? 71  GLU A O   1 
ATOM   521  O  O   B GLU A 1 72  ? -8.682  -4.878  5.623   0.50   18.30 ? 71  GLU A O   1 
ATOM   522  C  CB  A GLU A 1 72  ? -8.412  -4.500  8.610   0.50   14.14 ? 71  GLU A CB  1 
ATOM   523  C  CB  B GLU A 1 72  ? -8.356  -4.721  8.841   0.50   18.60 ? 71  GLU A CB  1 
ATOM   524  C  CG  A GLU A 1 72  ? -7.619  -3.469  7.845   0.50   16.89 ? 71  GLU A CG  1 
ATOM   525  C  CG  B GLU A 1 72  ? -8.901  -4.062  10.074  0.50   16.63 ? 71  GLU A CG  1 
ATOM   526  C  CD  A GLU A 1 72  ? -8.505  -2.437  7.143   0.50   19.92 ? 71  GLU A CD  1 
ATOM   527  C  CD  B GLU A 1 72  ? -7.960  -4.065  11.300  0.50   18.50 ? 71  GLU A CD  1 
ATOM   528  O  OE1 A GLU A 1 72  ? -9.547  -2.040  7.717   0.50   19.62 ? 71  GLU A OE1 1 
ATOM   529  O  OE1 B GLU A 1 72  ? -6.998  -4.845  11.397  0.50   26.01 ? 71  GLU A OE1 1 
ATOM   530  O  OE2 A GLU A 1 72  ? -8.176  -2.027  6.022   0.50   18.16 ? 71  GLU A OE2 1 
ATOM   531  O  OE2 B GLU A 1 72  ? -8.244  -3.280  12.192  0.50   19.86 ? 71  GLU A OE2 1 
ATOM   532  N  N   . PHE A 1 73  ? -8.553  -6.970  6.541   1.00   14.99 ? 72  PHE A N   1 
ATOM   533  C  CA  . PHE A 1 73  ? -7.942  -7.573  5.353   1.00   14.86 ? 72  PHE A CA  1 
ATOM   534  C  C   . PHE A 1 73  ? -8.947  -7.592  4.198   1.00   12.91 ? 72  PHE A C   1 
ATOM   535  O  O   . PHE A 1 73  ? -8.579  -7.358  3.048   1.00   15.66 ? 72  PHE A O   1 
ATOM   536  C  CB  . PHE A 1 73  ? -7.394  -8.964  5.633   1.00   15.38 ? 72  PHE A CB  1 
ATOM   537  C  CG  . PHE A 1 73  ? -6.737  -9.601  4.442   1.00   16.18 ? 72  PHE A CG  1 
ATOM   538  C  CD1 . PHE A 1 73  ? -5.691  -8.986  3.776   1.00   18.61 ? 72  PHE A CD1 1 
ATOM   539  C  CD2 . PHE A 1 73  ? -7.163  -10.856 4.021   1.00   18.88 ? 72  PHE A CD2 1 
ATOM   540  C  CE1 . PHE A 1 73  ? -5.109  -9.639  2.666   1.00   18.33 ? 72  PHE A CE1 1 
ATOM   541  C  CE2 . PHE A 1 73  ? -6.570  -11.496 2.914   1.00   17.05 ? 72  PHE A CE2 1 
ATOM   542  C  CZ  . PHE A 1 73  ? -5.532  -10.890 2.285   1.00   14.86 ? 72  PHE A CZ  1 
ATOM   543  N  N   . HIS A 1 74  ? -10.205 -7.885  4.475   1.00   14.58 ? 73  HIS A N   1 
ATOM   544  C  CA  . HIS A 1 74  ? -11.176 -7.880  3.395   1.00   14.64 ? 73  HIS A CA  1 
ATOM   545  C  C   . HIS A 1 74  ? -11.206 -6.525  2.661   1.00   16.06 ? 73  HIS A C   1 
ATOM   546  O  O   . HIS A 1 74  ? -11.147 -6.458  1.422   1.00   14.37 ? 73  HIS A O   1 
ATOM   547  C  CB  . HIS A 1 74  ? -12.603 -8.109  3.889   1.00   15.42 ? 73  HIS A CB  1 
ATOM   548  C  CG  . HIS A 1 74  ? -12.845 -9.432  4.514   1.00   15.58 ? 73  HIS A CG  1 
ATOM   549  N  ND1 . HIS A 1 74  ? -12.414 -10.610 3.955   1.00   16.77 ? 73  HIS A ND1 1 
ATOM   550  C  CD2 . HIS A 1 74  ? -13.567 -9.765  5.616   1.00   16.35 ? 73  HIS A CD2 1 
ATOM   551  C  CE1 . HIS A 1 74  ? -12.817 -11.618 4.722   1.00   23.16 ? 73  HIS A CE1 1 
ATOM   552  N  NE2 . HIS A 1 74  ? -13.510 -11.128 5.745   1.00   19.40 ? 73  HIS A NE2 1 
ATOM   553  N  N   . THR A 1 75  ? -11.299 -5.436  3.436   1.00   14.94 ? 74  THR A N   1 
ATOM   554  C  CA  . THR A 1 75  ? -11.359 -4.096  2.846   1.00   13.88 ? 74  THR A CA  1 
ATOM   555  C  C   . THR A 1 75  ? -10.036 -3.754  2.194   1.00   15.68 ? 74  THR A C   1 
ATOM   556  O  O   . THR A 1 75  ? -10.010 -3.202  1.096   1.00   16.13 ? 74  THR A O   1 
ATOM   557  C  CB  . THR A 1 75  ? -11.735 -3.078  3.930   1.00   13.56 ? 74  THR A CB  1 
ATOM   558  O  OG1 . THR A 1 75  ? -13.061 -3.392  4.410   1.00   17.64 ? 74  THR A OG1 1 
ATOM   559  C  CG2 . THR A 1 75  ? -11.629 -1.600  3.462   1.00   17.64 ? 74  THR A CG2 1 
ATOM   560  N  N   . ALA A 1 76  ? -8.922  -4.095  2.846   1.00   15.43 ? 75  ALA A N   1 
ATOM   561  C  CA  . ALA A 1 76  ? -7.613  -3.789  2.277   1.00   16.56 ? 75  ALA A CA  1 
ATOM   562  C  C   . ALA A 1 76  ? -7.402  -4.469  0.931   1.00   15.53 ? 75  ALA A C   1 
ATOM   563  O  O   . ALA A 1 76  ? -6.816  -3.902  0.001   1.00   15.34 ? 75  ALA A O   1 
ATOM   564  C  CB  . ALA A 1 76  ? -6.452  -4.174  3.241   1.00   16.87 ? 75  ALA A CB  1 
ATOM   565  N  N   . LEU A 1 77  ? -7.835  -5.715  0.852   1.00   14.10 ? 76  LEU A N   1 
ATOM   566  C  CA  . LEU A 1 77  ? -7.691  -6.514  -0.375  1.00   14.75 ? 76  LEU A CA  1 
ATOM   567  C  C   . LEU A 1 77  ? -8.583  -5.963  -1.484  1.00   14.60 ? 76  LEU A C   1 
ATOM   568  O  O   . LEU A 1 77  ? -8.171  -5.831  -2.633  1.00   15.10 ? 76  LEU A O   1 
ATOM   569  C  CB  . LEU A 1 77  ? -8.030  -7.972  -0.076  1.00   14.90 ? 76  LEU A CB  1 
ATOM   570  C  CG  . LEU A 1 77  ? -7.967  -8.904  -1.279  1.00   14.01 ? 76  LEU A CG  1 
ATOM   571  C  CD1 . LEU A 1 77  ? -6.485  -8.939  -1.842  1.00   17.04 ? 76  LEU A CD1 1 
ATOM   572  C  CD2 . LEU A 1 77  ? -8.405  -10.357 -0.873  1.00   14.84 ? 76  LEU A CD2 1 
ATOM   573  N  N   . GLY A 1 78  ? -9.834  -5.674  -1.162  1.00   13.35 ? 77  GLY A N   1 
ATOM   574  C  CA  . GLY A 1 78  ? -10.758 -5.122  -2.191  1.00   13.10 ? 77  GLY A CA  1 
ATOM   575  C  C   . GLY A 1 78  ? -10.241 -3.791  -2.720  1.00   13.18 ? 77  GLY A C   1 
ATOM   576  O  O   . GLY A 1 78  ? -10.255 -3.520  -3.944  1.00   14.20 ? 77  GLY A O   1 
ATOM   577  N  N   . GLN A 1 79  ? -9.829  -2.909  -1.802  1.00   13.34 ? 78  GLN A N   1 
ATOM   578  C  CA  . GLN A 1 79  ? -9.220  -1.654  -2.200  1.00   14.77 ? 78  GLN A CA  1 
ATOM   579  C  C   . GLN A 1 79  ? -8.012  -1.891  -3.078  1.00   13.95 ? 78  GLN A C   1 
ATOM   580  O  O   . GLN A 1 79  ? -7.796  -1.214  -4.110  1.00   14.64 ? 78  GLN A O   1 
ATOM   581  C  CB  . GLN A 1 79  ? -8.824  -0.844  -0.950  1.00   14.90 ? 78  GLN A CB  1 
ATOM   582  C  CG  . GLN A 1 79  ? -10.003 -0.189  -0.274  1.00   15.09 ? 78  GLN A CG  1 
ATOM   583  C  CD  . GLN A 1 79  ? -9.680  0.496   1.016   1.00   20.33 ? 78  GLN A CD  1 
ATOM   584  O  OE1 . GLN A 1 79  ? -8.664  0.208   1.636   1.00   23.31 ? 78  GLN A OE1 1 
ATOM   585  N  NE2 . GLN A 1 79  ? -10.634 1.289   1.503   1.00   24.87 ? 78  GLN A NE2 1 
ATOM   586  N  N   . PHE A 1 80  ? -7.175  -2.838  -2.679  1.00   13.15 ? 79  PHE A N   1 
ATOM   587  C  CA  . PHE A 1 80  ? -5.961  -3.106  -3.453  1.00   15.14 ? 79  PHE A CA  1 
ATOM   588  C  C   . PHE A 1 80  ? -6.317  -3.478  -4.909  1.00   15.51 ? 79  PHE A C   1 
ATOM   589  O  O   . PHE A 1 80  ? -5.780  -2.939  -5.907  1.00   14.62 ? 79  PHE A O   1 
ATOM   590  C  CB  . PHE A 1 80  ? -5.101  -4.209  -2.816  1.00   15.67 ? 79  PHE A CB  1 
ATOM   591  C  CG  . PHE A 1 80  ? -3.837  -4.449  -3.575  1.00   13.44 ? 79  PHE A CG  1 
ATOM   592  C  CD1 . PHE A 1 80  ? -2.666  -3.719  -3.299  1.00   14.86 ? 79  PHE A CD1 1 
ATOM   593  C  CD2 . PHE A 1 80  ? -3.762  -5.404  -4.586  1.00   15.53 ? 79  PHE A CD2 1 
ATOM   594  C  CE1 . PHE A 1 80  ? -1.517  -3.926  -4.018  1.00   14.98 ? 79  PHE A CE1 1 
ATOM   595  C  CE2 . PHE A 1 80  ? -2.578  -5.591  -5.316  1.00   16.37 ? 79  PHE A CE2 1 
ATOM   596  C  CZ  . PHE A 1 80  ? -1.460  -4.853  -5.032  1.00   15.18 ? 79  PHE A CZ  1 
ATOM   597  N  N   . ILE A 1 81  ? -7.282  -4.386  -5.039  1.00   13.83 ? 80  ILE A N   1 
ATOM   598  C  CA  . ILE A 1 81  ? -7.667  -4.888  -6.368  1.00   14.94 ? 80  ILE A CA  1 
ATOM   599  C  C   . ILE A 1 81  ? -8.235  -3.742  -7.213  1.00   13.44 ? 80  ILE A C   1 
ATOM   600  O  O   . ILE A 1 81  ? -7.932  -3.573  -8.427  1.00   14.31 ? 80  ILE A O   1 
ATOM   601  C  CB  . ILE A 1 81  ? -8.625  -6.100  -6.214  1.00   15.84 ? 80  ILE A CB  1 
ATOM   602  C  CG1 . ILE A 1 81  ? -7.810  -7.303  -5.712  1.00   17.69 ? 80  ILE A CG1 1 
ATOM   603  C  CG2 . ILE A 1 81  ? -9.350  -6.456  -7.556  1.00   14.91 ? 80  ILE A CG2 1 
ATOM   604  C  CD1 . ILE A 1 81  ? -8.642  -8.435  -5.218  1.00   24.47 ? 80  ILE A CD1 1 
ATOM   605  N  N   . ASN A 1 82  ? -9.115  -2.958  -6.584  1.00   13.85 ? 81  ASN A N   1 
ATOM   606  C  CA  . ASN A 1 82  ? -9.757  -1.882  -7.338  1.00   13.67 ? 81  ASN A CA  1 
ATOM   607  C  C   . ASN A 1 82  ? -8.783  -0.761  -7.687  1.00   14.95 ? 81  ASN A C   1 
ATOM   608  O  O   . ASN A 1 82  ? -8.800  -0.271  -8.837  1.00   15.19 ? 81  ASN A O   1 
ATOM   609  C  CB  . ASN A 1 82  ? -10.960 -1.364  -6.571  1.00   14.09 ? 81  ASN A CB  1 
ATOM   610  C  CG  . ASN A 1 82  ? -12.153 -2.277  -6.664  1.00   15.23 ? 81  ASN A CG  1 
ATOM   611  O  OD1 . ASN A 1 82  ? -12.324 -2.994  -7.643  1.00   15.56 ? 81  ASN A OD1 1 
ATOM   612  N  ND2 . ASN A 1 82  ? -13.022 -2.212  -5.642  1.00   16.19 ? 81  ASN A ND2 1 
ATOM   613  N  N   . TYR A 1 83  ? -7.936  -0.358  -6.725  1.00   13.47 ? 82  TYR A N   1 
ATOM   614  C  CA  . TYR A 1 83  ? -6.970  0.675   -7.041  1.00   14.24 ? 82  TYR A CA  1 
ATOM   615  C  C   . TYR A 1 83  ? -6.004  0.183   -8.126  1.00   14.15 ? 82  TYR A C   1 
ATOM   616  O  O   . TYR A 1 83  ? -5.597  0.955   -8.985  1.00   14.99 ? 82  TYR A O   1 
ATOM   617  C  CB  . TYR A 1 83  ? -6.193  1.131   -5.794  1.00   14.26 ? 82  TYR A CB  1 
ATOM   618  C  CG  . TYR A 1 83  ? -7.020  1.786   -4.704  1.00   16.82 ? 82  TYR A CG  1 
ATOM   619  C  CD1 . TYR A 1 83  ? -8.126  2.553   -4.999  1.00   26.66 ? 82  TYR A CD1 1 
ATOM   620  C  CD2 . TYR A 1 83  ? -6.612  1.675   -3.365  1.00   21.04 ? 82  TYR A CD2 1 
ATOM   621  C  CE1 . TYR A 1 83  ? -8.887  3.159   -3.980  1.00   30.19 ? 82  TYR A CE1 1 
ATOM   622  C  CE2 . TYR A 1 83  ? -7.368  2.276   -2.337  1.00   23.77 ? 82  TYR A CE2 1 
ATOM   623  C  CZ  . TYR A 1 83  ? -8.480  3.028   -2.669  1.00   26.20 ? 82  TYR A CZ  1 
ATOM   624  O  OH  . TYR A 1 83  ? -9.232  3.640   -1.668  1.00   36.40 ? 82  TYR A OH  1 
ATOM   625  N  N   . ARG A 1 84  ? -5.602  -1.077  -8.054  1.00   12.82 ? 83  ARG A N   1 
ATOM   626  C  CA  . ARG A 1 84  ? -4.657  -1.626  -9.020  1.00   12.52 ? 83  ARG A CA  1 
ATOM   627  C  C   . ARG A 1 84  ? -5.303  -1.568  -10.410 1.00   14.27 ? 83  ARG A C   1 
ATOM   628  O  O   . ARG A 1 84  ? -4.671  -1.163  -11.398 1.00   13.93 ? 83  ARG A O   1 
ATOM   629  C  CB  . ARG A 1 84  ? -4.310  -3.042  -8.663  1.00   12.37 ? 83  ARG A CB  1 
ATOM   630  C  CG  . ARG A 1 84  ? -3.343  -3.629  -9.671  1.00   14.18 ? 83  ARG A CG  1 
ATOM   631  C  CD  . ARG A 1 84  ? -2.907  -5.100  -9.291  1.00   16.02 ? 83  ARG A CD  1 
ATOM   632  N  NE  . ARG A 1 84  ? -4.046  -5.992  -9.214  1.00   14.29 ? 83  ARG A NE  1 
ATOM   633  C  CZ  . ARG A 1 84  ? -4.003  -7.193  -8.663  1.00   15.91 ? 83  ARG A CZ  1 
ATOM   634  N  NH1 . ARG A 1 84  ? -2.845  -7.687  -8.266  1.00   15.65 ? 83  ARG A NH1 1 
ATOM   635  N  NH2 . ARG A 1 84  ? -5.099  -7.899  -8.549  1.00   17.28 ? 83  ARG A NH2 1 
ATOM   636  N  N   . GLY A 1 85  ? -6.572  -1.967  -10.506 1.00   13.84 ? 84  GLY A N   1 
ATOM   637  C  CA  . GLY A 1 85  ? -7.287  -1.892  -11.803 1.00   12.15 ? 84  GLY A CA  1 
ATOM   638  C  C   . GLY A 1 85  ? -7.411  -0.504  -12.368 1.00   15.76 ? 84  GLY A C   1 
ATOM   639  O  O   . GLY A 1 85  ? -7.154  -0.268  -13.549 1.00   16.60 ? 84  GLY A O   1 
ATOM   640  N  N   . ALA A 1 86  ? -7.771  0.442   -11.491 1.00   13.27 ? 85  ALA A N   1 
ATOM   641  C  CA  . ALA A 1 86  ? -7.877  1.855   -11.871 1.00   15.46 ? 85  ALA A CA  1 
ATOM   642  C  C   . ALA A 1 86  ? -6.538  2.388   -12.350 1.00   14.74 ? 85  ALA A C   1 
ATOM   643  O  O   . ALA A 1 86  ? -6.437  3.016   -13.391 1.00   13.38 ? 85  ALA A O   1 
ATOM   644  C  CB  . ALA A 1 86  ? -8.380  2.689   -10.722 1.00   14.85 ? 85  ALA A CB  1 
ATOM   645  N  N   . LEU A 1 87  ? -5.479  2.065   -11.621 1.00   13.24 ? 86  LEU A N   1 
ATOM   646  C  CA  . LEU A 1 87  ? -4.139  2.576   -11.951 1.00   12.53 ? 86  LEU A CA  1 
ATOM   647  C  C   . LEU A 1 87  ? -3.631  2.022   -13.286 1.00   12.40 ? 86  LEU A C   1 
ATOM   648  O  O   . LEU A 1 87  ? -2.917  2.728   -14.037 1.00   13.45 ? 86  LEU A O   1 
ATOM   649  C  CB  . LEU A 1 87  ? -3.141  2.347   -10.837 1.00   15.66 ? 86  LEU A CB  1 
ATOM   650  C  CG  . LEU A 1 87  ? -3.316  3.283   -9.680  1.00   16.50 ? 86  LEU A CG  1 
ATOM   651  C  CD1 . LEU A 1 87  ? -2.560  2.744   -8.394  1.00   19.08 ? 86  LEU A CD1 1 
ATOM   652  C  CD2 . LEU A 1 87  ? -2.720  4.728   -10.050 1.00   18.19 ? 86  LEU A CD2 1 
ATOM   653  N  N   A ARG A 1 88  ? -3.997  0.794   -13.620 0.50   12.46 ? 87  ARG A N   1 
ATOM   654  N  N   B ARG A 1 88  ? -4.007  0.787   -13.609 0.50   11.38 ? 87  ARG A N   1 
ATOM   655  C  CA  A ARG A 1 88  ? -3.597  0.272   -14.927 0.50   13.60 ? 87  ARG A CA  1 
ATOM   656  C  CA  B ARG A 1 88  ? -3.635  0.209   -14.911 0.50   11.44 ? 87  ARG A CA  1 
ATOM   657  C  C   A ARG A 1 88  ? -4.045  1.196   -16.049 0.50   13.84 ? 87  ARG A C   1 
ATOM   658  C  C   B ARG A 1 88  ? -4.190  1.051   -16.069 0.50   14.12 ? 87  ARG A C   1 
ATOM   659  O  O   A ARG A 1 88  ? -3.330  1.403   -17.029 0.50   12.46 ? 87  ARG A O   1 
ATOM   660  O  O   B ARG A 1 88  ? -3.613  1.112   -17.156 0.50   12.01 ? 87  ARG A O   1 
ATOM   661  C  CB  A ARG A 1 88  ? -4.198  -1.075  -15.191 0.50   16.69 ? 87  ARG A CB  1 
ATOM   662  C  CB  B ARG A 1 88  ? -4.095  -1.232  -15.026 0.50   13.98 ? 87  ARG A CB  1 
ATOM   663  C  CG  A ARG A 1 88  ? -3.670  -2.164  -14.358 0.50   19.44 ? 87  ARG A CG  1 
ATOM   664  C  CG  B ARG A 1 88  ? -3.273  -2.187  -14.200 0.50   11.67 ? 87  ARG A CG  1 
ATOM   665  C  CD  A ARG A 1 88  ? -4.031  -3.447  -15.039 0.50   27.27 ? 87  ARG A CD  1 
ATOM   666  C  CD  B ARG A 1 88  ? -3.945  -3.535  -14.080 0.50   11.67 ? 87  ARG A CD  1 
ATOM   667  N  NE  A ARG A 1 88  ? -4.388  -4.516  -14.145 0.50   33.80 ? 87  ARG A NE  1 
ATOM   668  N  NE  B ARG A 1 88  ? -3.055  -4.510  -13.535 0.50   14.78 ? 87  ARG A NE  1 
ATOM   669  C  CZ  A ARG A 1 88  ? -3.650  -4.979  -13.139 0.50   30.60 ? 87  ARG A CZ  1 
ATOM   670  C  CZ  B ARG A 1 88  ? -3.430  -5.690  -13.067 0.50   16.17 ? 87  ARG A CZ  1 
ATOM   671  N  NH1 A ARG A 1 88  ? -2.447  -4.456  -12.791 0.50   30.96 ? 87  ARG A NH1 1 
ATOM   672  N  NH1 B ARG A 1 88  ? -2.534  -6.514  -12.509 0.50   14.10 ? 87  ARG A NH1 1 
ATOM   673  N  NH2 A ARG A 1 88  ? -4.159  -5.992  -12.458 0.50   19.46 ? 87  ARG A NH2 1 
ATOM   674  N  NH2 B ARG A 1 88  ? -4.707  -6.008  -13.122 0.50   16.14 ? 87  ARG A NH2 1 
ATOM   675  N  N   A ARG A 1 89  ? -5.267  1.710   -15.912 0.50   13.04 ? 88  ARG A N   1 
ATOM   676  N  N   B ARG A 1 89  ? -5.326  1.694   -15.827 0.50   12.96 ? 88  ARG A N   1 
ATOM   677  C  CA  A ARG A 1 89  ? -5.922  2.470   -16.971 0.50   12.16 ? 88  ARG A CA  1 
ATOM   678  C  CA  B ARG A 1 89  ? -6.005  2.469   -16.863 0.50   12.83 ? 88  ARG A CA  1 
ATOM   679  C  C   A ARG A 1 89  ? -5.572  3.959   -16.977 0.50   13.82 ? 88  ARG A C   1 
ATOM   680  C  C   B ARG A 1 89  ? -5.627  3.950   -16.929 0.50   14.02 ? 88  ARG A C   1 
ATOM   681  O  O   A ARG A 1 89  ? -5.999  4.699   -17.871 0.50   15.67 ? 88  ARG A O   1 
ATOM   682  O  O   B ARG A 1 89  ? -6.096  4.671   -17.811 0.50   15.75 ? 88  ARG A O   1 
ATOM   683  C  CB  A ARG A 1 89  ? -7.433  2.327   -16.825 0.50   13.80 ? 88  ARG A CB  1 
ATOM   684  C  CB  B ARG A 1 89  ? -7.501  2.368   -16.627 0.50   13.23 ? 88  ARG A CB  1 
ATOM   685  C  CG  A ARG A 1 89  ? -7.925  0.882   -16.836 0.50   14.25 ? 88  ARG A CG  1 
ATOM   686  C  CG  B ARG A 1 89  ? -8.023  0.952   -16.779 0.50   18.14 ? 88  ARG A CG  1 
ATOM   687  C  CD  A ARG A 1 89  ? -7.478  0.086   -18.067 0.50   15.64 ? 88  ARG A CD  1 
ATOM   688  C  CD  B ARG A 1 89  ? -7.765  0.371   -18.178 0.50   20.71 ? 88  ARG A CD  1 
ATOM   689  N  NE  A ARG A 1 89  ? -8.038  -1.274  -18.067 0.50   10.25 ? 88  ARG A NE  1 
ATOM   690  N  NE  B ARG A 1 89  ? -8.653  -0.766  -18.422 0.50   23.14 ? 88  ARG A NE  1 
ATOM   691  C  CZ  A ARG A 1 89  ? -9.239  -1.609  -18.532 0.50   9.51  ? 88  ARG A CZ  1 
ATOM   692  C  CZ  B ARG A 1 89  ? -8.379  -2.047  -18.153 0.50   21.91 ? 88  ARG A CZ  1 
ATOM   693  N  NH1 A ARG A 1 89  ? -10.059 -0.695  -19.038 0.50   14.62 ? 88  ARG A NH1 1 
ATOM   694  N  NH1 B ARG A 1 89  ? -7.191  -2.452  -17.637 0.50   27.09 ? 88  ARG A NH1 1 
ATOM   695  N  NH2 A ARG A 1 89  ? -9.653  -2.868  -18.475 0.50   9.97  ? 88  ARG A NH2 1 
ATOM   696  N  NH2 B ARG A 1 89  ? -9.319  -2.946  -18.417 0.50   26.06 ? 88  ARG A NH2 1 
ATOM   697  N  N   . ARG A 1 90  ? -4.813  4.388   -15.982 1.00   15.53 ? 89  ARG A N   1 
ATOM   698  C  CA  . ARG A 1 90  ? -4.422  5.801   -15.858 1.00   14.70 ? 89  ARG A CA  1 
ATOM   699  C  C   . ARG A 1 90  ? -2.914  6.009   -15.789 1.00   15.79 ? 89  ARG A C   1 
ATOM   700  O  O   . ARG A 1 90  ? -2.387  6.916   -16.465 1.00   15.40 ? 89  ARG A O   1 
ATOM   701  C  CB  . ARG A 1 90  ? -5.023  6.370   -14.576 1.00   17.40 ? 89  ARG A CB  1 
ATOM   702  C  CG  . ARG A 1 90  ? -6.485  6.541   -14.600 1.00   19.77 ? 89  ARG A CG  1 
ATOM   703  C  CD  . ARG A 1 90  ? -6.844  7.572   -15.632 1.00   23.60 ? 89  ARG A CD  1 
ATOM   704  N  NE  . ARG A 1 90  ? -8.264  7.876   -15.734 1.00   26.34 ? 89  ARG A NE  1 
ATOM   705  C  CZ  . ARG A 1 90  ? -9.114  7.279   -16.572 1.00   27.61 ? 89  ARG A CZ  1 
ATOM   706  N  NH1 . ARG A 1 90  ? -8.717  6.301   -17.392 1.00   27.37 ? 89  ARG A NH1 1 
ATOM   707  N  NH2 . ARG A 1 90  ? -10.388 7.665   -16.601 1.00   34.26 ? 89  ARG A NH2 1 
ATOM   708  N  N   A GLN A 1 91  ? -2.198  5.233   -14.976 0.50   13.55 ? 90  GLN A N   1 
ATOM   709  N  N   B GLN A 1 91  ? -2.238  5.199   -14.968 0.50   13.99 ? 90  GLN A N   1 
ATOM   710  C  CA  A GLN A 1 91  ? -0.745  5.389   -14.852 0.50   13.28 ? 90  GLN A CA  1 
ATOM   711  C  CA  B GLN A 1 91  ? -0.815  5.331   -14.683 0.50   15.27 ? 90  GLN A CA  1 
ATOM   712  C  C   A GLN A 1 91  ? -0.184  3.978   -14.770 0.50   14.61 ? 90  GLN A C   1 
ATOM   713  C  C   B GLN A 1 91  ? -0.277  3.896   -14.708 0.50   14.07 ? 90  GLN A C   1 
ATOM   714  O  O   A GLN A 1 91  ? 0.211   3.506   -13.707 0.50   15.57 ? 90  GLN A O   1 
ATOM   715  O  O   B GLN A 1 91  ? -0.034  3.314   -13.654 0.50   11.39 ? 90  GLN A O   1 
ATOM   716  C  CB  A GLN A 1 91  ? -0.355  6.186   -13.617 0.50   15.76 ? 90  GLN A CB  1 
ATOM   717  C  CB  B GLN A 1 91  ? -0.598  5.974   -13.289 0.50   14.59 ? 90  GLN A CB  1 
ATOM   718  C  CG  A GLN A 1 91  ? -0.730  7.641   -13.661 0.50   8.65  ? 90  GLN A CG  1 
ATOM   719  C  CG  B GLN A 1 91  ? -1.366  7.286   -13.098 0.50   18.68 ? 90  GLN A CG  1 
ATOM   720  C  CD  A GLN A 1 91  ? -0.181  8.323   -12.443 0.50   11.41 ? 90  GLN A CD  1 
ATOM   721  C  CD  B GLN A 1 91  ? -0.899  8.102   -11.907 0.50   21.31 ? 90  GLN A CD  1 
ATOM   722  O  OE1 A GLN A 1 91  ? 0.979   8.211   -12.181 0.50   10.59 ? 90  GLN A OE1 1 
ATOM   723  O  OE1 B GLN A 1 91  ? -0.587  7.570   -10.854 0.50   31.99 ? 90  GLN A OE1 1 
ATOM   724  N  NE2 A GLN A 1 91  ? -1.042  8.991   -11.674 0.50   26.48 ? 90  GLN A NE2 1 
ATOM   725  N  NE2 B GLN A 1 91  ? -0.887  9.420   -12.071 0.50   30.36 ? 90  GLN A NE2 1 
ATOM   726  N  N   . PRO A 1 92  ? -0.166  3.286   -15.910 1.00   14.81 ? 91  PRO A N   1 
ATOM   727  C  CA  . PRO A 1 92  ? 0.175   1.869   -15.982 1.00   13.53 ? 91  PRO A CA  1 
ATOM   728  C  C   . PRO A 1 92  ? 1.603   1.521   -15.537 1.00   15.04 ? 91  PRO A C   1 
ATOM   729  O  O   . PRO A 1 92  ? 1.879   0.353   -15.361 1.00   18.61 ? 91  PRO A O   1 
ATOM   730  C  CB  . PRO A 1 92  ? -0.103  1.505   -17.459 1.00   15.93 ? 91  PRO A CB  1 
ATOM   731  C  CG  . PRO A 1 92  ? 0.170   2.784   -18.163 1.00   15.45 ? 91  PRO A CG  1 
ATOM   732  C  CD  . PRO A 1 92  ? -0.454  3.820   -17.252 1.00   17.21 ? 91  PRO A CD  1 
ATOM   733  N  N   . GLU A 1 93  ? 2.501   2.493   -15.437 1.00   14.60 ? 92  GLU A N   1 
ATOM   734  C  CA  . GLU A 1 93  ? 3.825   2.163   -14.942 1.00   13.61 ? 92  GLU A CA  1 
ATOM   735  C  C   . GLU A 1 93  ? 4.015   2.520   -13.455 1.00   16.72 ? 92  GLU A C   1 
ATOM   736  O  O   . GLU A 1 93  ? 5.135   2.364   -12.948 1.00   18.42 ? 92  GLU A O   1 
ATOM   737  C  CB  . GLU A 1 93  ? 4.873   2.761   -15.846 1.00   17.34 ? 92  GLU A CB  1 
ATOM   738  C  CG  . GLU A 1 93  ? 4.724   2.126   -17.229 1.00   17.92 ? 92  GLU A CG  1 
ATOM   739  C  CD  . GLU A 1 93  ? 5.789   2.430   -18.232 1.00   21.96 ? 92  GLU A CD  1 
ATOM   740  O  OE1 . GLU A 1 93  ? 6.877   3.010   -17.880 1.00   26.20 ? 92  GLU A OE1 1 
ATOM   741  O  OE2 . GLU A 1 93  ? 5.527   2.076   -19.393 1.00   19.83 ? 92  GLU A OE2 1 
ATOM   742  N  N   . ARG A 1 94  ? 2.937   2.946   -12.761 1.00   15.17 ? 93  ARG A N   1 
ATOM   743  C  CA  . ARG A 1 94  ? 2.997   3.193   -11.326 1.00   14.79 ? 93  ARG A CA  1 
ATOM   744  C  C   . ARG A 1 94  ? 2.549   1.933   -10.616 1.00   15.85 ? 93  ARG A C   1 
ATOM   745  O  O   . ARG A 1 94  ? 1.399   1.538   -10.714 1.00   17.90 ? 93  ARG A O   1 
ATOM   746  C  CB  . ARG A 1 94  ? 2.118   4.382   -10.924 1.00   14.74 ? 93  ARG A CB  1 
ATOM   747  C  CG  . ARG A 1 94  ? 2.272   4.768   -9.493  1.00   16.22 ? 93  ARG A CG  1 
ATOM   748  C  CD  . ARG A 1 94  ? 1.496   5.983   -9.111  1.00   16.18 ? 93  ARG A CD  1 
ATOM   749  N  NE  . ARG A 1 94  ? 1.946   7.174   -9.819  1.00   18.43 ? 93  ARG A NE  1 
ATOM   750  C  CZ  . ARG A 1 94  ? 2.994   7.932   -9.481  1.00   16.13 ? 93  ARG A CZ  1 
ATOM   751  N  NH1 . ARG A 1 94  ? 3.827   7.597   -8.471  1.00   16.45 ? 93  ARG A NH1 1 
ATOM   752  N  NH2 . ARG A 1 94  ? 3.261   8.999   -10.235 1.00   19.80 ? 93  ARG A NH2 1 
ATOM   753  N  N   . VAL A 1 95  ? 3.463   1.300   -9.896  1.00   14.86 ? 94  VAL A N   1 
ATOM   754  C  CA  . VAL A 1 95  ? 3.216   0.014   -9.262  1.00   13.55 ? 94  VAL A CA  1 
ATOM   755  C  C   . VAL A 1 95  ? 2.632   0.210   -7.889  1.00   15.39 ? 94  VAL A C   1 
ATOM   756  O  O   . VAL A 1 95  ? 3.199   0.937   -7.062  1.00   15.27 ? 94  VAL A O   1 
ATOM   757  C  CB  . VAL A 1 95  ? 4.489   -0.817  -9.221  1.00   15.39 ? 94  VAL A CB  1 
ATOM   758  C  CG1 . VAL A 1 95  ? 4.281   -2.196  -8.522  1.00   15.90 ? 94  VAL A CG1 1 
ATOM   759  C  CG2 . VAL A 1 95  ? 5.116   -1.016  -10.649 1.00   17.36 ? 94  VAL A CG2 1 
ATOM   760  N  N   . LEU A 1 96  ? 1.526   -0.508  -7.642  1.00   14.50 ? 95  LEU A N   1 
ATOM   761  C  CA  . LEU A 1 96  ? 0.806   -0.428  -6.377  1.00   13.60 ? 95  LEU A CA  1 
ATOM   762  C  C   . LEU A 1 96  ? 1.311   -1.449  -5.333  1.00   14.55 ? 95  LEU A C   1 
ATOM   763  O  O   . LEU A 1 96  ? 1.426   -2.640  -5.642  1.00   14.43 ? 95  LEU A O   1 
ATOM   764  C  CB  . LEU A 1 96  ? -0.712  -0.597  -6.565  1.00   14.88 ? 95  LEU A CB  1 
ATOM   765  C  CG  . LEU A 1 96  ? -1.571  -0.490  -5.280  1.00   14.97 ? 95  LEU A CG  1 
ATOM   766  C  CD1 . LEU A 1 96  ? -1.626  0.890   -4.754  1.00   14.20 ? 95  LEU A CD1 1 
ATOM   767  C  CD2 . LEU A 1 96  ? -3.035  -0.995  -5.545  1.00   15.86 ? 95  LEU A CD2 1 
ATOM   768  N  N   . TYR A 1 97  ? 1.518   -0.953  -4.097  1.00   14.22 ? 96  TYR A N   1 
ATOM   769  C  CA  . TYR A 1 97  ? 1.887   -1.768  -2.954  1.00   15.53 ? 96  TYR A CA  1 
ATOM   770  C  C   . TYR A 1 97  ? 0.897   -1.527  -1.789  1.00   13.92 ? 96  TYR A C   1 
ATOM   771  O  O   . TYR A 1 97  ? 0.444   -0.418  -1.540  1.00   15.27 ? 96  TYR A O   1 
ATOM   772  C  CB  . TYR A 1 97  ? 3.292   -1.358  -2.449  1.00   14.86 ? 96  TYR A CB  1 
ATOM   773  C  CG  . TYR A 1 97  ? 4.362   -1.673  -3.446  1.00   12.22 ? 96  TYR A CG  1 
ATOM   774  C  CD1 . TYR A 1 97  ? 4.662   -0.778  -4.481  1.00   13.99 ? 96  TYR A CD1 1 
ATOM   775  C  CD2 . TYR A 1 97  ? 5.067   -2.894  -3.403  1.00   13.80 ? 96  TYR A CD2 1 
ATOM   776  C  CE1 . TYR A 1 97  ? 5.607   -1.099  -5.453  1.00   16.19 ? 96  TYR A CE1 1 
ATOM   777  C  CE2 . TYR A 1 97  ? 6.037   -3.190  -4.357  1.00   15.60 ? 96  TYR A CE2 1 
ATOM   778  C  CZ  . TYR A 1 97  ? 6.302   -2.280  -5.383  1.00   15.78 ? 96  TYR A CZ  1 
ATOM   779  O  OH  . TYR A 1 97  ? 7.262   -2.605  -6.336  1.00   20.94 ? 96  TYR A OH  1 
ATOM   780  N  N   . LEU A 1 98  ? 0.604   -2.601  -1.074  1.00   15.10 ? 97  LEU A N   1 
ATOM   781  C  CA  . LEU A 1 98  ? -0.084  -2.575  0.205   1.00   15.81 ? 97  LEU A CA  1 
ATOM   782  C  C   . LEU A 1 98  ? 0.933   -2.475  1.317   1.00   12.96 ? 97  LEU A C   1 
ATOM   783  O  O   . LEU A 1 98  ? 1.795   -3.345  1.453   1.00   13.70 ? 97  LEU A O   1 
ATOM   784  C  CB  . LEU A 1 98  ? -0.878  -3.870  0.401   1.00   15.25 ? 97  LEU A CB  1 
ATOM   785  C  CG  . LEU A 1 98  ? -1.595  -4.085  1.745   1.00   16.89 ? 97  LEU A CG  1 
ATOM   786  C  CD1 . LEU A 1 98  ? -2.573  -2.944  2.091   1.00   18.54 ? 97  LEU A CD1 1 
ATOM   787  C  CD2 . LEU A 1 98  ? -2.236  -5.477  1.855   1.00   16.48 ? 97  LEU A CD2 1 
ATOM   788  N  N   . ALA A 1 99  ? 0.882   -1.378  2.057   1.00   13.36 ? 98  ALA A N   1 
ATOM   789  C  CA  . ALA A 1 99  ? 1.816   -1.185  3.173   1.00   13.19 ? 98  ALA A CA  1 
ATOM   790  C  C   . ALA A 1 99  ? 1.234   -1.713  4.491   1.00   14.24 ? 98  ALA A C   1 
ATOM   791  O  O   . ALA A 1 99  ? 0.132   -1.332  4.845   1.00   16.09 ? 98  ALA A O   1 
ATOM   792  C  CB  . ALA A 1 99  ? 2.180   0.281   3.315   1.00   15.10 ? 98  ALA A CB  1 
ATOM   793  N  N   . VAL A 1 100 ? 1.968   -2.593  5.173   1.00   15.73 ? 99  VAL A N   1 
ATOM   794  C  CA  . VAL A 1 100 ? 1.506   -3.072  6.446   1.00   16.72 ? 99  VAL A CA  1 
ATOM   795  C  C   . VAL A 1 100 ? 2.647   -3.102  7.468   1.00   16.52 ? 99  VAL A C   1 
ATOM   796  O  O   . VAL A 1 100 ? 3.825   -3.301  7.092   1.00   15.38 ? 99  VAL A O   1 
ATOM   797  C  CB  . VAL A 1 100 ? 0.802   -4.422  6.426   1.00   20.96 ? 99  VAL A CB  1 
ATOM   798  C  CG1 . VAL A 1 100 ? -0.236  -4.514  5.247   1.00   21.22 ? 99  VAL A CG1 1 
ATOM   799  C  CG2 . VAL A 1 100 ? 1.783   -5.569  6.344   1.00   20.54 ? 99  VAL A CG2 1 
ATOM   800  N  N   . PRO A 1 101 ? 2.308   -2.899  8.752   1.00   16.21 ? 100 PRO A N   1 
ATOM   801  C  CA  . PRO A 1 101 ? 3.336   -2.937  9.800   1.00   13.33 ? 100 PRO A CA  1 
ATOM   802  C  C   . PRO A 1 101 ? 4.010   -4.292  9.939   1.00   16.14 ? 100 PRO A C   1 
ATOM   803  O  O   . PRO A 1 101 ? 3.384   -5.345  9.700   1.00   15.46 ? 100 PRO A O   1 
ATOM   804  C  CB  . PRO A 1 101 ? 2.549   -2.588  11.064  1.00   16.51 ? 100 PRO A CB  1 
ATOM   805  C  CG  . PRO A 1 101 ? 1.339   -1.896  10.623  1.00   19.93 ? 100 PRO A CG  1 
ATOM   806  C  CD  . PRO A 1 101 ? 0.997   -2.596  9.347   1.00   17.21 ? 100 PRO A CD  1 
ATOM   807  N  N   . LEU A 1 102 ? 5.274   -4.268  10.346  1.00   16.24 ? 101 LEU A N   1 
ATOM   808  C  CA  . LEU A 1 102 ? 6.053   -5.467  10.571  1.00   16.98 ? 101 LEU A CA  1 
ATOM   809  C  C   . LEU A 1 102 ? 5.349   -6.410  11.554  1.00   15.64 ? 101 LEU A C   1 
ATOM   810  O  O   . LEU A 1 102 ? 5.330   -7.623  11.329  1.00   17.18 ? 101 LEU A O   1 
ATOM   811  C  CB  . LEU A 1 102 ? 7.470   -5.124  11.100  1.00   18.19 ? 101 LEU A CB  1 
ATOM   812  C  CG  . LEU A 1 102 ? 8.404   -6.321  11.276  1.00   14.85 ? 101 LEU A CG  1 
ATOM   813  C  CD1 . LEU A 1 102 ? 8.603   -7.226  10.084  1.00   18.28 ? 101 LEU A CD1 1 
ATOM   814  C  CD2 . LEU A 1 102 ? 9.772   -5.770  11.774  1.00   19.09 ? 101 LEU A CD2 1 
ATOM   815  N  N   . THR A 1 103 ? 4.767   -5.875  12.631  1.00   15.14 ? 102 THR A N   1 
ATOM   816  C  CA  . THR A 1 103 ? 4.067   -6.722  13.649  1.00   17.37 ? 102 THR A CA  1 
ATOM   817  C  C   . THR A 1 103 ? 2.949   -7.525  12.980  1.00   17.31 ? 102 THR A C   1 
ATOM   818  O  O   . THR A 1 103 ? 2.781   -8.720  13.227  1.00   18.51 ? 102 THR A O   1 
ATOM   819  C  CB  . THR A 1 103 ? 3.515   -5.891  14.813  1.00   20.07 ? 102 THR A CB  1 
ATOM   820  O  OG1 . THR A 1 103 ? 2.710   -4.817  14.325  1.00   20.21 ? 102 THR A OG1 1 
ATOM   821  C  CG2 . THR A 1 103 ? 4.674   -5.293  15.644  1.00   21.03 ? 102 THR A CG2 1 
ATOM   822  N  N   . THR A 1 104 ? 2.198   -6.872  12.098  1.00   14.69 ? 103 THR A N   1 
ATOM   823  C  CA  . THR A 1 104 ? 1.099   -7.553  11.378  1.00   16.48 ? 103 THR A CA  1 
ATOM   824  C  C   . THR A 1 104 ? 1.642   -8.570  10.364  1.00   14.95 ? 103 THR A C   1 
ATOM   825  O  O   . THR A 1 104 ? 1.114   -9.684  10.219  1.00   16.82 ? 103 THR A O   1 
ATOM   826  C  CB  . THR A 1 104 ? 0.265   -6.508  10.631  1.00   16.97 ? 103 THR A CB  1 
ATOM   827  O  OG1 . THR A 1 104 ? -0.118  -5.482  11.535  1.00   21.79 ? 103 THR A OG1 1 
ATOM   828  C  CG2 . THR A 1 104 ? -0.968  -7.129  9.919   1.00   18.97 ? 103 THR A CG2 1 
ATOM   829  N  N   . TYR A 1 105 ? 2.728   -8.200  9.701   1.00   14.55 ? 104 TYR A N   1 
ATOM   830  C  CA  . TYR A 1 105 ? 3.355   -9.077  8.726   1.00   15.81 ? 104 TYR A CA  1 
ATOM   831  C  C   . TYR A 1 105 ? 3.802   -10.377 9.418   1.00   17.26 ? 104 TYR A C   1 
ATOM   832  O  O   . TYR A 1 105 ? 3.619   -11.472 8.889   1.00   18.07 ? 104 TYR A O   1 
ATOM   833  C  CB  . TYR A 1 105 ? 4.565   -8.409  8.074   1.00   16.95 ? 104 TYR A CB  1 
ATOM   834  C  CG  . TYR A 1 105 ? 5.275   -9.313  7.096   1.00   16.88 ? 104 TYR A CG  1 
ATOM   835  C  CD1 . TYR A 1 105 ? 4.656   -9.673  5.898   1.00   20.14 ? 104 TYR A CD1 1 
ATOM   836  C  CD2 . TYR A 1 105 ? 6.547   -9.797  7.364   1.00   24.05 ? 104 TYR A CD2 1 
ATOM   837  C  CE1 . TYR A 1 105 ? 5.279   -10.519 5.003   1.00   25.95 ? 104 TYR A CE1 1 
ATOM   838  C  CE2 . TYR A 1 105 ? 7.183   -10.656 6.459   1.00   23.57 ? 104 TYR A CE2 1 
ATOM   839  C  CZ  . TYR A 1 105 ? 6.529   -10.997 5.296   1.00   23.90 ? 104 TYR A CZ  1 
ATOM   840  O  OH  . TYR A 1 105 ? 7.146   -11.859 4.416   1.00   37.27 ? 104 TYR A OH  1 
ATOM   841  N  N   . LYS A 1 106 ? 4.384   -10.248 10.590  1.00   16.41 ? 105 LYS A N   1 
ATOM   842  C  CA  . LYS A 1 106 ? 4.967   -11.404 11.266  1.00   19.34 ? 105 LYS A CA  1 
ATOM   843  C  C   . LYS A 1 106 ? 3.921   -12.275 11.948  1.00   20.42 ? 105 LYS A C   1 
ATOM   844  O  O   . LYS A 1 106 ? 4.246   -13.388 12.416  1.00   22.75 ? 105 LYS A O   1 
ATOM   845  C  CB  . LYS A 1 106 ? 5.975   -10.962 12.323  1.00   19.60 ? 105 LYS A CB  1 
ATOM   846  C  CG  . LYS A 1 106 ? 7.255   -10.383 11.756  1.00   22.79 ? 105 LYS A CG  1 
ATOM   847  C  CD  . LYS A 1 106 ? 8.181   -9.865  12.899  1.00   25.59 ? 105 LYS A CD  1 
ATOM   848  C  CE  . LYS A 1 106 ? 8.799   -11.007 13.709  1.00   34.35 ? 105 LYS A CE  1 
ATOM   849  N  N   . THR A 1 107 ? 2.695   -11.766 12.100  1.00   17.80 ? 106 THR A N   1 
ATOM   850  C  CA  . THR A 1 107 ? 1.636   -12.519 12.798  1.00   18.43 ? 106 THR A CA  1 
ATOM   851  C  C   . THR A 1 107 ? 0.545   -12.903 11.817  1.00   17.31 ? 106 THR A C   1 
ATOM   852  O  O   . THR A 1 107 ? 0.575   -13.998 11.243  1.00   15.44 ? 106 THR A O   1 
ATOM   853  C  CB  . THR A 1 107 ? 1.052   -11.696 13.977  1.00   18.03 ? 106 THR A CB  1 
ATOM   854  O  OG1 . THR A 1 107 ? 0.629   -10.406 13.525  1.00   18.50 ? 106 THR A OG1 1 
ATOM   855  C  CG2 . THR A 1 107 ? 2.124   -11.514 15.092  1.00   20.27 ? 106 THR A CG2 1 
ATOM   856  N  N   . PHE A 1 108 ? -0.378  -11.969 11.539  1.00   17.34 ? 107 PHE A N   1 
ATOM   857  C  CA  . PHE A 1 108 ? -1.502  -12.249 10.617  1.00   16.01 ? 107 PHE A CA  1 
ATOM   858  C  C   . PHE A 1 108 ? -1.068  -12.785 9.252   1.00   15.19 ? 107 PHE A C   1 
ATOM   859  O  O   . PHE A 1 108 ? -1.599  -13.792 8.777   1.00   16.51 ? 107 PHE A O   1 
ATOM   860  C  CB  . PHE A 1 108 ? -2.356  -10.993 10.434  1.00   16.23 ? 107 PHE A CB  1 
ATOM   861  C  CG  . PHE A 1 108 ? -3.527  -11.162 9.505   1.00   14.70 ? 107 PHE A CG  1 
ATOM   862  C  CD1 . PHE A 1 108 ? -4.636  -11.905 9.922   1.00   15.99 ? 107 PHE A CD1 1 
ATOM   863  C  CD2 . PHE A 1 108 ? -3.571  -10.555 8.272   1.00   17.19 ? 107 PHE A CD2 1 
ATOM   864  C  CE1 . PHE A 1 108 ? -5.724  -12.045 9.116   1.00   16.84 ? 107 PHE A CE1 1 
ATOM   865  C  CE2 . PHE A 1 108 ? -4.664  -10.722 7.458   1.00   17.43 ? 107 PHE A CE2 1 
ATOM   866  C  CZ  . PHE A 1 108 ? -5.746  -11.487 7.907   1.00   15.11 ? 107 PHE A CZ  1 
ATOM   867  N  N   . PHE A 1 109 ? -0.084  -12.124 8.624   1.00   15.83 ? 108 PHE A N   1 
ATOM   868  C  CA  . PHE A 1 109 ? 0.349   -12.524 7.283   1.00   16.41 ? 108 PHE A CA  1 
ATOM   869  C  C   . PHE A 1 109 ? 1.217   -13.780 7.268   1.00   17.09 ? 108 PHE A C   1 
ATOM   870  O  O   . PHE A 1 109 ? 1.551   -14.257 6.190   1.00   20.80 ? 108 PHE A O   1 
ATOM   871  C  CB  . PHE A 1 109 ? 0.986   -11.347 6.485   1.00   18.30 ? 108 PHE A CB  1 
ATOM   872  C  CG  . PHE A 1 109 ? -0.021  -10.337 6.043   1.00   16.08 ? 108 PHE A CG  1 
ATOM   873  C  CD1 . PHE A 1 109 ? -0.907  -10.659 5.030   1.00   18.02 ? 108 PHE A CD1 1 
ATOM   874  C  CD2 . PHE A 1 109 ? -0.205  -9.157  6.736   1.00   17.08 ? 108 PHE A CD2 1 
ATOM   875  C  CE1 . PHE A 1 109 ? -1.891  -9.770  4.646   1.00   20.51 ? 108 PHE A CE1 1 
ATOM   876  C  CE2 . PHE A 1 109 ? -1.230  -8.238  6.349   1.00   16.60 ? 108 PHE A CE2 1 
ATOM   877  C  CZ  . PHE A 1 109 ? -2.064  -8.593  5.312   1.00   18.25 ? 108 PHE A CZ  1 
ATOM   878  N  N   . GLN A 1 110 ? 1.541   -14.346 8.424   1.00   17.43 ? 109 GLN A N   1 
ATOM   879  C  CA  . GLN A 1 110 ? 2.148   -15.676 8.454   1.00   20.48 ? 109 GLN A CA  1 
ATOM   880  C  C   . GLN A 1 110 ? 1.138   -16.813 8.616   1.00   19.69 ? 109 GLN A C   1 
ATOM   881  O  O   . GLN A 1 110 ? 1.503   -18.000 8.549   1.00   18.90 ? 109 GLN A O   1 
ATOM   882  C  CB  . GLN A 1 110 ? 3.218   -15.760 9.555   1.00   22.15 ? 109 GLN A CB  1 
ATOM   883  C  CG  . GLN A 1 110 ? 4.370   -14.755 9.336   1.00   21.74 ? 109 GLN A CG  1 
ATOM   884  C  CD  . GLN A 1 110 ? 4.896   -14.779 7.903   1.00   28.83 ? 109 GLN A CD  1 
ATOM   885  O  OE1 . GLN A 1 110 ? 5.200   -15.858 7.361   1.00   31.18 ? 109 GLN A OE1 1 
ATOM   886  N  NE2 . GLN A 1 110 ? 4.960   -13.613 7.260   1.00   28.96 ? 109 GLN A NE2 1 
ATOM   887  N  N   . LEU A 1 111 ? -0.125  -16.474 8.851   1.00   17.65 ? 110 LEU A N   1 
ATOM   888  C  CA  . LEU A 1 111 ? -1.199  -17.468 8.834   1.00   17.13 ? 110 LEU A CA  1 
ATOM   889  C  C   . LEU A 1 111 ? -1.413  -17.962 7.397   1.00   14.61 ? 110 LEU A C   1 
ATOM   890  O  O   . LEU A 1 111 ? -1.229  -17.223 6.438   1.00   14.48 ? 110 LEU A O   1 
ATOM   891  C  CB  . LEU A 1 111 ? -2.505  -16.907 9.412   1.00   16.44 ? 110 LEU A CB  1 
ATOM   892  C  CG  . LEU A 1 111 ? -2.403  -16.468 10.897  1.00   17.79 ? 110 LEU A CG  1 
ATOM   893  C  CD1 . LEU A 1 111 ? -3.703  -15.795 11.315  1.00   17.60 ? 110 LEU A CD1 1 
ATOM   894  C  CD2 . LEU A 1 111 ? -2.091  -17.652 11.837  1.00   20.60 ? 110 LEU A CD2 1 
ATOM   895  N  N   . ASP A 1 112 ? -1.796  -19.218 7.259   1.00   14.09 ? 111 ASP A N   1 
ATOM   896  C  CA  . ASP A 1 112 ? -1.877  -19.832 5.945   1.00   14.73 ? 111 ASP A CA  1 
ATOM   897  C  C   . ASP A 1 112 ? -2.899  -19.087 5.039   1.00   14.46 ? 111 ASP A C   1 
ATOM   898  O  O   . ASP A 1 112 ? -2.644  -18.865 3.854   1.00   14.99 ? 111 ASP A O   1 
ATOM   899  C  CB  . ASP A 1 112 ? -2.255  -21.300 6.043   1.00   15.77 ? 111 ASP A CB  1 
ATOM   900  C  CG  . ASP A 1 112 ? -1.124  -22.218 6.498   1.00   22.75 ? 111 ASP A CG  1 
ATOM   901  O  OD1 . ASP A 1 112 ? 0.029   -21.786 6.574   1.00   22.85 ? 111 ASP A OD1 1 
ATOM   902  O  OD2 . ASP A 1 112 ? -1.462  -23.412 6.723   1.00   26.69 ? 111 ASP A OD2 1 
ATOM   903  N  N   . PHE A 1 113 ? -4.057  -18.693 5.587   1.00   14.71 ? 112 PHE A N   1 
ATOM   904  C  CA  . PHE A 1 113 ? -5.101  -18.140 4.734   1.00   14.99 ? 112 PHE A CA  1 
ATOM   905  C  C   . PHE A 1 113 ? -4.699  -16.798 4.095   1.00   14.61 ? 112 PHE A C   1 
ATOM   906  O  O   . PHE A 1 113 ? -4.708  -16.637 2.860   1.00   13.53 ? 112 PHE A O   1 
ATOM   907  C  CB  . PHE A 1 113 ? -6.436  -18.041 5.469   1.00   14.06 ? 112 PHE A CB  1 
ATOM   908  C  CG  . PHE A 1 113 ? -7.523  -17.469 4.629   1.00   13.66 ? 112 PHE A CG  1 
ATOM   909  C  CD1 . PHE A 1 113 ? -8.102  -18.232 3.656   1.00   13.94 ? 112 PHE A CD1 1 
ATOM   910  C  CD2 . PHE A 1 113 ? -7.910  -16.163 4.771   1.00   16.93 ? 112 PHE A CD2 1 
ATOM   911  C  CE1 . PHE A 1 113 ? -9.083  -17.667 2.811   1.00   18.12 ? 112 PHE A CE1 1 
ATOM   912  C  CE2 . PHE A 1 113 ? -8.880  -15.617 3.952   1.00   13.37 ? 112 PHE A CE2 1 
ATOM   913  C  CZ  . PHE A 1 113 ? -9.500  -16.365 3.009   1.00   13.93 ? 112 PHE A CZ  1 
ATOM   914  N  N   . PRO A 1 114 ? -4.312  -15.792 4.920   1.00   13.93 ? 113 PRO A N   1 
ATOM   915  C  CA  . PRO A 1 114 ? -3.899  -14.526 4.298   1.00   13.41 ? 113 PRO A CA  1 
ATOM   916  C  C   . PRO A 1 114 ? -2.694  -14.708 3.368   1.00   13.31 ? 113 PRO A C   1 
ATOM   917  O  O   . PRO A 1 114 ? -2.619  -14.069 2.316   1.00   14.21 ? 113 PRO A O   1 
ATOM   918  C  CB  . PRO A 1 114 ? -3.529  -13.632 5.483   1.00   18.10 ? 113 PRO A CB  1 
ATOM   919  C  CG  . PRO A 1 114 ? -4.030  -14.288 6.660   1.00   19.97 ? 113 PRO A CG  1 
ATOM   920  C  CD  . PRO A 1 114 ? -4.317  -15.695 6.390   1.00   15.57 ? 113 PRO A CD  1 
ATOM   921  N  N   . LYS A 1 115 ? -1.737  -15.538 3.746   1.00   14.42 ? 114 LYS A N   1 
ATOM   922  C  CA  . LYS A 1 115 ? -0.579  -15.768 2.880   1.00   14.93 ? 114 LYS A CA  1 
ATOM   923  C  C   . LYS A 1 115 ? -1.048  -16.267 1.502   1.00   13.22 ? 114 LYS A C   1 
ATOM   924  O  O   . LYS A 1 115 ? -0.586  -15.788 0.427   1.00   15.60 ? 114 LYS A O   1 
ATOM   925  C  CB  . LYS A 1 115 ? 0.337   -16.797 3.571   1.00   16.05 ? 114 LYS A CB  1 
ATOM   926  C  CG  . LYS A 1 115 ? 1.522   -17.171 2.804   1.00   20.39 ? 114 LYS A CG  1 
ATOM   927  C  CD  . LYS A 1 115 ? 2.486   -18.048 3.655   1.00   22.24 ? 114 LYS A CD  1 
ATOM   928  C  CE  . LYS A 1 115 ? 3.076   -17.324 4.821   1.00   31.91 ? 114 LYS A CE  1 
ATOM   929  N  N   . GLU A 1 116 ? -1.988  -17.201 1.528   1.00   13.84 ? 115 GLU A N   1 
ATOM   930  C  CA  . GLU A 1 116 ? -2.545  -17.770 0.273   1.00   14.32 ? 115 GLU A CA  1 
ATOM   931  C  C   . GLU A 1 116 ? -3.261  -16.712 -0.547  1.00   14.16 ? 115 GLU A C   1 
ATOM   932  O  O   . GLU A 1 116 ? -3.095  -16.604 -1.777  1.00   14.22 ? 115 GLU A O   1 
ATOM   933  C  CB  . GLU A 1 116 ? -3.495  -18.975 0.515   1.00   13.29 ? 115 GLU A CB  1 
ATOM   934  C  CG  . GLU A 1 116 ? -4.104  -19.573 -0.696  1.00   12.92 ? 115 GLU A CG  1 
ATOM   935  C  CD  . GLU A 1 116 ? -3.163  -20.114 -1.762  1.00   16.36 ? 115 GLU A CD  1 
ATOM   936  O  OE1 . GLU A 1 116 ? -1.985  -20.322 -1.464  1.00   17.43 ? 115 GLU A OE1 1 
ATOM   937  O  OE2 . GLU A 1 116 ? -3.697  -20.294 -2.891  1.00   15.76 ? 115 GLU A OE2 1 
HETATM 938  N  N   A MSE A 1 117 ? -4.089  -15.901 0.111   0.50   15.16 ? 116 MSE A N   1 
HETATM 939  N  N   B MSE A 1 117 ? -4.115  -15.913 0.101   0.50   15.60 ? 116 MSE A N   1 
HETATM 940  C  CA  A MSE A 1 117 ? -4.864  -14.878 -0.613  0.50   13.99 ? 116 MSE A CA  1 
HETATM 941  C  CA  B MSE A 1 117 ? -4.850  -14.859 -0.629  0.50   15.20 ? 116 MSE A CA  1 
HETATM 942  C  C   A MSE A 1 117 ? -4.018  -13.723 -1.191  0.50   13.28 ? 116 MSE A C   1 
HETATM 943  C  C   B MSE A 1 117 ? -3.964  -13.777 -1.240  0.50   13.76 ? 116 MSE A C   1 
HETATM 944  O  O   A MSE A 1 117 ? -4.336  -13.179 -2.242  0.50   14.54 ? 116 MSE A O   1 
HETATM 945  O  O   B MSE A 1 117 ? -4.202  -13.328 -2.356  0.50   13.66 ? 116 MSE A O   1 
HETATM 946  C  CB  A MSE A 1 117 ? -6.029  -14.371 0.263   0.50   11.89 ? 116 MSE A CB  1 
HETATM 947  C  CB  B MSE A 1 117 ? -5.908  -14.204 0.263   0.50   15.29 ? 116 MSE A CB  1 
HETATM 948  C  CG  A MSE A 1 117 ? -6.883  -15.515 0.823   0.50   13.29 ? 116 MSE A CG  1 
HETATM 949  C  CG  B MSE A 1 117 ? -6.967  -15.160 0.713   0.50   18.62 ? 116 MSE A CG  1 
HETATM 950  SE SE  A MSE A 1 117 ? -7.523  -16.751 -0.561  0.37   10.58 ? 116 MSE A SE  1 
HETATM 951  SE SE  B MSE A 1 117 ? -8.058  -15.736 -0.799  0.38   28.00 ? 116 MSE A SE  1 
HETATM 952  C  CE  A MSE A 1 117 ? -8.382  -15.379 -1.759  0.50   11.47 ? 116 MSE A CE  1 
HETATM 953  C  CE  B MSE A 1 117 ? -7.429  -17.523 -1.016  0.50   23.68 ? 116 MSE A CE  1 
ATOM   954  N  N   . ILE A 1 118 ? -2.933  -13.368 -0.511  1.00   12.96 ? 117 ILE A N   1 
ATOM   955  C  CA  . ILE A 1 118 ? -1.941  -12.452 -1.045  1.00   13.83 ? 117 ILE A CA  1 
ATOM   956  C  C   . ILE A 1 118 ? -1.333  -13.067 -2.309  1.00   14.38 ? 117 ILE A C   1 
ATOM   957  O  O   . ILE A 1 118 ? -1.219  -12.442 -3.348  1.00   15.20 ? 117 ILE A O   1 
ATOM   958  C  CB  . ILE A 1 118 ? -0.842  -12.151 -0.005  1.00   15.51 ? 117 ILE A CB  1 
ATOM   959  C  CG1 . ILE A 1 118 ? -1.375  -11.280 1.134   1.00   16.03 ? 117 ILE A CG1 1 
ATOM   960  C  CG2 . ILE A 1 118 ? 0.460   -11.582 -0.678  1.00   15.96 ? 117 ILE A CG2 1 
ATOM   961  C  CD1 . ILE A 1 118 ? -1.702  -9.847  0.778   1.00   17.42 ? 117 ILE A CD1 1 
ATOM   962  N  N   . ALA A 1 119 ? -0.960  -14.351 -2.240  1.00   13.94 ? 118 ALA A N   1 
ATOM   963  C  CA  . ALA A 1 119 ? -0.356  -14.997 -3.396  1.00   14.14 ? 118 ALA A CA  1 
ATOM   964  C  C   . ALA A 1 119 ? -1.326  -15.103 -4.582  1.00   14.25 ? 118 ALA A C   1 
ATOM   965  O  O   . ALA A 1 119 ? -0.968  -14.835 -5.716  1.00   16.66 ? 118 ALA A O   1 
ATOM   966  C  CB  . ALA A 1 119 ? 0.126   -16.390 -3.013  1.00   14.99 ? 118 ALA A CB  1 
ATOM   967  N  N   . GLU A 1 120 ? -2.567  -15.531 -4.307  1.00   13.86 ? 119 GLU A N   1 
ATOM   968  C  CA  . GLU A 1 120 ? -3.549  -15.762 -5.374  1.00   12.84 ? 119 GLU A CA  1 
ATOM   969  C  C   . GLU A 1 120 ? -3.824  -14.465 -6.146  1.00   14.41 ? 119 GLU A C   1 
ATOM   970  O  O   . GLU A 1 120 ? -4.170  -14.491 -7.331  1.00   17.20 ? 119 GLU A O   1 
ATOM   971  C  CB  . GLU A 1 120 ? -4.844  -16.313 -4.817  1.00   13.60 ? 119 GLU A CB  1 
ATOM   972  C  CG  . GLU A 1 120 ? -4.773  -17.731 -4.259  1.00   15.14 ? 119 GLU A CG  1 
ATOM   973  C  CD  . GLU A 1 120 ? -6.116  -18.350 -3.879  1.00   16.25 ? 119 GLU A CD  1 
ATOM   974  O  OE1 . GLU A 1 120 ? -7.151  -17.746 -4.168  1.00   16.19 ? 119 GLU A OE1 1 
ATOM   975  O  OE2 . GLU A 1 120 ? -6.059  -19.518 -3.315  1.00   15.73 ? 119 GLU A OE2 1 
ATOM   976  N  N   . ASN A 1 121 ? -3.789  -13.335 -5.434  1.00   14.06 ? 120 ASN A N   1 
ATOM   977  C  CA  . ASN A 1 121 ? -4.123  -12.034 -6.017  1.00   14.84 ? 120 ASN A CA  1 
ATOM   978  C  C   . ASN A 1 121 ? -2.900  -11.165 -6.359  1.00   15.07 ? 120 ASN A C   1 
ATOM   979  O  O   . ASN A 1 121 ? -3.070  -9.964  -6.643  1.00   15.45 ? 120 ASN A O   1 
ATOM   980  C  CB  . ASN A 1 121 ? -5.092  -11.345 -5.060  1.00   14.39 ? 120 ASN A CB  1 
ATOM   981  C  CG  . ASN A 1 121 ? -6.408  -12.063 -5.037  1.00   13.77 ? 120 ASN A CG  1 
ATOM   982  O  OD1 . ASN A 1 121 ? -7.233  -11.900 -5.968  1.00   15.30 ? 120 ASN A OD1 1 
ATOM   983  N  ND2 . ASN A 1 121 ? -6.600  -12.910 -4.043  1.00   13.83 ? 120 ASN A ND2 1 
ATOM   984  N  N   . GLN A 1 122 ? -1.698  -11.736 -6.331  1.00   13.72 ? 121 GLN A N   1 
ATOM   985  C  CA  . GLN A 1 122 ? -0.504  -11.041 -6.697  1.00   15.76 ? 121 GLN A CA  1 
ATOM   986  C  C   . GLN A 1 122 ? -0.350  -9.716  -5.964  1.00   16.30 ? 121 GLN A C   1 
ATOM   987  O  O   . GLN A 1 122 ? 0.063   -8.690  -6.523  1.00   17.54 ? 121 GLN A O   1 
ATOM   988  C  CB  . GLN A 1 122 ? -0.442  -10.869 -8.227  1.00   19.90 ? 121 GLN A CB  1 
ATOM   989  C  CG  . GLN A 1 122 ? -0.121  -12.143 -8.976  1.00   28.27 ? 121 GLN A CG  1 
ATOM   990  C  CD  . GLN A 1 122 ? -1.228  -13.194 -9.039  1.00   48.45 ? 121 GLN A CD  1 
ATOM   991  O  OE1 . GLN A 1 122 ? -2.401  -12.860 -9.260  1.00   55.26 ? 121 GLN A OE1 1 
ATOM   992  N  NE2 . GLN A 1 122 ? -0.846  -14.500 -8.881  1.00   38.01 ? 121 GLN A NE2 1 
ATOM   993  N  N   . VAL A 1 123 ? -0.644  -9.713  -4.677  1.00   13.67 ? 122 VAL A N   1 
ATOM   994  C  CA  . VAL A 1 123 ? -0.575  -8.473  -3.892  1.00   13.06 ? 122 VAL A CA  1 
ATOM   995  C  C   . VAL A 1 123 ? 0.901   -8.218  -3.547  1.00   16.32 ? 122 VAL A C   1 
ATOM   996  O  O   . VAL A 1 123 ? 1.590   -9.066  -2.967  1.00   19.51 ? 122 VAL A O   1 
ATOM   997  C  CB  . VAL A 1 123 ? -1.437  -8.579  -2.619  1.00   14.67 ? 122 VAL A CB  1 
ATOM   998  C  CG1 . VAL A 1 123 ? -1.343  -7.280  -1.772  1.00   14.23 ? 122 VAL A CG1 1 
ATOM   999  C  CG2 . VAL A 1 123 ? -2.905  -8.910  -2.938  1.00   15.19 ? 122 VAL A CG2 1 
ATOM   1000 N  N   . LYS A 1 124 ? 1.347   -7.045  -3.926  1.00   13.11 ? 123 LYS A N   1 
ATOM   1001 C  CA  . LYS A 1 124 ? 2.678   -6.558  -3.612  1.00   13.10 ? 123 LYS A CA  1 
ATOM   1002 C  C   . LYS A 1 124 ? 2.593   -5.799  -2.294  1.00   13.72 ? 123 LYS A C   1 
ATOM   1003 O  O   . LYS A 1 124 ? 1.604   -5.074  -2.071  1.00   15.54 ? 123 LYS A O   1 
ATOM   1004 C  CB  . LYS A 1 124 ? 3.160   -5.661  -4.746  1.00   15.71 ? 123 LYS A CB  1 
ATOM   1005 C  CG  . LYS A 1 124 ? 3.245   -6.333  -6.098  1.00   15.58 ? 123 LYS A CG  1 
ATOM   1006 C  CD  . LYS A 1 124 ? 3.809   -5.375  -7.139  1.00   16.63 ? 123 LYS A CD  1 
ATOM   1007 C  CE  . LYS A 1 124 ? 3.693   -5.913  -8.523  1.00   17.71 ? 123 LYS A CE  1 
ATOM   1008 N  NZ  . LYS A 1 124 ? 4.482   -7.141  -8.728  1.00   21.04 ? 123 LYS A NZ  1 
HETATM 1009 N  N   A MSE A 1 125 ? 3.608   -5.930  -1.444  0.50   13.97 ? 124 MSE A N   1 
HETATM 1010 N  N   B MSE A 1 125 ? 3.631   -5.976  -1.470  0.50   13.06 ? 124 MSE A N   1 
HETATM 1011 C  CA  A MSE A 1 125 ? 3.524   -5.299  -0.124  0.50   13.30 ? 124 MSE A CA  1 
HETATM 1012 C  CA  B MSE A 1 125 ? 3.623   -5.471  -0.099  0.50   11.91 ? 124 MSE A CA  1 
HETATM 1013 C  C   A MSE A 1 125 ? 4.780   -4.491  0.236   0.50   13.96 ? 124 MSE A C   1 
HETATM 1014 C  C   B MSE A 1 125 ? 4.885   -4.653  0.228   0.50   13.45 ? 124 MSE A C   1 
HETATM 1015 O  O   A MSE A 1 125 ? 5.883   -4.753  -0.255  0.50   13.54 ? 124 MSE A O   1 
HETATM 1016 O  O   B MSE A 1 125 ? 5.993   -4.958  -0.234  0.50   12.76 ? 124 MSE A O   1 
HETATM 1017 C  CB  A MSE A 1 125 ? 3.220   -6.336  0.958   0.50   15.55 ? 124 MSE A CB  1 
HETATM 1018 C  CB  B MSE A 1 125 ? 3.479   -6.610  0.907   0.50   14.71 ? 124 MSE A CB  1 
HETATM 1019 C  CG  A MSE A 1 125 ? 1.858   -6.981  0.779   0.50   11.00 ? 124 MSE A CG  1 
HETATM 1020 C  CG  B MSE A 1 125 ? 2.298   -7.523  0.592   0.50   18.37 ? 124 MSE A CG  1 
HETATM 1021 SE SE  A MSE A 1 125 ? 1.527   -8.356  2.153   0.37   22.46 ? 124 MSE A SE  1 
HETATM 1022 SE SE  B MSE A 1 125 ? 2.058   -8.800  2.015   0.38   16.45 ? 124 MSE A SE  1 
HETATM 1023 C  CE  A MSE A 1 125 ? 2.905   -9.567  1.465   0.50   17.06 ? 124 MSE A CE  1 
HETATM 1024 C  CE  B MSE A 1 125 ? 1.188   -7.566  3.268   0.50   15.80 ? 124 MSE A CE  1 
ATOM   1025 N  N   A LEU A 1 126 ? 4.566   -3.485  1.067   0.50   14.37 ? 125 LEU A N   1 
ATOM   1026 N  N   B LEU A 1 126 ? 4.673   -3.605  1.006   0.50   11.65 ? 125 LEU A N   1 
ATOM   1027 C  CA  A LEU A 1 126 ? 5.629   -2.704  1.674   0.50   15.06 ? 125 LEU A CA  1 
ATOM   1028 C  CA  B LEU A 1 126 ? 5.749   -2.834  1.627   0.50   13.67 ? 125 LEU A CA  1 
ATOM   1029 C  C   A LEU A 1 126 ? 5.544   -2.992  3.168   0.50   14.89 ? 125 LEU A C   1 
ATOM   1030 C  C   B LEU A 1 126 ? 5.572   -3.006  3.120   0.50   13.55 ? 125 LEU A C   1 
ATOM   1031 O  O   A LEU A 1 126 ? 4.557   -2.631  3.801   0.50   15.30 ? 125 LEU A O   1 
ATOM   1032 O  O   B LEU A 1 126 ? 4.567   -2.577  3.688   0.50   13.43 ? 125 LEU A O   1 
ATOM   1033 C  CB  A LEU A 1 126 ? 5.428   -1.236  1.339   0.50   17.41 ? 125 LEU A CB  1 
ATOM   1034 C  CB  B LEU A 1 126 ? 5.683   -1.392  1.174   0.50   10.65 ? 125 LEU A CB  1 
ATOM   1035 C  CG  A LEU A 1 126 ? 6.466   -0.235  1.849   0.50   17.18 ? 125 LEU A CG  1 
ATOM   1036 C  CG  B LEU A 1 126 ? 6.633   -0.292  1.690   0.50   12.83 ? 125 LEU A CG  1 
ATOM   1037 C  CD1 A LEU A 1 126 ? 7.859   -0.683  1.378   0.50   24.81 ? 125 LEU A CD1 1 
ATOM   1038 C  CD1 B LEU A 1 126 ? 6.310   1.031   1.035   0.50   14.36 ? 125 LEU A CD1 1 
ATOM   1039 C  CD2 A LEU A 1 126 ? 6.123   1.180   1.398   0.50   15.35 ? 125 LEU A CD2 1 
ATOM   1040 C  CD2 B LEU A 1 126 ? 6.642   -0.153  3.225   0.50   9.22  ? 125 LEU A CD2 1 
ATOM   1041 N  N   . ILE A 1 127 ? 6.535   -3.695  3.714   1.00   13.64 ? 126 ILE A N   1 
ATOM   1042 C  CA  . ILE A 1 127 ? 6.523   -3.980  5.128   1.00   15.23 ? 126 ILE A CA  1 
ATOM   1043 C  C   . ILE A 1 127 ? 7.346   -2.913  5.840   1.00   16.13 ? 126 ILE A C   1 
ATOM   1044 O  O   . ILE A 1 127 ? 8.554   -2.757  5.557   1.00   14.71 ? 126 ILE A O   1 
ATOM   1045 C  CB  . ILE A 1 127 ? 7.077   -5.355  5.451   1.00   16.34 ? 126 ILE A CB  1 
ATOM   1046 C  CG1 . ILE A 1 127 ? 6.450   -6.423  4.532   1.00   16.18 ? 126 ILE A CG1 1 
ATOM   1047 C  CG2 . ILE A 1 127 ? 6.831   -5.665  6.935   1.00   17.21 ? 126 ILE A CG2 1 
ATOM   1048 C  CD1 . ILE A 1 127 ? 4.938   -6.439  4.526   1.00   15.86 ? 126 ILE A CD1 1 
ATOM   1049 N  N   . TYR A 1 128 ? 6.702   -2.201  6.766   1.00   14.04 ? 127 TYR A N   1 
ATOM   1050 C  CA  . TYR A 1 128 ? 7.356   -1.070  7.472   1.00   14.00 ? 127 TYR A CA  1 
ATOM   1051 C  C   . TYR A 1 128 ? 7.385   -1.307  8.979   1.00   15.72 ? 127 TYR A C   1 
ATOM   1052 O  O   . TYR A 1 128 ? 6.452   -1.851  9.554   1.00   15.24 ? 127 TYR A O   1 
ATOM   1053 C  CB  . TYR A 1 128 ? 6.692   0.262   7.165   1.00   15.74 ? 127 TYR A CB  1 
ATOM   1054 C  CG  . TYR A 1 128 ? 5.230   0.439   7.592   1.00   15.09 ? 127 TYR A CG  1 
ATOM   1055 C  CD1 . TYR A 1 128 ? 4.180   -0.006  6.763   1.00   16.34 ? 127 TYR A CD1 1 
ATOM   1056 C  CD2 . TYR A 1 128 ? 4.867   1.130   8.755   1.00   16.38 ? 127 TYR A CD2 1 
ATOM   1057 C  CE1 . TYR A 1 128 ? 2.860   0.168   7.133   1.00   14.75 ? 127 TYR A CE1 1 
ATOM   1058 C  CE2 . TYR A 1 128 ? 3.542   1.314   9.104   1.00   17.26 ? 127 TYR A CE2 1 
ATOM   1059 C  CZ  . TYR A 1 128 ? 2.542   0.854   8.310   1.00   17.10 ? 127 TYR A CZ  1 
ATOM   1060 O  OH  . TYR A 1 128 ? 1.248   1.105   8.694   1.00   17.31 ? 127 TYR A OH  1 
ATOM   1061 N  N   . ASP A 1 129 ? 8.462   -0.859  9.590   1.00   12.60 ? 128 ASP A N   1 
ATOM   1062 C  CA  . ASP A 1 129 ? 8.595   -0.942  11.026  1.00   12.26 ? 128 ASP A CA  1 
ATOM   1063 C  C   . ASP A 1 129 ? 8.107   0.357   11.615  1.00   14.54 ? 128 ASP A C   1 
ATOM   1064 O  O   . ASP A 1 129 ? 8.601   1.410   11.266  1.00   13.27 ? 128 ASP A O   1 
ATOM   1065 C  CB  . ASP A 1 129 ? 10.048  -1.226  11.412  1.00   14.60 ? 128 ASP A CB  1 
ATOM   1066 C  CG  . ASP A 1 129 ? 10.220  -1.364  12.896  1.00   14.70 ? 128 ASP A CG  1 
ATOM   1067 O  OD1 . ASP A 1 129 ? 10.417  -0.359  13.578  1.00   17.57 ? 128 ASP A OD1 1 
ATOM   1068 O  OD2 . ASP A 1 129 ? 10.074  -2.489  13.416  1.00   16.72 ? 128 ASP A OD2 1 
ATOM   1069 N  N   . VAL A 1 130 ? 7.088   0.277   12.468  1.00   13.96 ? 129 VAL A N   1 
ATOM   1070 C  CA  . VAL A 1 130 ? 6.497   1.471   13.060  1.00   15.14 ? 129 VAL A CA  1 
ATOM   1071 C  C   . VAL A 1 130 ? 7.411   2.220   14.038  1.00   14.88 ? 129 VAL A C   1 
ATOM   1072 O  O   . VAL A 1 130 ? 7.560   3.437   13.930  1.00   16.75 ? 129 VAL A O   1 
ATOM   1073 C  CB  . VAL A 1 130 ? 5.143   1.131   13.714  1.00   15.35 ? 129 VAL A CB  1 
ATOM   1074 C  CG1 . VAL A 1 130 ? 4.591   2.348   14.452  1.00   16.59 ? 129 VAL A CG1 1 
ATOM   1075 C  CG2 . VAL A 1 130 ? 4.144   0.633   12.626  1.00   15.65 ? 129 VAL A CG2 1 
ATOM   1076 N  N   . GLU A 1 131 ? 8.042   1.510   14.982  1.00   14.07 ? 130 GLU A N   1 
ATOM   1077 C  CA  . GLU A 1 131 ? 8.856   2.127   16.024  1.00   15.93 ? 130 GLU A CA  1 
ATOM   1078 C  C   . GLU A 1 131 ? 9.977   2.987   15.441  1.00   15.77 ? 130 GLU A C   1 
ATOM   1079 O  O   . GLU A 1 131 ? 10.203  4.114   15.893  1.00   17.69 ? 130 GLU A O   1 
ATOM   1080 C  CB  . GLU A 1 131 ? 9.438   1.034   16.940  1.00   17.66 ? 130 GLU A CB  1 
ATOM   1081 C  CG  . GLU A 1 131 ? 10.360  1.591   18.032  1.00   24.11 ? 130 GLU A CG  1 
ATOM   1082 C  CD  . GLU A 1 131 ? 11.498  0.630   18.415  1.00   39.62 ? 130 GLU A CD  1 
ATOM   1083 O  OE1 . GLU A 1 131 ? 11.245  -0.267  19.250  1.00   46.00 ? 130 GLU A OE1 1 
ATOM   1084 O  OE2 . GLU A 1 131 ? 12.637  0.780   17.903  1.00   40.08 ? 130 GLU A OE2 1 
ATOM   1085 N  N   . GLN A 1 132 ? 10.666  2.445   14.437  1.00   13.56 ? 131 GLN A N   1 
ATOM   1086 C  CA  . GLN A 1 132 ? 11.787  3.171   13.849  1.00   12.81 ? 131 GLN A CA  1 
ATOM   1087 C  C   . GLN A 1 132 ? 11.434  3.900   12.557  1.00   13.82 ? 131 GLN A C   1 
ATOM   1088 O  O   . GLN A 1 132 ? 12.240  4.684   12.039  1.00   14.43 ? 131 GLN A O   1 
ATOM   1089 C  CB  . GLN A 1 132 ? 12.993  2.229   13.596  1.00   15.26 ? 131 GLN A CB  1 
ATOM   1090 C  CG  . GLN A 1 132 ? 13.706  1.866   14.862  1.00   16.40 ? 131 GLN A CG  1 
ATOM   1091 C  CD  . GLN A 1 132 ? 14.234  3.092   15.607  1.00   16.74 ? 131 GLN A CD  1 
ATOM   1092 O  OE1 . GLN A 1 132 ? 14.911  3.967   15.000  1.00   20.23 ? 131 GLN A OE1 1 
ATOM   1093 N  NE2 . GLN A 1 132 ? 13.969  3.161   16.922  1.00   19.83 ? 131 GLN A NE2 1 
ATOM   1094 N  N   A GLU A 1 133 ? 10.238  3.661   12.031  0.0000 12.57 ? 132 GLU A N   1 
ATOM   1095 N  N   B GLU A 1 133 ? 10.260  3.652   12.030  1.00   12.41 ? 132 GLU A N   1 
ATOM   1096 C  CA  A GLU A 1 133 ? 9.794   4.342   10.820  0.0000 12.06 ? 132 GLU A CA  1 
ATOM   1097 C  CA  B GLU A 1 133 ? 9.760   4.325   10.839  1.00   12.12 ? 132 GLU A CA  1 
ATOM   1098 C  C   A GLU A 1 133 ? 10.755  4.084   9.660   0.0000 12.71 ? 132 GLU A C   1 
ATOM   1099 C  C   B GLU A 1 133 ? 10.716  4.085   9.651   1.00   12.80 ? 132 GLU A C   1 
ATOM   1100 O  O   A GLU A 1 133 ? 11.352  5.011   9.113   0.0000 13.15 ? 132 GLU A O   1 
ATOM   1101 O  O   B GLU A 1 133 ? 11.276  5.014   9.089   1.00   13.10 ? 132 GLU A O   1 
ATOM   1102 C  CB  A GLU A 1 133 ? 9.661   5.846   11.067  0.0000 14.38 ? 132 GLU A CB  1 
ATOM   1103 C  CB  B GLU A 1 133 ? 9.543   5.825   11.054  1.00   14.40 ? 132 GLU A CB  1 
ATOM   1104 C  CG  A GLU A 1 133 ? 8.483   6.227   11.949  0.0000 16.85 ? 132 GLU A CG  1 
ATOM   1105 C  CG  B GLU A 1 133 ? 8.744   6.180   12.302  1.00   17.21 ? 132 GLU A CG  1 
ATOM   1106 C  CD  A GLU A 1 133 ? 8.611   7.626   12.519  0.0000 23.21 ? 132 GLU A CD  1 
ATOM   1107 C  CD  B GLU A 1 133 ? 8.461   7.680   12.395  1.00   23.83 ? 132 GLU A CD  1 
ATOM   1108 O  OE1 A GLU A 1 133 ? 9.444   8.404   12.008  0.0000 26.47 ? 132 GLU A OE1 1 
ATOM   1109 O  OE1 B GLU A 1 133 ? 9.421   8.483   12.395  1.00   27.07 ? 132 GLU A OE1 1 
ATOM   1110 O  OE2 A GLU A 1 133 ? 7.880   7.948   13.479  0.0000 38.38 ? 132 GLU A OE2 1 
ATOM   1111 O  OE2 B GLU A 1 133 ? 7.290   8.051   12.399  1.00   38.66 ? 132 GLU A OE2 1 
ATOM   1112 N  N   . VAL A 1 134 ? 10.893  2.815   9.312   1.00   13.60 ? 133 VAL A N   1 
ATOM   1113 C  CA  . VAL A 1 134 ? 11.765  2.392   8.230   1.00   12.46 ? 133 VAL A CA  1 
ATOM   1114 C  C   . VAL A 1 134 ? 11.101  1.290   7.414   1.00   13.87 ? 133 VAL A C   1 
ATOM   1115 O  O   . VAL A 1 134 ? 10.196  0.573   7.886   1.00   13.42 ? 133 VAL A O   1 
ATOM   1116 C  CB  . VAL A 1 134 ? 13.119  1.851   8.753   1.00   13.05 ? 133 VAL A CB  1 
ATOM   1117 C  CG1 . VAL A 1 134 ? 13.881  2.960   9.490   1.00   13.40 ? 133 VAL A CG1 1 
ATOM   1118 C  CG2 . VAL A 1 134 ? 12.913  0.604   9.623   1.00   13.74 ? 133 VAL A CG2 1 
ATOM   1119 N  N   . ILE A 1 135 ? 11.516  1.192   6.148   1.00   13.11 ? 134 ILE A N   1 
ATOM   1120 C  CA  . ILE A 1 135 ? 11.107  0.079   5.299   1.00   13.54 ? 134 ILE A CA  1 
ATOM   1121 C  C   . ILE A 1 135 ? 11.966  -1.165  5.630   1.00   12.04 ? 134 ILE A C   1 
ATOM   1122 O  O   . ILE A 1 135 ? 13.194  -1.125  5.552   1.00   14.64 ? 134 ILE A O   1 
ATOM   1123 C  CB  . ILE A 1 135 ? 11.250  0.401   3.800   1.00   14.44 ? 134 ILE A CB  1 
ATOM   1124 C  CG1 . ILE A 1 135 ? 10.353  1.575   3.433   1.00   13.51 ? 134 ILE A CG1 1 
ATOM   1125 C  CG2 . ILE A 1 135 ? 10.978  -0.838  2.922   1.00   15.87 ? 134 ILE A CG2 1 
ATOM   1126 C  CD1 . ILE A 1 135 ? 10.380  1.984   1.930   1.00   16.71 ? 134 ILE A CD1 1 
ATOM   1127 N  N   . PHE A 1 136 ? 11.281  -2.280  5.966   1.00   14.62 ? 135 PHE A N   1 
ATOM   1128 C  CA  . PHE A 1 136 ? 11.918  -3.546  6.318   1.00   15.81 ? 135 PHE A CA  1 
ATOM   1129 C  C   . PHE A 1 136 ? 12.005  -4.480  5.115   1.00   14.46 ? 135 PHE A C   1 
ATOM   1130 O  O   . PHE A 1 136 ? 13.022  -5.163  4.951   1.00   15.15 ? 135 PHE A O   1 
ATOM   1131 C  CB  . PHE A 1 136 ? 11.097  -4.233  7.402   1.00   15.08 ? 135 PHE A CB  1 
ATOM   1132 C  CG  . PHE A 1 136 ? 11.513  -5.660  7.677   1.00   14.23 ? 135 PHE A CG  1 
ATOM   1133 C  CD1 . PHE A 1 136 ? 12.747  -5.927  8.186   1.00   15.32 ? 135 PHE A CD1 1 
ATOM   1134 C  CD2 . PHE A 1 136 ? 10.658  -6.736  7.374   1.00   15.72 ? 135 PHE A CD2 1 
ATOM   1135 C  CE1 . PHE A 1 136 ? 13.135  -7.236  8.485   1.00   17.36 ? 135 PHE A CE1 1 
ATOM   1136 C  CE2 . PHE A 1 136 ? 11.075  -8.029  7.616   1.00   18.91 ? 135 PHE A CE2 1 
ATOM   1137 C  CZ  . PHE A 1 136 ? 12.297  -8.272  8.181   1.00   18.77 ? 135 PHE A CZ  1 
ATOM   1138 N  N   . GLN A 1 137 ? 10.972  -4.522  4.265   1.00   14.87 ? 136 GLN A N   1 
ATOM   1139 C  CA  . GLN A 1 137 ? 10.995  -5.448  3.131   1.00   15.28 ? 136 GLN A CA  1 
ATOM   1140 C  C   . GLN A 1 137 ? 9.975   -5.009  2.072   1.00   15.32 ? 136 GLN A C   1 
ATOM   1141 O  O   . GLN A 1 137 ? 8.929   -4.466  2.378   1.00   16.08 ? 136 GLN A O   1 
ATOM   1142 C  CB  . GLN A 1 137 ? 10.631  -6.850  3.624   1.00   15.01 ? 136 GLN A CB  1 
ATOM   1143 C  CG  . GLN A 1 137 ? 10.952  -7.929  2.619   1.00   20.95 ? 136 GLN A CG  1 
ATOM   1144 C  CD  . GLN A 1 137 ? 10.763  -9.300  3.212   1.00   27.54 ? 136 GLN A CD  1 
ATOM   1145 O  OE1 . GLN A 1 137 ? 10.663  -9.452  4.427   1.00   35.36 ? 136 GLN A OE1 1 
ATOM   1146 N  NE2 . GLN A 1 137 ? 10.682  -10.302 2.358   1.00   30.05 ? 136 GLN A NE2 1 
ATOM   1147 N  N   . TRP A 1 138 ? 10.358  -5.190  0.811   1.00   17.97 ? 137 TRP A N   1 
ATOM   1148 C  CA  . TRP A 1 138 ? 9.425   -5.146  -0.307  1.00   16.58 ? 137 TRP A CA  1 
ATOM   1149 C  C   . TRP A 1 138 ? 9.125   -6.569  -0.741  1.00   17.32 ? 137 TRP A C   1 
ATOM   1150 O  O   . TRP A 1 138 ? 10.041  -7.384  -0.898  1.00   17.87 ? 137 TRP A O   1 
ATOM   1151 C  CB  . TRP A 1 138 ? 10.071  -4.413  -1.448  1.00   15.82 ? 137 TRP A CB  1 
ATOM   1152 C  CG  . TRP A 1 138 ? 10.382  -2.965  -1.231  1.00   15.82 ? 137 TRP A CG  1 
ATOM   1153 C  CD1 . TRP A 1 138 ? 11.569  -2.431  -0.830  1.00   16.99 ? 137 TRP A CD1 1 
ATOM   1154 C  CD2 . TRP A 1 138 ? 9.504   -1.874  -1.421  1.00   13.49 ? 137 TRP A CD2 1 
ATOM   1155 N  NE1 . TRP A 1 138 ? 11.499  -1.051  -0.790  1.00   16.28 ? 137 TRP A NE1 1 
ATOM   1156 C  CE2 . TRP A 1 138 ? 10.226  -0.693  -1.153  1.00   15.31 ? 137 TRP A CE2 1 
ATOM   1157 C  CE3 . TRP A 1 138 ? 8.194   -1.764  -1.893  1.00   16.83 ? 137 TRP A CE3 1 
ATOM   1158 C  CZ2 . TRP A 1 138 ? 9.678   0.563   -1.340  1.00   16.74 ? 137 TRP A CZ2 1 
ATOM   1159 C  CZ3 . TRP A 1 138 ? 7.623   -0.510  -1.997  1.00   17.03 ? 137 TRP A CZ3 1 
ATOM   1160 C  CH2 . TRP A 1 138 ? 8.370   0.637   -1.745  1.00   17.84 ? 137 TRP A CH2 1 
ATOM   1161 N  N   . ILE A 1 139 ? 7.844   -6.866  -0.918  1.00   15.95 ? 138 ILE A N   1 
ATOM   1162 C  CA  . ILE A 1 139 ? 7.390   -8.218  -1.343  1.00   19.11 ? 138 ILE A CA  1 
ATOM   1163 C  C   . ILE A 1 139 ? 6.655   -8.161  -2.701  1.00   23.16 ? 138 ILE A C   1 
ATOM   1164 O  O   . ILE A 1 139 ? 5.721   -7.357  -2.898  1.00   21.27 ? 138 ILE A O   1 
ATOM   1165 C  CB  . ILE A 1 139 ? 6.526   -8.812  -0.293  1.00   24.62 ? 138 ILE A CB  1 
ATOM   1166 C  CG1 . ILE A 1 139 ? 7.320   -8.934  1.013   1.00   26.91 ? 138 ILE A CG1 1 
ATOM   1167 C  CG2 . ILE A 1 139 ? 5.914   -10.179 -0.765  1.00   27.49 ? 138 ILE A CG2 1 
ATOM   1168 C  CD1 . ILE A 1 139 ? 6.545   -9.448  2.142   1.00   37.33 ? 138 ILE A CD1 1 
ATOM   1169 N  N   . ASN A 1 140 ? 7.103   -9.040  -3.608  1.00   27.94 ? 139 ASN A N   1 
ATOM   1170 C  CA  . ASN A 1 140 ? 6.445   -9.388  -4.906  1.00   32.64 ? 139 ASN A CA  1 
ATOM   1171 C  C   . ASN A 1 140 ? 6.651   -8.238  -5.841  1.00   37.50 ? 139 ASN A C   1 
ATOM   1172 O  O   . ASN A 1 140 ? 7.438   -7.362  -5.481  1.00   37.85 ? 139 ASN A O   1 
ATOM   1173 C  CB  . ASN A 1 140 ? 4.954   -9.721  -4.788  1.00   33.87 ? 139 ASN A CB  1 
ATOM   1174 C  CG  . ASN A 1 140 ? 4.698   -10.958 -4.004  1.00   41.49 ? 139 ASN A CG  1 
ATOM   1175 O  OD1 . ASN A 1 140 ? 5.595   -11.794 -3.873  1.00   34.39 ? 139 ASN A OD1 1 
ATOM   1176 N  ND2 . ASN A 1 140 ? 3.440   -11.116 -3.484  1.00   32.99 ? 139 ASN A ND2 1 
ATOM   1177 O  OXT . ASN A 1 140 ? 6.036   -8.226  -6.927  1.00   43.79 ? 139 ASN A OXT 1 
HETATM 1178 CL CL  . CL  B 2 .   ? 5.988   -2.557  13.279  1.00   26.77 ? 140 CL  A CL  1 
HETATM 1179 C  C1  A GOL C 3 .   ? 1.204   -2.792  -10.166 0.50   16.68 ? 141 GOL A C1  1 
HETATM 1180 C  C1  B GOL C 3 .   ? 1.286   -2.671  -11.149 0.50   15.06 ? 141 GOL A C1  1 
HETATM 1181 O  O1  A GOL C 3 .   ? 0.182   -1.953  -9.690  0.50   13.21 ? 141 GOL A O1  1 
HETATM 1182 O  O1  B GOL C 3 .   ? 0.460   -2.287  -10.028 0.50   7.29  ? 141 GOL A O1  1 
HETATM 1183 C  C2  A GOL C 3 .   ? 0.818   -3.373  -11.509 0.50   27.95 ? 141 GOL A C2  1 
HETATM 1184 C  C2  B GOL C 3 .   ? 0.678   -3.599  -12.254 0.50   23.58 ? 141 GOL A C2  1 
HETATM 1185 O  O2  A GOL C 3 .   ? 1.900   -3.055  -12.337 0.50   14.00 ? 141 GOL A O2  1 
HETATM 1186 O  O2  B GOL C 3 .   ? -0.739  -3.677  -12.308 0.50   15.85 ? 141 GOL A O2  1 
HETATM 1187 C  C3  A GOL C 3 .   ? 0.620   -4.873  -11.419 0.50   28.91 ? 141 GOL A C3  1 
HETATM 1188 C  C3  B GOL C 3 .   ? 1.405   -4.953  -12.285 0.50   21.98 ? 141 GOL A C3  1 
HETATM 1189 O  O3  A GOL C 3 .   ? 0.678   -5.497  -12.684 0.50   21.39 ? 141 GOL A O3  1 
HETATM 1190 O  O3  B GOL C 3 .   ? 0.667   -6.052  -12.785 0.50   12.97 ? 141 GOL A O3  1 
HETATM 1191 C  C1  . GOL D 3 .   ? 11.041  -2.545  -5.793  1.00   30.06 ? 142 GOL A C1  1 
HETATM 1192 O  O1  . GOL D 3 .   ? 11.017  -3.563  -4.841  1.00   42.67 ? 142 GOL A O1  1 
HETATM 1193 C  C2  . GOL D 3 .   ? 10.915  -1.264  -5.001  1.00   29.79 ? 142 GOL A C2  1 
HETATM 1194 O  O2  . GOL D 3 .   ? 10.367  -0.304  -5.872  1.00   42.63 ? 142 GOL A O2  1 
HETATM 1195 C  C3  . GOL D 3 .   ? 12.311  -0.833  -4.587  1.00   26.92 ? 142 GOL A C3  1 
HETATM 1196 O  O3  . GOL D 3 .   ? 13.158  -1.920  -4.309  1.00   37.40 ? 142 GOL A O3  1 
HETATM 1197 O  O   . HOH E 4 .   ? 0.013   7.835   -20.561 1.00   40.87 ? 143 HOH A O   1 
HETATM 1198 O  O   . HOH E 4 .   ? 16.317  -7.301  -2.480  1.00   50.91 ? 144 HOH A O   1 
HETATM 1199 O  O   . HOH E 4 .   ? 2.901   -9.493  -7.737  1.00   28.35 ? 145 HOH A O   1 
HETATM 1200 O  O   . HOH E 4 .   ? 0.591   -4.026  -7.850  1.00   13.07 ? 146 HOH A O   1 
HETATM 1201 O  O   . HOH E 4 .   ? -0.027  -6.699  -8.282  1.00   12.03 ? 147 HOH A O   1 
HETATM 1202 O  O   . HOH E 4 .   ? -7.348  -20.175 0.995   1.00   32.20 ? 148 HOH A O   1 
HETATM 1203 O  O   . HOH E 4 .   ? -5.571  -21.422 3.022   1.00   29.34 ? 149 HOH A O   1 
HETATM 1204 O  O   . HOH E 4 .   ? -2.905  -22.348 2.261   1.00   32.19 ? 150 HOH A O   1 
HETATM 1205 O  O   . HOH E 4 .   ? -0.746  -20.640 2.788   1.00   24.87 ? 151 HOH A O   1 
HETATM 1206 O  O   . HOH E 4 .   ? 0.136   -20.186 0.302   1.00   24.42 ? 152 HOH A O   1 
HETATM 1207 O  O   . HOH E 4 .   ? 2.313   -19.790 -0.592  1.00   34.21 ? 153 HOH A O   1 
HETATM 1208 O  O   . HOH E 4 .   ? -5.844  -23.732 4.088   1.00   39.32 ? 154 HOH A O   1 
HETATM 1209 O  O   . HOH E 4 .   ? -3.207  4.888   1.715   1.00   33.63 ? 155 HOH A O   1 
HETATM 1210 O  O   . HOH E 4 .   ? 2.494   7.926   -14.337 1.00   42.82 ? 156 HOH A O   1 
HETATM 1211 O  O   . HOH E 4 .   ? 8.858   0.275   -12.229 1.00   44.87 ? 157 HOH A O   1 
HETATM 1212 O  O   . HOH E 4 .   ? 0.296   11.044  -9.878  1.00   37.69 ? 158 HOH A O   1 
HETATM 1213 O  O   . HOH E 4 .   ? 3.407   5.732   -18.515 1.00   43.94 ? 159 HOH A O   1 
HETATM 1214 O  O   . HOH E 4 .   ? -8.650  -13.788 -7.213  1.00   24.71 ? 160 HOH A O   1 
HETATM 1215 O  O   . HOH E 4 .   ? 7.804   1.167   -9.998  1.00   28.97 ? 161 HOH A O   1 
HETATM 1216 O  O   . HOH E 4 .   ? 2.793   11.217  -12.115 1.00   42.41 ? 162 HOH A O   1 
HETATM 1217 O  O   . HOH E 4 .   ? -8.124  -20.635 -1.455  1.00   20.75 ? 163 HOH A O   1 
HETATM 1218 O  O   . HOH E 4 .   ? 13.221  3.309   5.251   1.00   12.29 ? 164 HOH A O   1 
HETATM 1219 O  O   . HOH E 4 .   ? 2.396   5.424   -15.866 1.00   20.05 ? 165 HOH A O   1 
HETATM 1220 O  O   . HOH E 4 .   ? -6.786  -5.631  -9.910  1.00   13.12 ? 166 HOH A O   1 
HETATM 1221 O  O   . HOH E 4 .   ? 7.525   -1.430  15.568  1.00   22.11 ? 167 HOH A O   1 
HETATM 1222 O  O   . HOH E 4 .   ? 0.291   -1.276  -13.906 1.00   14.84 ? 168 HOH A O   1 
HETATM 1223 O  O   . HOH E 4 .   ? -1.825  -20.934 9.700   1.00   29.35 ? 169 HOH A O   1 
HETATM 1224 O  O   . HOH E 4 .   ? -1.842  -0.923  -11.073 1.00   16.85 ? 170 HOH A O   1 
HETATM 1225 O  O   . HOH E 4 .   ? -3.143  -22.575 -4.780  1.00   14.16 ? 171 HOH A O   1 
HETATM 1226 O  O   . HOH E 4 .   ? -8.368  -15.423 -5.030  1.00   14.03 ? 172 HOH A O   1 
HETATM 1227 O  O   . HOH E 4 .   ? 12.058  8.423   12.334  1.00   25.59 ? 173 HOH A O   1 
HETATM 1228 O  O   . HOH E 4 .   ? 7.605   3.403   -12.976 1.00   23.64 ? 174 HOH A O   1 
HETATM 1229 O  O   . HOH E 4 .   ? 2.004   -14.939 0.013   1.00   17.88 ? 175 HOH A O   1 
HETATM 1230 O  O   . HOH E 4 .   ? 0.626   -7.604  -10.739 1.00   20.55 ? 176 HOH A O   1 
HETATM 1231 O  O   . HOH E 4 .   ? -0.471  1.001   -12.435 1.00   14.15 ? 177 HOH A O   1 
HETATM 1232 O  O   . HOH E 4 .   ? 14.061  3.621   -7.689  1.00   19.40 ? 178 HOH A O   1 
HETATM 1233 O  O   . HOH E 4 .   ? 15.214  10.086  -7.234  1.00   26.81 ? 179 HOH A O   1 
HETATM 1234 O  O   . HOH E 4 .   ? -8.449  -11.737 12.428  1.00   33.43 ? 180 HOH A O   1 
HETATM 1235 O  O   . HOH E 4 .   ? 9.133   13.611  -0.382  1.00   24.04 ? 181 HOH A O   1 
HETATM 1236 O  O   . HOH E 4 .   ? 13.071  -6.171  0.215   1.00   19.61 ? 182 HOH A O   1 
HETATM 1237 O  O   . HOH E 4 .   ? -2.960  6.432   4.789   1.00   40.88 ? 183 HOH A O   1 
HETATM 1238 O  O   . HOH E 4 .   ? 8.057   -5.098  -6.517  1.00   26.45 ? 184 HOH A O   1 
HETATM 1239 O  O   . HOH E 4 .   ? 2.995   -14.069 -2.559  1.00   24.39 ? 185 HOH A O   1 
HETATM 1240 O  O   . HOH E 4 .   ? 12.396  11.191  11.181  1.00   46.05 ? 186 HOH A O   1 
HETATM 1241 O  O   . HOH E 4 .   ? 11.831  13.585  0.011   1.00   40.28 ? 187 HOH A O   1 
HETATM 1242 O  O   . HOH E 4 .   ? -6.251  -10.506 -8.213  1.00   19.73 ? 188 HOH A O   1 
HETATM 1243 O  O   . HOH E 4 .   ? 10.643  -11.497 6.160   1.00   34.41 ? 189 HOH A O   1 
HETATM 1244 O  O   . HOH E 4 .   ? 5.401   10.032  -8.599  1.00   19.54 ? 190 HOH A O   1 
HETATM 1245 O  O   . HOH E 4 .   ? 15.237  -6.256  1.604   1.00   26.16 ? 191 HOH A O   1 
HETATM 1246 O  O   . HOH E 4 .   ? 10.875  -9.909  -0.426  1.00   32.27 ? 192 HOH A O   1 
HETATM 1247 O  O   . HOH E 4 .   ? -9.049  -19.674 -4.483  1.00   20.75 ? 193 HOH A O   1 
HETATM 1248 O  O   . HOH E 4 .   ? 15.760  6.110   15.928  1.00   40.56 ? 194 HOH A O   1 
HETATM 1249 O  O   . HOH E 4 .   ? 6.695   5.746   15.143  1.00   33.56 ? 195 HOH A O   1 
HETATM 1250 O  O   . HOH E 4 .   ? 11.964  10.267  -10.124 1.00   30.25 ? 196 HOH A O   1 
HETATM 1251 O  O   . HOH E 4 .   ? -3.652  8.434   -18.269 1.00   29.68 ? 197 HOH A O   1 
HETATM 1252 O  O   . HOH E 4 .   ? -1.422  11.879  8.006   1.00   65.54 ? 198 HOH A O   1 
HETATM 1253 O  O   . HOH E 4 .   ? -3.521  13.067  -7.325  1.00   41.72 ? 199 HOH A O   1 
HETATM 1254 O  O   . HOH E 4 .   ? -14.460 -5.950  6.131   1.00   37.78 ? 200 HOH A O   1 
HETATM 1255 O  O   . HOH E 4 .   ? 5.454   12.290  -11.654 1.00   54.82 ? 201 HOH A O   1 
HETATM 1256 O  O   . HOH E 4 .   ? 18.293  7.270   5.236   1.00   28.61 ? 202 HOH A O   1 
HETATM 1257 O  O   . HOH E 4 .   ? 3.955   -7.726  -11.566 1.00   33.80 ? 203 HOH A O   1 
HETATM 1258 O  O   . HOH E 4 .   ? -0.741  -2.425  13.935  1.00   38.15 ? 204 HOH A O   1 
HETATM 1259 O  O   . HOH E 4 .   ? 3.364   -17.239 -0.431  1.00   28.44 ? 205 HOH A O   1 
HETATM 1260 O  O   . HOH E 4 .   ? -20.462 8.599   -12.988 1.00   39.44 ? 206 HOH A O   1 
HETATM 1261 O  O   . HOH E 4 .   ? 13.828  10.712  -5.154  1.00   29.84 ? 207 HOH A O   1 
HETATM 1262 O  O   . HOH E 4 .   ? 3.830   -16.990 -3.017  1.00   27.15 ? 208 HOH A O   1 
HETATM 1263 O  O   . HOH E 4 .   ? -7.785  9.985   -12.860 1.00   38.97 ? 209 HOH A O   1 
HETATM 1264 O  O   . HOH E 4 .   ? -7.475  -9.860  14.901  1.00   44.74 ? 210 HOH A O   1 
HETATM 1265 O  O   . HOH E 4 .   ? -6.336  8.040   -2.803  1.00   38.81 ? 211 HOH A O   1 
HETATM 1266 O  O   . HOH E 4 .   ? -6.036  7.622   -19.259 1.00   35.30 ? 212 HOH A O   1 
HETATM 1267 O  O   . HOH E 4 .   ? -7.697  2.609   6.088   1.00   43.06 ? 213 HOH A O   1 
HETATM 1268 O  O   . HOH E 4 .   ? 15.803  4.008   -11.894 1.00   28.64 ? 214 HOH A O   1 
HETATM 1269 O  O   . HOH E 4 .   ? 9.803   -11.335 9.047   1.00   40.44 ? 215 HOH A O   1 
HETATM 1270 O  O   . HOH E 4 .   ? 9.597   10.662  -13.483 1.00   47.11 ? 216 HOH A O   1 
HETATM 1271 O  O   . HOH E 4 .   ? 16.854  8.423   -13.209 1.00   43.49 ? 217 HOH A O   1 
HETATM 1272 O  O   . HOH E 4 .   ? -19.751 7.528   -9.437  1.00   36.76 ? 218 HOH A O   1 
HETATM 1273 O  O   . HOH E 4 .   ? 9.514   -10.479 -3.297  1.00   41.55 ? 219 HOH A O   1 
HETATM 1274 O  O   . HOH E 4 .   ? 5.769   -16.781 0.935   1.00   46.61 ? 220 HOH A O   1 
HETATM 1275 O  O   . HOH E 4 .   ? 14.117  -5.287  -2.428  1.00   50.61 ? 221 HOH A O   1 
HETATM 1276 O  O   . HOH E 4 .   ? 8.955   2.890   -19.565 1.00   44.39 ? 222 HOH A O   1 
HETATM 1277 O  O   . HOH E 4 .   ? 7.153   13.591  5.666   1.00   48.16 ? 223 HOH A O   1 
HETATM 1278 O  O   . HOH E 4 .   ? -14.742 -10.172 9.006   1.00   40.90 ? 224 HOH A O   1 
HETATM 1279 O  O   . HOH E 4 .   ? 1.364   -1.002  14.695  1.00   42.60 ? 225 HOH A O   1 
HETATM 1280 O  O   . HOH E 4 .   ? -15.225 -12.273 7.735   1.00   27.73 ? 226 HOH A O   1 
HETATM 1281 O  O   . HOH E 4 .   ? -4.005  -10.779 -10.030 1.00   38.90 ? 227 HOH A O   1 
HETATM 1282 O  O   . HOH E 4 .   ? 8.281   -13.503 9.207   1.00   50.97 ? 228 HOH A O   1 
HETATM 1283 O  O   . HOH E 4 .   ? -3.635  -12.339 13.414  1.00   38.40 ? 229 HOH A O   1 
HETATM 1284 O  O   . HOH E 4 .   ? 18.386  4.511   -12.522 1.00   33.54 ? 230 HOH A O   1 
HETATM 1285 O  O   . HOH E 4 .   ? 6.172   -13.878 0.409   1.00   40.37 ? 231 HOH A O   1 
HETATM 1286 O  O   . HOH E 4 .   ? -15.856 -8.116  7.985   1.00   43.84 ? 232 HOH A O   1 
HETATM 1287 O  O   . HOH E 4 .   ? 5.410   -1.354  17.128  1.00   45.44 ? 233 HOH A O   1 
HETATM 1288 O  O   . HOH E 4 .   ? -12.298 -2.386  -19.640 1.00   31.05 ? 234 HOH A O   1 
HETATM 1289 O  O   . HOH E 4 .   ? 8.241   -0.803  -8.322  1.00   31.74 ? 235 HOH A O   1 
HETATM 1290 O  O   . HOH E 4 .   ? 7.312   -5.347  -9.261  1.00   42.69 ? 236 HOH A O   1 
HETATM 1291 O  O   . HOH E 4 .   ? 9.202   -2.701  -9.949  1.00   46.75 ? 237 HOH A O   1 
HETATM 1292 O  O   . HOH E 4 .   ? 3.493   -2.259  14.821  1.00   26.51 ? 238 HOH A O   1 
HETATM 1293 O  O   . HOH E 4 .   ? -14.504 8.754   -14.422 1.00   43.42 ? 239 HOH A O   1 
HETATM 1294 O  O   . HOH E 4 .   ? -12.583 9.432   -15.751 1.00   47.96 ? 240 HOH A O   1 
HETATM 1295 O  O   . HOH E 4 .   ? 1.177   -16.309 12.780  1.00   31.92 ? 241 HOH A O   1 
HETATM 1296 O  O   . HOH E 4 .   ? -1.805  -14.111 14.733  1.00   38.17 ? 242 HOH A O   1 
HETATM 1297 O  O   . HOH E 4 .   ? -2.477  -9.391  13.759  1.00   43.63 ? 243 HOH A O   1 
HETATM 1298 O  O   . HOH E 4 .   ? -1.810  -6.261  13.345  1.00   42.45 ? 244 HOH A O   1 
HETATM 1299 O  O   . HOH E 4 .   ? -5.567  3.031   2.675   1.00   36.89 ? 245 HOH A O   1 
HETATM 1300 O  O   . HOH E 4 .   ? -0.885  15.813  -2.847  1.00   43.42 ? 246 HOH A O   1 
HETATM 1301 O  O   . HOH E 4 .   ? -5.919  -6.023  13.981  1.00   58.27 ? 247 HOH A O   1 
HETATM 1302 O  O   . HOH E 4 .   ? -8.597  -2.002  16.831  1.00   50.77 ? 248 HOH A O   1 
HETATM 1303 O  O   . HOH E 4 .   ? 8.706   3.307   -22.309 1.00   49.92 ? 249 HOH A O   1 
HETATM 1304 O  O   A HOH E 4 .   ? -7.049  -24.932 6.585   0.50   20.17 ? 250 HOH A O   1 
HETATM 1305 O  O   B HOH E 4 .   ? -6.244  -25.384 8.099   0.50   52.61 ? 250 HOH A O   1 
HETATM 1306 O  O   . HOH E 4 .   ? 2.373   -13.298 3.347   1.00   36.57 ? 251 HOH A O   1 
HETATM 1307 O  O   . HOH E 4 .   ? 3.608   -12.853 1.451   1.00   46.89 ? 252 HOH A O   1 
HETATM 1308 O  O   . HOH E 4 .   ? -6.994  -15.568 -7.950  1.00   37.15 ? 253 HOH A O   1 
HETATM 1309 O  O   . HOH E 4 .   ? 0.175   -5.071  14.970  1.00   53.61 ? 254 HOH A O   1 
HETATM 1310 O  O   . HOH E 4 .   ? 0.949   9.299   -16.514 1.00   46.71 ? 255 HOH A O   1 
HETATM 1311 O  O   . HOH E 4 .   ? 1.858   -20.050 6.854   1.00   44.95 ? 256 HOH A O   1 
HETATM 1312 O  O   . HOH E 4 .   ? 7.873   -3.679  -11.673 1.00   52.76 ? 257 HOH A O   1 
HETATM 1313 O  O   . HOH E 4 .   ? -3.424  -23.459 8.876   1.00   39.32 ? 258 HOH A O   1 
HETATM 1314 O  O   . HOH E 4 .   ? 12.439  11.333  -7.585  1.00   38.46 ? 259 HOH A O   1 
HETATM 1315 O  O   . HOH E 4 .   ? -8.992  9.394   -5.168  1.00   47.43 ? 260 HOH A O   1 
HETATM 1316 O  O   . HOH E 4 .   ? -3.345  4.569   7.679   1.00   49.28 ? 261 HOH A O   1 
HETATM 1317 O  O   . HOH E 4 .   ? -5.770  3.199   7.538   1.00   46.05 ? 262 HOH A O   1 
HETATM 1318 O  O   . HOH E 4 .   ? -10.292 10.213  -3.196  1.00   59.67 ? 263 HOH A O   1 
HETATM 1319 O  O   . HOH E 4 .   ? -12.890 10.846  -2.932  1.00   59.24 ? 264 HOH A O   1 
HETATM 1320 O  O   . HOH E 4 .   ? 8.199   4.156   -15.492 1.00   48.64 ? 265 HOH A O   1 
HETATM 1321 O  O   . HOH E 4 .   ? -2.258  -9.060  -11.348 1.00   43.80 ? 266 HOH A O   1 
HETATM 1322 O  O   . HOH E 4 .   ? 13.225  -9.071  -0.156  1.00   49.87 ? 267 HOH A O   1 
HETATM 1323 O  O   . HOH E 4 .   ? -16.232 -4.173  7.205   1.00   43.98 ? 268 HOH A O   1 
HETATM 1324 O  O   . HOH E 4 .   ? 13.371  11.164  8.689   1.00   41.34 ? 269 HOH A O   1 
HETATM 1325 O  O   . HOH E 4 .   ? -15.720 9.956   -12.261 1.00   54.28 ? 270 HOH A O   1 
HETATM 1326 O  O   . HOH E 4 .   ? -4.347  9.571   -13.191 1.00   49.94 ? 271 HOH A O   1 
HETATM 1327 O  O   . HOH E 4 .   ? 17.436  11.609  -8.804  1.00   50.33 ? 272 HOH A O   1 
HETATM 1328 O  O   . HOH E 4 .   ? 7.370   15.752  -0.688  1.00   52.26 ? 273 HOH A O   1 
HETATM 1329 O  O   . HOH E 4 .   ? 4.744   -14.058 3.998   1.00   62.29 ? 274 HOH A O   1 
HETATM 1330 O  O   . HOH E 4 .   ? -6.972  4.417   -20.303 1.00   28.55 ? 275 HOH A O   1 
HETATM 1331 O  O   . HOH E 4 .   ? 0.904   -20.811 9.991   1.00   57.71 ? 276 HOH A O   1 
HETATM 1332 O  O   . HOH E 4 .   ? -3.581  6.610   13.040  1.00   65.12 ? 277 HOH A O   1 
HETATM 1333 O  O   . HOH E 4 .   ? 0.794   7.250   -18.475 1.00   53.68 ? 278 HOH A O   1 
# 
